data_4CVS
# 
_entry.id   4CVS 
# 
_audit_conform.dict_name       mmcif_pdbx.dic 
_audit_conform.dict_version    5.383 
_audit_conform.dict_location   http://mmcif.pdb.org/dictionaries/ascii/mmcif_pdbx.dic 
# 
loop_
_database_2.database_id 
_database_2.database_code 
_database_2.pdbx_database_accession 
_database_2.pdbx_DOI 
PDB   4CVS         pdb_00004cvs 10.2210/pdb4cvs/pdb 
PDBE  EBI-60151    ?            ?                   
WWPDB D_1290060151 ?            ?                   
# 
loop_
_pdbx_database_related.db_name 
_pdbx_database_related.db_id 
_pdbx_database_related.content_type 
_pdbx_database_related.details 
PDB 4CVP unspecified 'STRUCTURE OF APOBACTERIOFERRITIN'              
PDB 4CVR unspecified 'STRUCTURE OF APOBACTERIOFERRITIN Y25F VARIANT' 
PDB 4CVT unspecified 'STRUCTURE OF APOBACTERIOFERRITIN Y58F VARIANT' 
# 
_pdbx_database_status.status_code                     REL 
_pdbx_database_status.entry_id                        4CVS 
_pdbx_database_status.deposit_site                    PDBE 
_pdbx_database_status.process_site                    PDBE 
_pdbx_database_status.SG_entry                        . 
_pdbx_database_status.recvd_initial_deposition_date   2014-03-29 
_pdbx_database_status.pdb_format_compatible           Y 
_pdbx_database_status.status_code_sf                  REL 
_pdbx_database_status.status_code_mr                  ? 
_pdbx_database_status.status_code_cs                  ? 
_pdbx_database_status.methods_development_category    ? 
_pdbx_database_status.status_code_nmr_data            ? 
# 
loop_
_audit_author.name 
_audit_author.pdbx_ordinal 
'Hingorani, K.'  1 
'Pace, R.'       2 
'Whitney, S.'    3 
'Murray, J.W.'   4 
'Wydrzynski, T.' 5 
'Cheah, M.H.'    6 
'Smith, P.'      7 
'Hillier, W.'    8 
# 
_citation.id                        primary 
_citation.title                     
;Photo-Oxidation of Tyrosine in a Bio-Engineered Bacterioferritin 'Reaction Centre'-A Protein Model for Artificial Photosynthesis.
;
_citation.journal_abbrev            Biochim.Biophys.Acta 
_citation.journal_volume            1837 
_citation.page_first                1821 
_citation.page_last                 ? 
_citation.year                      2014 
_citation.journal_id_ASTM           BBACAQ 
_citation.country                   NE 
_citation.journal_id_ISSN           0006-3002 
_citation.journal_id_CSD            0113 
_citation.book_publisher            ? 
_citation.pdbx_database_id_PubMed   25107631 
_citation.pdbx_database_id_DOI      10.1016/J.BBABIO.2014.07.019 
# 
loop_
_citation_author.citation_id 
_citation_author.name 
_citation_author.ordinal 
_citation_author.identifier_ORCID 
primary 'Hingorani, K.'  1 ? 
primary 'Pace, R.'       2 ? 
primary 'Whitney, S.'    3 ? 
primary 'Murray, J.W.'   4 ? 
primary 'Smith, P.'      5 ? 
primary 'Cheah, M.H.'    6 ? 
primary 'Wydrzynski, T.' 7 ? 
primary 'Hillier, W.'    8 ? 
# 
_cell.entry_id           4CVS 
_cell.length_a           103.490 
_cell.length_b           27.840 
_cell.length_c           56.760 
_cell.angle_alpha        90.00 
_cell.angle_beta         119.18 
_cell.angle_gamma        90.00 
_cell.Z_PDB              4 
_cell.pdbx_unique_axis   ? 
# 
_symmetry.entry_id                         4CVS 
_symmetry.space_group_name_H-M             'C 1 2 1' 
_symmetry.pdbx_full_space_group_name_H-M   ? 
_symmetry.cell_setting                     ? 
_symmetry.Int_Tables_number                5 
# 
loop_
_entity.id 
_entity.type 
_entity.src_method 
_entity.pdbx_description 
_entity.formula_weight 
_entity.pdbx_number_of_molecules 
_entity.pdbx_ec 
_entity.pdbx_mutation 
_entity.pdbx_fragment 
_entity.details 
1 polymer     man BACTERIOFERRITIN 18611.188 1   1.16.3.1 YES ? ? 
2 non-polymer syn 'CADMIUM ION'    112.411   3   ?        ?   ? ? 
3 water       nat water            18.015    145 ?        ?   ? ? 
# 
_entity_name_com.entity_id   1 
_entity_name_com.name        'BFR, CYTOCHROME B-1, CYTOCHROME B-557, FERRITIN' 
# 
_entity_poly.entity_id                      1 
_entity_poly.type                           'polypeptide(L)' 
_entity_poly.nstd_linkage                   no 
_entity_poly.nstd_monomer                   no 
_entity_poly.pdbx_seq_one_letter_code       
;AMKGDTKVINYLNKLLGNELVAINQYFLHARMFKNWGLKRLNDVEFRESIDEMKHADRYIERILFLEGLPNLQDLGKLNI
GEDVEEMLRSDLALELDGAKNLREAIGYADSVRDYVSRDMMIEILRDEEGHIDWLETELDLIQKMGLQNYLQAQIREEG
;
_entity_poly.pdbx_seq_one_letter_code_can   
;AMKGDTKVINYLNKLLGNELVAINQYFLHARMFKNWGLKRLNDVEFRESIDEMKHADRYIERILFLEGLPNLQDLGKLNI
GEDVEEMLRSDLALELDGAKNLREAIGYADSVRDYVSRDMMIEILRDEEGHIDWLETELDLIQKMGLQNYLQAQIREEG
;
_entity_poly.pdbx_strand_id                 A 
_entity_poly.pdbx_target_identifier         ? 
# 
loop_
_entity_poly_seq.entity_id 
_entity_poly_seq.num 
_entity_poly_seq.mon_id 
_entity_poly_seq.hetero 
1 1   ALA n 
1 2   MET n 
1 3   LYS n 
1 4   GLY n 
1 5   ASP n 
1 6   THR n 
1 7   LYS n 
1 8   VAL n 
1 9   ILE n 
1 10  ASN n 
1 11  TYR n 
1 12  LEU n 
1 13  ASN n 
1 14  LYS n 
1 15  LEU n 
1 16  LEU n 
1 17  GLY n 
1 18  ASN n 
1 19  GLU n 
1 20  LEU n 
1 21  VAL n 
1 22  ALA n 
1 23  ILE n 
1 24  ASN n 
1 25  GLN n 
1 26  TYR n 
1 27  PHE n 
1 28  LEU n 
1 29  HIS n 
1 30  ALA n 
1 31  ARG n 
1 32  MET n 
1 33  PHE n 
1 34  LYS n 
1 35  ASN n 
1 36  TRP n 
1 37  GLY n 
1 38  LEU n 
1 39  LYS n 
1 40  ARG n 
1 41  LEU n 
1 42  ASN n 
1 43  ASP n 
1 44  VAL n 
1 45  GLU n 
1 46  PHE n 
1 47  ARG n 
1 48  GLU n 
1 49  SER n 
1 50  ILE n 
1 51  ASP n 
1 52  GLU n 
1 53  MET n 
1 54  LYS n 
1 55  HIS n 
1 56  ALA n 
1 57  ASP n 
1 58  ARG n 
1 59  TYR n 
1 60  ILE n 
1 61  GLU n 
1 62  ARG n 
1 63  ILE n 
1 64  LEU n 
1 65  PHE n 
1 66  LEU n 
1 67  GLU n 
1 68  GLY n 
1 69  LEU n 
1 70  PRO n 
1 71  ASN n 
1 72  LEU n 
1 73  GLN n 
1 74  ASP n 
1 75  LEU n 
1 76  GLY n 
1 77  LYS n 
1 78  LEU n 
1 79  ASN n 
1 80  ILE n 
1 81  GLY n 
1 82  GLU n 
1 83  ASP n 
1 84  VAL n 
1 85  GLU n 
1 86  GLU n 
1 87  MET n 
1 88  LEU n 
1 89  ARG n 
1 90  SER n 
1 91  ASP n 
1 92  LEU n 
1 93  ALA n 
1 94  LEU n 
1 95  GLU n 
1 96  LEU n 
1 97  ASP n 
1 98  GLY n 
1 99  ALA n 
1 100 LYS n 
1 101 ASN n 
1 102 LEU n 
1 103 ARG n 
1 104 GLU n 
1 105 ALA n 
1 106 ILE n 
1 107 GLY n 
1 108 TYR n 
1 109 ALA n 
1 110 ASP n 
1 111 SER n 
1 112 VAL n 
1 113 ARG n 
1 114 ASP n 
1 115 TYR n 
1 116 VAL n 
1 117 SER n 
1 118 ARG n 
1 119 ASP n 
1 120 MET n 
1 121 MET n 
1 122 ILE n 
1 123 GLU n 
1 124 ILE n 
1 125 LEU n 
1 126 ARG n 
1 127 ASP n 
1 128 GLU n 
1 129 GLU n 
1 130 GLY n 
1 131 HIS n 
1 132 ILE n 
1 133 ASP n 
1 134 TRP n 
1 135 LEU n 
1 136 GLU n 
1 137 THR n 
1 138 GLU n 
1 139 LEU n 
1 140 ASP n 
1 141 LEU n 
1 142 ILE n 
1 143 GLN n 
1 144 LYS n 
1 145 MET n 
1 146 GLY n 
1 147 LEU n 
1 148 GLN n 
1 149 ASN n 
1 150 TYR n 
1 151 LEU n 
1 152 GLN n 
1 153 ALA n 
1 154 GLN n 
1 155 ILE n 
1 156 ARG n 
1 157 GLU n 
1 158 GLU n 
1 159 GLY n 
# 
_entity_src_gen.entity_id                          1 
_entity_src_gen.pdbx_src_id                        1 
_entity_src_gen.pdbx_alt_source_flag               sample 
_entity_src_gen.pdbx_seq_type                      ? 
_entity_src_gen.pdbx_beg_seq_num                   ? 
_entity_src_gen.pdbx_end_seq_num                   ? 
_entity_src_gen.gene_src_common_name               ? 
_entity_src_gen.gene_src_genus                     ? 
_entity_src_gen.pdbx_gene_src_gene                 ? 
_entity_src_gen.gene_src_species                   ? 
_entity_src_gen.gene_src_strain                    ? 
_entity_src_gen.gene_src_tissue                    ? 
_entity_src_gen.gene_src_tissue_fraction           ? 
_entity_src_gen.gene_src_details                   ? 
_entity_src_gen.pdbx_gene_src_fragment             ? 
_entity_src_gen.pdbx_gene_src_scientific_name      'ESCHERICHIA COLI' 
_entity_src_gen.pdbx_gene_src_ncbi_taxonomy_id     562 
_entity_src_gen.pdbx_gene_src_variant              ? 
_entity_src_gen.pdbx_gene_src_cell_line            ? 
_entity_src_gen.pdbx_gene_src_atcc                 ? 
_entity_src_gen.pdbx_gene_src_organ                ? 
_entity_src_gen.pdbx_gene_src_organelle            ? 
_entity_src_gen.pdbx_gene_src_cell                 ? 
_entity_src_gen.pdbx_gene_src_cellular_location    ? 
_entity_src_gen.host_org_common_name               ? 
_entity_src_gen.pdbx_host_org_scientific_name      'ESCHERICHIA COLI' 
_entity_src_gen.pdbx_host_org_ncbi_taxonomy_id     562 
_entity_src_gen.host_org_genus                     ? 
_entity_src_gen.pdbx_host_org_gene                 ? 
_entity_src_gen.pdbx_host_org_organ                ? 
_entity_src_gen.host_org_species                   ? 
_entity_src_gen.pdbx_host_org_tissue               ? 
_entity_src_gen.pdbx_host_org_tissue_fraction      ? 
_entity_src_gen.pdbx_host_org_strain               ? 
_entity_src_gen.pdbx_host_org_variant              ? 
_entity_src_gen.pdbx_host_org_cell_line            ? 
_entity_src_gen.pdbx_host_org_atcc                 ? 
_entity_src_gen.pdbx_host_org_culture_collection   ? 
_entity_src_gen.pdbx_host_org_cell                 ? 
_entity_src_gen.pdbx_host_org_organelle            ? 
_entity_src_gen.pdbx_host_org_cellular_location    ? 
_entity_src_gen.pdbx_host_org_vector_type          ? 
_entity_src_gen.pdbx_host_org_vector               ? 
_entity_src_gen.host_org_details                   ? 
_entity_src_gen.expression_system_id               ? 
_entity_src_gen.plasmid_name                       ? 
_entity_src_gen.plasmid_details                    ? 
_entity_src_gen.pdbx_description                   ? 
# 
_struct_ref.id                         1 
_struct_ref.db_name                    UNP 
_struct_ref.db_code                    BFR_ECOLI 
_struct_ref.entity_id                  1 
_struct_ref.pdbx_seq_one_letter_code   ? 
_struct_ref.pdbx_align_begin           ? 
_struct_ref.pdbx_db_accession          P0ABD3 
_struct_ref.pdbx_db_isoform            ? 
# 
_struct_ref_seq.align_id                      1 
_struct_ref_seq.ref_id                        1 
_struct_ref_seq.pdbx_PDB_id_code              4CVS 
_struct_ref_seq.pdbx_strand_id                A 
_struct_ref_seq.seq_align_beg                 2 
_struct_ref_seq.pdbx_seq_align_beg_ins_code   ? 
_struct_ref_seq.seq_align_end                 159 
_struct_ref_seq.pdbx_seq_align_end_ins_code   ? 
_struct_ref_seq.pdbx_db_accession             P0ABD3 
_struct_ref_seq.db_align_beg                  1 
_struct_ref_seq.pdbx_db_align_beg_ins_code    ? 
_struct_ref_seq.db_align_end                  158 
_struct_ref_seq.pdbx_db_align_end_ins_code    ? 
_struct_ref_seq.pdbx_auth_seq_align_beg       1 
_struct_ref_seq.pdbx_auth_seq_align_end       158 
# 
loop_
_struct_ref_seq_dif.align_id 
_struct_ref_seq_dif.pdbx_pdb_id_code 
_struct_ref_seq_dif.mon_id 
_struct_ref_seq_dif.pdbx_pdb_strand_id 
_struct_ref_seq_dif.seq_num 
_struct_ref_seq_dif.pdbx_pdb_ins_code 
_struct_ref_seq_dif.pdbx_seq_db_name 
_struct_ref_seq_dif.pdbx_seq_db_accession_code 
_struct_ref_seq_dif.db_mon_id 
_struct_ref_seq_dif.pdbx_seq_db_seq_num 
_struct_ref_seq_dif.details 
_struct_ref_seq_dif.pdbx_auth_seq_num 
_struct_ref_seq_dif.pdbx_ordinal 
1 4CVS ALA A 1   ? UNP P0ABD3 ?   ?   'cloning artifact'    0   1 
1 4CVS PHE A 46  ? UNP P0ABD3 TYR 45  'engineered mutation' 45  2 
1 4CVS ARG A 47  ? UNP P0ABD3 HIS 46  'engineered mutation' 46  3 
1 4CVS ARG A 113 ? UNP P0ABD3 HIS 112 'engineered mutation' 112 4 
# 
loop_
_chem_comp.id 
_chem_comp.type 
_chem_comp.mon_nstd_flag 
_chem_comp.name 
_chem_comp.pdbx_synonyms 
_chem_comp.formula 
_chem_comp.formula_weight 
ALA 'L-peptide linking' y ALANINE         ? 'C3 H7 N O2'     89.093  
ARG 'L-peptide linking' y ARGININE        ? 'C6 H15 N4 O2 1' 175.209 
ASN 'L-peptide linking' y ASPARAGINE      ? 'C4 H8 N2 O3'    132.118 
ASP 'L-peptide linking' y 'ASPARTIC ACID' ? 'C4 H7 N O4'     133.103 
CD  non-polymer         . 'CADMIUM ION'   ? 'Cd 2'           112.411 
GLN 'L-peptide linking' y GLUTAMINE       ? 'C5 H10 N2 O3'   146.144 
GLU 'L-peptide linking' y 'GLUTAMIC ACID' ? 'C5 H9 N O4'     147.129 
GLY 'peptide linking'   y GLYCINE         ? 'C2 H5 N O2'     75.067  
HIS 'L-peptide linking' y HISTIDINE       ? 'C6 H10 N3 O2 1' 156.162 
HOH non-polymer         . WATER           ? 'H2 O'           18.015  
ILE 'L-peptide linking' y ISOLEUCINE      ? 'C6 H13 N O2'    131.173 
LEU 'L-peptide linking' y LEUCINE         ? 'C6 H13 N O2'    131.173 
LYS 'L-peptide linking' y LYSINE          ? 'C6 H15 N2 O2 1' 147.195 
MET 'L-peptide linking' y METHIONINE      ? 'C5 H11 N O2 S'  149.211 
PHE 'L-peptide linking' y PHENYLALANINE   ? 'C9 H11 N O2'    165.189 
PRO 'L-peptide linking' y PROLINE         ? 'C5 H9 N O2'     115.130 
SER 'L-peptide linking' y SERINE          ? 'C3 H7 N O3'     105.093 
THR 'L-peptide linking' y THREONINE       ? 'C4 H9 N O3'     119.119 
TRP 'L-peptide linking' y TRYPTOPHAN      ? 'C11 H12 N2 O2'  204.225 
TYR 'L-peptide linking' y TYROSINE        ? 'C9 H11 N O3'    181.189 
VAL 'L-peptide linking' y VALINE          ? 'C5 H11 N O2'    117.146 
# 
_exptl.entry_id          4CVS 
_exptl.method            'X-RAY DIFFRACTION' 
_exptl.crystals_number   1 
# 
_exptl_crystal.id                    1 
_exptl_crystal.density_meas          ? 
_exptl_crystal.density_Matthews      1.92 
_exptl_crystal.density_percent_sol   35.87 
_exptl_crystal.description           NONE 
# 
_diffrn.id                     1 
_diffrn.ambient_temp           100 
_diffrn.ambient_temp_details   ? 
_diffrn.crystal_id             1 
# 
_diffrn_detector.diffrn_id              1 
_diffrn_detector.detector               CCD 
_diffrn_detector.type                   'ADSC CCD' 
_diffrn_detector.pdbx_collection_date   2011-11-05 
_diffrn_detector.details                ? 
# 
_diffrn_radiation.diffrn_id                        1 
_diffrn_radiation.wavelength_id                    1 
_diffrn_radiation.pdbx_monochromatic_or_laue_m_l   M 
_diffrn_radiation.monochromator                    ? 
_diffrn_radiation.pdbx_diffrn_protocol             'SINGLE WAVELENGTH' 
_diffrn_radiation.pdbx_scattering_type             x-ray 
# 
_diffrn_radiation_wavelength.id           1 
_diffrn_radiation_wavelength.wavelength   1.00770 
_diffrn_radiation_wavelength.wt           1.0 
# 
_diffrn_source.diffrn_id                   1 
_diffrn_source.source                      SYNCHROTRON 
_diffrn_source.type                        'DIAMOND BEAMLINE I04' 
_diffrn_source.pdbx_synchrotron_site       Diamond 
_diffrn_source.pdbx_synchrotron_beamline   I04 
_diffrn_source.pdbx_wavelength             1.00770 
_diffrn_source.pdbx_wavelength_list        ? 
# 
_reflns.pdbx_diffrn_id               1 
_reflns.pdbx_ordinal                 1 
_reflns.entry_id                     4CVS 
_reflns.observed_criterion_sigma_I   0.0 
_reflns.observed_criterion_sigma_F   ? 
_reflns.d_resolution_low             49.56 
_reflns.d_resolution_high            1.39 
_reflns.number_obs                   26385 
_reflns.number_all                   ? 
_reflns.percent_possible_obs         92.0 
_reflns.pdbx_Rmerge_I_obs            0.07 
_reflns.pdbx_Rsym_value              ? 
_reflns.pdbx_netI_over_sigmaI        8.32 
_reflns.B_iso_Wilson_estimate        ? 
_reflns.pdbx_redundancy              2.63 
# 
_reflns_shell.pdbx_diffrn_id         1 
_reflns_shell.pdbx_ordinal           1 
_reflns_shell.d_res_high             1.39 
_reflns_shell.d_res_low              1.40 
_reflns_shell.percent_possible_all   74.5 
_reflns_shell.Rmerge_I_obs           0.31 
_reflns_shell.pdbx_Rsym_value        ? 
_reflns_shell.meanI_over_sigI_obs    2.02 
_reflns_shell.pdbx_redundancy        1.79 
# 
_refine.pdbx_refine_id                           'X-RAY DIFFRACTION' 
_refine.entry_id                                 4CVS 
_refine.pdbx_diffrn_id                           1 
_refine.pdbx_TLS_residual_ADP_flag               ? 
_refine.ls_number_reflns_obs                     26384 
_refine.ls_number_reflns_all                     ? 
_refine.pdbx_ls_sigma_I                          ? 
_refine.pdbx_ls_sigma_F                          0 
_refine.pdbx_data_cutoff_high_absF               ? 
_refine.pdbx_data_cutoff_low_absF                ? 
_refine.pdbx_data_cutoff_high_rms_absF           ? 
_refine.ls_d_res_low                             49.557 
_refine.ls_d_res_high                            1.392 
_refine.ls_percent_reflns_obs                    91.707 
_refine.ls_R_factor_obs                          0.204 
_refine.ls_R_factor_all                          ? 
_refine.ls_R_factor_R_work                       0.2030 
_refine.ls_R_factor_R_free                       0.2249 
_refine.ls_R_factor_R_free_error                 ? 
_refine.ls_R_factor_R_free_error_details         ? 
_refine.ls_percent_reflns_R_free                 5.17 
_refine.ls_number_reflns_R_free                  1337 
_refine.ls_number_parameters                     ? 
_refine.ls_number_restraints                     ? 
_refine.occupancy_min                            ? 
_refine.occupancy_max                            ? 
_refine.correlation_coeff_Fo_to_Fc               0.929 
_refine.correlation_coeff_Fo_to_Fc_free          0.915 
_refine.B_iso_mean                               16.712 
_refine.aniso_B[1][1]                            -0.546 
_refine.aniso_B[2][2]                            2.394 
_refine.aniso_B[3][3]                            -0.864 
_refine.aniso_B[1][2]                            0.000 
_refine.aniso_B[1][3]                            -0.398 
_refine.aniso_B[2][3]                            0.000 
_refine.solvent_model_details                    'MASK BULK SOLVENT' 
_refine.solvent_model_param_ksol                 ? 
_refine.solvent_model_param_bsol                 ? 
_refine.pdbx_solvent_vdw_probe_radii             1.200 
_refine.pdbx_solvent_ion_probe_radii             0.800 
_refine.pdbx_solvent_shrinkage_radii             ? 
_refine.pdbx_ls_cross_valid_method               THROUGHOUT 
_refine.details                                  'HYDROGENS HAVE BEEN ADDED IN THE RIDING POSITIONS.' 
_refine.pdbx_starting_model                      'PDB ENTRY 2VXI' 
_refine.pdbx_method_to_determine_struct          'MOLECULAR REPLACEMENT' 
_refine.pdbx_isotropic_thermal_model             ? 
_refine.pdbx_stereochemistry_target_values       'MAXIMUM LIKELIHOOD' 
_refine.pdbx_stereochem_target_val_spec_case     ? 
_refine.pdbx_R_Free_selection_details            ? 
_refine.pdbx_overall_ESU_R                       0.081 
_refine.pdbx_overall_ESU_R_Free                  0.079 
_refine.overall_SU_ML                            0.057 
_refine.pdbx_overall_phase_error                 ? 
_refine.overall_SU_B                             1.432 
_refine.overall_SU_R_Cruickshank_DPI             ? 
_refine.pdbx_overall_SU_R_free_Cruickshank_DPI   ? 
_refine.pdbx_overall_SU_R_Blow_DPI               ? 
_refine.pdbx_overall_SU_R_free_Blow_DPI          ? 
# 
_refine_hist.pdbx_refine_id                   'X-RAY DIFFRACTION' 
_refine_hist.cycle_id                         LAST 
_refine_hist.pdbx_number_atoms_protein        1291 
_refine_hist.pdbx_number_atoms_nucleic_acid   0 
_refine_hist.pdbx_number_atoms_ligand         3 
_refine_hist.number_atoms_solvent             145 
_refine_hist.number_atoms_total               1439 
_refine_hist.d_res_high                       1.392 
_refine_hist.d_res_low                        49.557 
# 
loop_
_refine_ls_restr.type 
_refine_ls_restr.dev_ideal 
_refine_ls_restr.dev_ideal_target 
_refine_ls_restr.weight 
_refine_ls_restr.number 
_refine_ls_restr.pdbx_refine_id 
_refine_ls_restr.pdbx_restraint_function 
r_bond_refined_d             0.019  0.019  ? 1312 'X-RAY DIFFRACTION' ? 
r_bond_other_d               0.001  0.020  ? 1282 'X-RAY DIFFRACTION' ? 
r_angle_refined_deg          1.892  1.977  ? 1763 'X-RAY DIFFRACTION' ? 
r_angle_other_deg            0.843  3.000  ? 2941 'X-RAY DIFFRACTION' ? 
r_dihedral_angle_1_deg       5.813  5.000  ? 158  'X-RAY DIFFRACTION' ? 
r_dihedral_angle_2_deg       37.056 24.932 ? 73   'X-RAY DIFFRACTION' ? 
r_dihedral_angle_3_deg       14.839 15.000 ? 260  'X-RAY DIFFRACTION' ? 
r_dihedral_angle_4_deg       23.449 15.000 ? 11   'X-RAY DIFFRACTION' ? 
r_chiral_restr               0.108  0.200  ? 192  'X-RAY DIFFRACTION' ? 
r_gen_planes_refined         0.010  0.020  ? 1489 'X-RAY DIFFRACTION' ? 
r_gen_planes_other           0.001  0.020  ? 300  'X-RAY DIFFRACTION' ? 
r_nbd_refined                0.253  0.200  ? 497  'X-RAY DIFFRACTION' ? 
r_nbd_other                  0.190  0.200  ? 50   'X-RAY DIFFRACTION' ? 
r_nbtor_refined              0.191  0.200  ? 661  'X-RAY DIFFRACTION' ? 
r_nbtor_other                ?      ?      ? ?    'X-RAY DIFFRACTION' ? 
r_xyhbond_nbd_refined        0.157  0.200  ? 25   'X-RAY DIFFRACTION' ? 
r_xyhbond_nbd_other          0.054  0.200  ? 1    'X-RAY DIFFRACTION' ? 
r_metal_ion_refined          0.081  0.200  ? 3    'X-RAY DIFFRACTION' ? 
r_metal_ion_other            ?      ?      ? ?    'X-RAY DIFFRACTION' ? 
r_symmetry_vdw_refined       ?      ?      ? ?    'X-RAY DIFFRACTION' ? 
r_symmetry_vdw_other         ?      ?      ? ?    'X-RAY DIFFRACTION' ? 
r_symmetry_hbond_refined     ?      ?      ? ?    'X-RAY DIFFRACTION' ? 
r_symmetry_hbond_other       ?      ?      ? ?    'X-RAY DIFFRACTION' ? 
r_symmetry_metal_ion_refined 0.059  0.200  ? 1    'X-RAY DIFFRACTION' ? 
r_symmetry_metal_ion_other   ?      ?      ? ?    'X-RAY DIFFRACTION' ? 
r_mcbond_it                  1.560  1.414  ? 629  'X-RAY DIFFRACTION' ? 
r_mcbond_other               1.548  1.409  ? 628  'X-RAY DIFFRACTION' ? 
r_mcangle_it                 2.420  2.113  ? 785  'X-RAY DIFFRACTION' ? 
r_mcangle_other              ?      ?      ? ?    'X-RAY DIFFRACTION' ? 
r_scbond_it                  2.395  1.706  ? 683  'X-RAY DIFFRACTION' ? 
r_scbond_other               ?      ?      ? ?    'X-RAY DIFFRACTION' ? 
r_scangle_it                 3.719  2.436  ? 977  'X-RAY DIFFRACTION' ? 
r_scangle_other              ?      ?      ? ?    'X-RAY DIFFRACTION' ? 
r_long_range_B_refined       ?      ?      ? ?    'X-RAY DIFFRACTION' ? 
r_long_range_B_other         ?      ?      ? ?    'X-RAY DIFFRACTION' ? 
r_rigid_bond_restr           ?      ?      ? ?    'X-RAY DIFFRACTION' ? 
r_sphericity_free            ?      ?      ? ?    'X-RAY DIFFRACTION' ? 
r_sphericity_bonded          ?      ?      ? ?    'X-RAY DIFFRACTION' ? 
# 
_refine_ls_shell.pdbx_refine_id                   'X-RAY DIFFRACTION' 
_refine_ls_shell.pdbx_total_number_of_bins_used   20 
_refine_ls_shell.d_res_high                       1.392 
_refine_ls_shell.d_res_low                        1.428 
_refine_ls_shell.number_reflns_R_work             1437 
_refine_ls_shell.R_factor_R_work                  0.254 
_refine_ls_shell.percent_reflns_obs               73.7 
_refine_ls_shell.R_factor_R_free                  0.314 
_refine_ls_shell.R_factor_R_free_error            ? 
_refine_ls_shell.percent_reflns_R_free            ? 
_refine_ls_shell.number_reflns_R_free             79 
_refine_ls_shell.number_reflns_all                ? 
_refine_ls_shell.R_factor_all                     ? 
# 
_struct.entry_id                  4CVS 
_struct.title                     'Structure of Apobacterioferritin Y45F variant' 
_struct.pdbx_model_details        ? 
_struct.pdbx_CASP_flag            ? 
_struct.pdbx_model_type_details   ? 
# 
_struct_keywords.entry_id        4CVS 
_struct_keywords.pdbx_keywords   OXIDOREDUCTASE 
_struct_keywords.text            'OXIDOREDUCTASE, FERRITIN, ELECTRON TRANSFER' 
# 
loop_
_struct_asym.id 
_struct_asym.pdbx_blank_PDB_chainid_flag 
_struct_asym.pdbx_modified 
_struct_asym.entity_id 
_struct_asym.details 
A N N 1 ? 
B N N 2 ? 
C N N 2 ? 
D N N 2 ? 
E N N 3 ? 
# 
_struct_biol.id   1 
# 
loop_
_struct_conf.conf_type_id 
_struct_conf.id 
_struct_conf.pdbx_PDB_helix_id 
_struct_conf.beg_label_comp_id 
_struct_conf.beg_label_asym_id 
_struct_conf.beg_label_seq_id 
_struct_conf.pdbx_beg_PDB_ins_code 
_struct_conf.end_label_comp_id 
_struct_conf.end_label_asym_id 
_struct_conf.end_label_seq_id 
_struct_conf.pdbx_end_PDB_ins_code 
_struct_conf.beg_auth_comp_id 
_struct_conf.beg_auth_asym_id 
_struct_conf.beg_auth_seq_id 
_struct_conf.end_auth_comp_id 
_struct_conf.end_auth_asym_id 
_struct_conf.end_auth_seq_id 
_struct_conf.pdbx_PDB_helix_class 
_struct_conf.details 
_struct_conf.pdbx_PDB_helix_length 
HELX_P HELX_P1 1 ASP A 5   ? TRP A 36  ? ASP A 4   TRP A 35  1 ? 32 
HELX_P HELX_P2 2 LEU A 38  ? LEU A 66  ? LEU A 37  LEU A 65  1 ? 29 
HELX_P HELX_P3 3 ASP A 83  ? VAL A 112 ? ASP A 82  VAL A 111 1 ? 30 
HELX_P HELX_P4 4 ASP A 114 ? GLY A 146 ? ASP A 113 GLY A 145 1 ? 33 
HELX_P HELX_P5 5 GLY A 146 ? ALA A 153 ? GLY A 145 ALA A 152 1 ? 8  
# 
_struct_conf_type.id          HELX_P 
_struct_conf_type.criteria    ? 
_struct_conf_type.reference   ? 
# 
loop_
_struct_conn.id 
_struct_conn.conn_type_id 
_struct_conn.pdbx_leaving_atom_flag 
_struct_conn.pdbx_PDB_id 
_struct_conn.ptnr1_label_asym_id 
_struct_conn.ptnr1_label_comp_id 
_struct_conn.ptnr1_label_seq_id 
_struct_conn.ptnr1_label_atom_id 
_struct_conn.pdbx_ptnr1_label_alt_id 
_struct_conn.pdbx_ptnr1_PDB_ins_code 
_struct_conn.pdbx_ptnr1_standard_comp_id 
_struct_conn.ptnr1_symmetry 
_struct_conn.ptnr2_label_asym_id 
_struct_conn.ptnr2_label_comp_id 
_struct_conn.ptnr2_label_seq_id 
_struct_conn.ptnr2_label_atom_id 
_struct_conn.pdbx_ptnr2_label_alt_id 
_struct_conn.pdbx_ptnr2_PDB_ins_code 
_struct_conn.ptnr1_auth_asym_id 
_struct_conn.ptnr1_auth_comp_id 
_struct_conn.ptnr1_auth_seq_id 
_struct_conn.ptnr2_auth_asym_id 
_struct_conn.ptnr2_auth_comp_id 
_struct_conn.ptnr2_auth_seq_id 
_struct_conn.ptnr2_symmetry 
_struct_conn.pdbx_ptnr3_label_atom_id 
_struct_conn.pdbx_ptnr3_label_seq_id 
_struct_conn.pdbx_ptnr3_label_comp_id 
_struct_conn.pdbx_ptnr3_label_asym_id 
_struct_conn.pdbx_ptnr3_label_alt_id 
_struct_conn.pdbx_ptnr3_PDB_ins_code 
_struct_conn.details 
_struct_conn.pdbx_dist_value 
_struct_conn.pdbx_value_order 
_struct_conn.pdbx_role 
metalc1  metalc ? ? A GLU 19  OE2 ? ? ? 1_555 D CD  . CD ? ? A GLU 18   A CD  1159 1_555 ? ? ? ? ? ? ? 2.379 ? ? 
metalc2  metalc ? ? A GLU 19  OE1 ? ? ? 1_555 D CD  . CD ? ? A GLU 18   A CD  1159 1_555 ? ? ? ? ? ? ? 2.282 ? ? 
metalc3  metalc ? ? A GLU 52  OE1 ? ? ? 1_555 C CD  . CD ? ? A GLU 51   A CD  1158 1_555 ? ? ? ? ? ? ? 2.909 ? ? 
metalc4  metalc ? ? A GLU 52  OE2 ? ? ? 1_555 C CD  . CD ? ? A GLU 51   A CD  1158 1_555 ? ? ? ? ? ? ? 2.113 ? ? 
metalc5  metalc ? ? A GLU 52  OE1 ? ? ? 1_555 D CD  . CD ? ? A GLU 51   A CD  1159 1_555 ? ? ? ? ? ? ? 2.356 ? ? 
metalc6  metalc ? ? A HIS 55  ND1 ? ? ? 1_555 D CD  . CD ? ? A HIS 54   A CD  1159 1_555 ? ? ? ? ? ? ? 2.362 ? ? 
metalc7  metalc ? ? A GLU 85  OE2 ? ? ? 1_555 B CD  . CD ? ? A GLU 84   A CD  1157 1_555 ? ? ? ? ? ? ? 2.091 ? ? 
metalc8  metalc ? ? A GLU 95  OE2 ? ? ? 1_555 C CD  . CD ? ? A GLU 94   A CD  1158 1_555 ? ? ? ? ? ? ? 2.394 ? ? 
metalc9  metalc ? ? A GLU 95  OE1 ? ? ? 1_555 C CD  . CD ? ? A GLU 94   A CD  1158 1_555 ? ? ? ? ? ? ? 2.359 ? ? 
metalc10 metalc ? ? A GLU 128 OE1 ? ? ? 1_555 C CD  . CD ? ? A GLU 127  A CD  1158 1_555 ? ? ? ? ? ? ? 2.336 ? ? 
metalc11 metalc ? ? A GLU 128 OE1 ? ? ? 1_555 D CD  . CD ? ? A GLU 127  A CD  1159 1_555 ? ? ? ? ? ? ? 2.887 ? ? 
metalc12 metalc ? ? A GLU 128 OE2 ? ? ? 1_555 D CD  . CD ? ? A GLU 127  A CD  1159 1_555 ? ? ? ? ? ? ? 2.262 ? ? 
metalc13 metalc ? ? A HIS 131 ND1 ? ? ? 1_555 C CD  . CD ? ? A HIS 130  A CD  1158 1_555 ? ? ? ? ? ? ? 2.293 ? ? 
metalc14 metalc ? ? A ASP 133 OD1 ? ? ? 4_546 B CD  . CD ? ? A ASP 132  A CD  1157 1_555 ? ? ? ? ? ? ? 3.065 ? ? 
metalc15 metalc ? ? A ASP 133 OD2 ? ? ? 4_546 B CD  . CD ? ? A ASP 132  A CD  1157 1_555 ? ? ? ? ? ? ? 2.143 ? ? 
metalc16 metalc ? ? B CD  .   CD  ? ? ? 1_555 E HOH . O  ? ? A CD  1157 A HOH 2077 1_555 ? ? ? ? ? ? ? 2.359 ? ? 
metalc17 metalc ? ? B CD  .   CD  ? ? ? 1_555 E HOH . O  ? ? A CD  1157 A HOH 2078 1_555 ? ? ? ? ? ? ? 2.180 ? ? 
metalc18 metalc ? ? B CD  .   CD  ? ? ? 1_555 E HOH . O  ? ? A CD  1157 A HOH 2079 1_555 ? ? ? ? ? ? ? 2.377 ? ? 
metalc19 metalc ? ? B CD  .   CD  ? ? ? 1_555 E HOH . O  ? ? A CD  1157 A HOH 2081 1_555 ? ? ? ? ? ? ? 2.505 ? ? 
metalc20 metalc ? ? C CD  .   CD  ? ? ? 1_555 E HOH . O  ? ? A CD  1158 A HOH 2016 1_555 ? ? ? ? ? ? ? 2.642 ? ? 
metalc21 metalc ? ? D CD  .   CD  ? ? ? 1_555 E HOH . O  ? ? A CD  1159 A HOH 2016 1_555 ? ? ? ? ? ? ? 2.493 ? ? 
# 
_struct_conn_type.id          metalc 
_struct_conn_type.criteria    ? 
_struct_conn_type.reference   ? 
# 
loop_
_struct_site.id 
_struct_site.pdbx_evidence_code 
_struct_site.pdbx_auth_asym_id 
_struct_site.pdbx_auth_comp_id 
_struct_site.pdbx_auth_seq_id 
_struct_site.pdbx_auth_ins_code 
_struct_site.pdbx_num_residues 
_struct_site.details 
AC1 Software A CD 1157 ? 6 'BINDING SITE FOR RESIDUE CD A 1157' 
AC2 Software A CD 1158 ? 6 'BINDING SITE FOR RESIDUE CD A 1158' 
AC3 Software A CD 1159 ? 6 'BINDING SITE FOR RESIDUE CD A 1159' 
# 
loop_
_struct_site_gen.id 
_struct_site_gen.site_id 
_struct_site_gen.pdbx_num_res 
_struct_site_gen.label_comp_id 
_struct_site_gen.label_asym_id 
_struct_site_gen.label_seq_id 
_struct_site_gen.pdbx_auth_ins_code 
_struct_site_gen.auth_comp_id 
_struct_site_gen.auth_asym_id 
_struct_site_gen.auth_seq_id 
_struct_site_gen.label_atom_id 
_struct_site_gen.label_alt_id 
_struct_site_gen.symmetry 
_struct_site_gen.details 
1  AC1 6 GLU A 85  ? GLU A 84   . ? 1_555 ? 
2  AC1 6 ASP A 133 ? ASP A 132  . ? 4_546 ? 
3  AC1 6 HOH E .   ? HOH A 2077 . ? 1_555 ? 
4  AC1 6 HOH E .   ? HOH A 2078 . ? 1_555 ? 
5  AC1 6 HOH E .   ? HOH A 2079 . ? 1_555 ? 
6  AC1 6 HOH E .   ? HOH A 2081 . ? 1_555 ? 
7  AC2 6 GLU A 52  ? GLU A 51   . ? 1_555 ? 
8  AC2 6 GLU A 95  ? GLU A 94   . ? 1_555 ? 
9  AC2 6 GLU A 128 ? GLU A 127  . ? 1_555 ? 
10 AC2 6 HIS A 131 ? HIS A 130  . ? 1_555 ? 
11 AC2 6 CD  D .   ? CD  A 1159 . ? 1_555 ? 
12 AC2 6 HOH E .   ? HOH A 2016 . ? 1_555 ? 
13 AC3 6 GLU A 19  ? GLU A 18   . ? 1_555 ? 
14 AC3 6 GLU A 52  ? GLU A 51   . ? 1_555 ? 
15 AC3 6 HIS A 55  ? HIS A 54   . ? 1_555 ? 
16 AC3 6 GLU A 128 ? GLU A 127  . ? 1_555 ? 
17 AC3 6 CD  C .   ? CD  A 1158 . ? 1_555 ? 
18 AC3 6 HOH E .   ? HOH A 2016 . ? 1_555 ? 
# 
_atom_sites.entry_id                    4CVS 
_atom_sites.fract_transf_matrix[1][1]   -0.00594655 
_atom_sites.fract_transf_matrix[1][2]   -0.00746811 
_atom_sites.fract_transf_matrix[1][3]   -0.00559967 
_atom_sites.fract_transf_matrix[2][1]   -0.02939389 
_atom_sites.fract_transf_matrix[2][2]   0.00976633 
_atom_sites.fract_transf_matrix[2][3]   0.01818967 
_atom_sites.fract_transf_matrix[3][1]   -0.00888263 
_atom_sites.fract_transf_matrix[3][2]   0.00544941 
_atom_sites.fract_transf_matrix[3][3]   -0.01727990 
_atom_sites.fract_transf_vector[1]      0.067889 
_atom_sites.fract_transf_vector[2]      -0.011289 
_atom_sites.fract_transf_vector[3]      0.379515 
# 
loop_
_atom_type.symbol 
C  
CD 
N  
O  
S  
# 
loop_
_atom_site.group_PDB 
_atom_site.id 
_atom_site.type_symbol 
_atom_site.label_atom_id 
_atom_site.label_alt_id 
_atom_site.label_comp_id 
_atom_site.label_asym_id 
_atom_site.label_entity_id 
_atom_site.label_seq_id 
_atom_site.pdbx_PDB_ins_code 
_atom_site.Cartn_x 
_atom_site.Cartn_y 
_atom_site.Cartn_z 
_atom_site.occupancy 
_atom_site.B_iso_or_equiv 
_atom_site.pdbx_formal_charge 
_atom_site.auth_seq_id 
_atom_site.auth_comp_id 
_atom_site.auth_asym_id 
_atom_site.auth_atom_id 
_atom_site.pdbx_PDB_model_num 
ATOM   1    N  N   . ALA A 1 1   ? 11.503  12.866  21.590  1.00 41.72 ? 0    ALA A N   1 
ATOM   2    C  CA  . ALA A 1 1   ? 12.917  13.190  21.946  1.00 40.49 ? 0    ALA A CA  1 
ATOM   3    C  C   . ALA A 1 1   ? 13.792  11.959  22.052  1.00 40.52 ? 0    ALA A C   1 
ATOM   4    O  O   . ALA A 1 1   ? 14.046  11.527  23.177  1.00 49.37 ? 0    ALA A O   1 
ATOM   5    C  CB  . ALA A 1 1   ? 12.975  13.958  23.276  1.00 31.20 ? 0    ALA A CB  1 
ATOM   6    N  N   . MET A 1 2   ? 14.230  11.372  20.921  1.00 38.19 ? 1    MET A N   1 
ATOM   7    C  CA  . MET A 1 2   ? 15.429  10.478  20.950  1.00 38.34 ? 1    MET A CA  1 
ATOM   8    C  C   . MET A 1 2   ? 16.061  10.230  19.613  1.00 33.68 ? 1    MET A C   1 
ATOM   9    O  O   . MET A 1 2   ? 15.360  10.168  18.605  1.00 36.50 ? 1    MET A O   1 
ATOM   10   C  CB  . MET A 1 2   ? 15.151  9.126   21.618  1.00 42.50 ? 1    MET A CB  1 
ATOM   11   C  CG  . MET A 1 2   ? 14.481  8.075   20.754  1.00 46.46 ? 1    MET A CG  1 
ATOM   12   S  SD  . MET A 1 2   ? 14.355  6.510   21.663  1.00 53.78 ? 1    MET A SD  1 
ATOM   13   C  CE  . MET A 1 2   ? 16.063  5.947   21.725  1.00 49.97 ? 1    MET A CE  1 
ATOM   14   N  N   . LYS A 1 3   ? 17.382  10.095  19.599  1.00 28.41 ? 2    LYS A N   1 
ATOM   15   C  CA  . LYS A 1 3   ? 18.113  9.773   18.383  1.00 29.05 ? 2    LYS A CA  1 
ATOM   16   C  C   . LYS A 1 3   ? 17.992  8.287   18.094  1.00 27.25 ? 2    LYS A C   1 
ATOM   17   O  O   . LYS A 1 3   ? 18.532  7.448   18.822  1.00 28.11 ? 2    LYS A O   1 
ATOM   18   C  CB  . LYS A 1 3   ? 19.591  10.158  18.476  1.00 32.58 ? 2    LYS A CB  1 
ATOM   19   C  CG  . LYS A 1 3   ? 20.232  10.389  17.116  1.00 37.37 ? 2    LYS A CG  1 
ATOM   20   C  CD  . LYS A 1 3   ? 19.782  11.761  16.591  1.00 39.79 ? 2    LYS A CD  1 
ATOM   21   C  CE  . LYS A 1 3   ? 19.694  11.884  15.073  1.00 40.67 ? 2    LYS A CE  1 
ATOM   22   N  NZ  . LYS A 1 3   ? 20.809  12.719  14.563  1.00 39.87 ? 2    LYS A NZ  1 
ATOM   23   N  N   . GLY A 1 4   ? 17.289  7.964   17.016  1.00 22.80 ? 3    GLY A N   1 
ATOM   24   C  CA  . GLY A 1 4   ? 17.028  6.585   16.689  1.00 20.79 ? 3    GLY A CA  1 
ATOM   25   C  C   . GLY A 1 4   ? 18.091  5.960   15.858  1.00 19.40 ? 3    GLY A C   1 
ATOM   26   O  O   . GLY A 1 4   ? 19.093  6.579   15.518  1.00 24.23 ? 3    GLY A O   1 
ATOM   27   N  N   . ASP A 1 5   ? 17.912  4.668   15.655  1.00 16.56 ? 4    ASP A N   1 
ATOM   28   C  CA  . ASP A 1 5   ? 18.830  3.840   14.885  1.00 17.75 ? 4    ASP A CA  1 
ATOM   29   C  C   . ASP A 1 5   ? 18.880  4.236   13.410  1.00 17.83 ? 4    ASP A C   1 
ATOM   30   O  O   . ASP A 1 5   ? 17.843  4.406   12.797  1.00 18.09 ? 4    ASP A O   1 
ATOM   31   C  CB  . ASP A 1 5   ? 18.427  2.373   15.057  1.00 18.40 ? 4    ASP A CB  1 
ATOM   32   C  CG  . ASP A 1 5   ? 19.313  1.444   14.358  1.00 19.27 ? 4    ASP A CG  1 
ATOM   33   O  OD1 . ASP A 1 5   ? 19.045  1.145   13.179  1.00 21.26 ? 4    ASP A OD1 1 
ATOM   34   O  OD2 . ASP A 1 5   ? 20.285  0.957   14.967  1.00 20.91 ? 4    ASP A OD2 1 
ATOM   35   N  N   . THR A 1 6   ? 20.075  4.342   12.839  1.00 18.25 ? 5    THR A N   1 
ATOM   36   C  CA  . THR A 1 6   ? 20.206  4.877   11.501  1.00 18.70 ? 5    THR A CA  1 
ATOM   37   C  C   . THR A 1 6   ? 19.493  3.987   10.501  1.00 16.93 ? 5    THR A C   1 
ATOM   38   O  O   . THR A 1 6   ? 18.722  4.454   9.636   1.00 17.39 ? 5    THR A O   1 
ATOM   39   C  CB  . THR A 1 6   ? 21.691  5.050   11.066  1.00 20.58 ? 5    THR A CB  1 
ATOM   40   O  OG1 . THR A 1 6   ? 22.414  3.799   11.095  1.00 27.38 ? 5    THR A OG1 1 
ATOM   41   C  CG2 . THR A 1 6   ? 22.349  5.968   11.944  1.00 20.98 ? 5    THR A CG2 1 
ATOM   42   N  N   . LYS A 1 7   ? 19.688  2.692   10.623  1.00 16.15 ? 6    LYS A N   1 
ATOM   43   C  CA  . LYS A 1 7   ? 19.088  1.817   9.684   1.00 17.08 ? 6    LYS A CA  1 
ATOM   44   C  C   . LYS A 1 7   ? 17.576  1.757   9.856   1.00 15.13 ? 6    LYS A C   1 
ATOM   45   O  O   . LYS A 1 7   ? 16.837  1.626   8.887   1.00 13.75 ? 6    LYS A O   1 
ATOM   46   C  CB  . LYS A 1 7   ? 19.661  0.455   9.764   1.00 19.55 ? 6    LYS A CB  1 
ATOM   47   C  CG  . LYS A 1 7   ? 19.364  -0.396  8.540   1.00 25.80 ? 6    LYS A CG  1 
ATOM   48   C  CD  . LYS A 1 7   ? 20.194  -1.696  8.465   1.00 28.37 ? 6    LYS A CD  1 
ATOM   49   C  CE  . LYS A 1 7   ? 21.482  -1.721  9.286   1.00 32.66 ? 6    LYS A CE  1 
ATOM   50   N  NZ  . LYS A 1 7   ? 22.550  -0.823  8.770   1.00 34.61 ? 6    LYS A NZ  1 
ATOM   51   N  N   . VAL A 1 8   ? 17.080  1.924   11.078  1.00 12.89 ? 7    VAL A N   1 
ATOM   52   C  CA  . VAL A 1 8   ? 15.624  1.916   11.266  1.00 13.18 ? 7    VAL A CA  1 
ATOM   53   C  C   . VAL A 1 8   ? 15.040  3.128   10.565  1.00 13.02 ? 7    VAL A C   1 
ATOM   54   O  O   . VAL A 1 8   ? 14.070  2.979   9.868   1.00 13.33 ? 7    VAL A O   1 
ATOM   55   C  CB  . VAL A 1 8   ? 15.195  1.959   12.730  1.00 14.08 ? 7    VAL A CB  1 
ATOM   56   C  CG1 . VAL A 1 8   ? 13.701  2.185   12.855  1.00 14.44 ? 7    VAL A CG1 1 
ATOM   57   C  CG2 . VAL A 1 8   ? 15.627  0.696   13.456  1.00 14.70 ? 7    VAL A CG2 1 
ATOM   58   N  N   . ILE A 1 9   ? 15.663  4.302   10.705  1.00 13.76 ? 8    ILE A N   1 
ATOM   59   C  CA  . ILE A 1 9   ? 15.149  5.509   10.032  1.00 13.81 ? 8    ILE A CA  1 
ATOM   60   C  C   . ILE A 1 9   ? 15.164  5.337   8.517   1.00 13.65 ? 8    ILE A C   1 
ATOM   61   O  O   . ILE A 1 9   ? 14.248  5.751   7.826   1.00 13.80 ? 8    ILE A O   1 
ATOM   62   C  CB  . ILE A 1 9   ? 16.017  6.702   10.436  1.00 15.79 ? 8    ILE A CB  1 
ATOM   63   C  CG1 . ILE A 1 9   ? 15.733  7.049   11.877  1.00 16.55 ? 8    ILE A CG1 1 
ATOM   64   C  CG2 . ILE A 1 9   ? 15.735  7.952   9.641   1.00 15.60 ? 8    ILE A CG2 1 
ATOM   65   C  CD1 . ILE A 1 9   ? 16.917  7.804   12.490  1.00 16.77 ? 8    ILE A CD1 1 
ATOM   66   N  N   . ASN A 1 10  ? 16.226  4.760   8.014   1.00 14.25 ? 9    ASN A N   1 
ATOM   67   C  CA  . ASN A 1 10  ? 16.313  4.393   6.599   1.00 16.45 ? 9    ASN A CA  1 
ATOM   68   C  C   . ASN A 1 10  ? 15.132  3.505   6.183   1.00 13.49 ? 9    ASN A C   1 
ATOM   69   O  O   . ASN A 1 10  ? 14.513  3.731   5.152   1.00 14.06 ? 9    ASN A O   1 
ATOM   70   C  CB  . ASN A 1 10  ? 17.614  3.674   6.352   1.00 18.35 ? 9    ASN A CB  1 
ATOM   71   C  CG  . ASN A 1 10  ? 17.917  3.525   4.911   1.00 24.15 ? 9    ASN A CG  1 
ATOM   72   O  OD1 . ASN A 1 10  ? 18.403  4.456   4.292   1.00 31.37 ? 9    ASN A OD1 1 
ATOM   73   N  ND2 . ASN A 1 10  ? 17.640  2.371   4.354   1.00 24.74 ? 9    ASN A ND2 1 
ATOM   74   N  N   . TYR A 1 11  ? 14.825  2.464   6.954   1.00 12.04 ? 10   TYR A N   1 
ATOM   75   C  CA  . TYR A 1 11  ? 13.612  1.680   6.631   1.00 11.74 ? 10   TYR A CA  1 
ATOM   76   C  C   . TYR A 1 11  ? 12.346  2.466   6.661   1.00 12.23 ? 10   TYR A C   1 
ATOM   77   O  O   . TYR A 1 11  ? 11.491  2.336   5.745   1.00 11.29 ? 10   TYR A O   1 
ATOM   78   C  CB  . TYR A 1 11  ? 13.469  0.520   7.596   1.00 12.20 ? 10   TYR A CB  1 
ATOM   79   C  CG  . TYR A 1 11  ? 14.366  -0.679  7.320   1.00 12.25 ? 10   TYR A CG  1 
ATOM   80   C  CD1 . TYR A 1 11  ? 14.235  -1.441  6.172   1.00 13.58 ? 10   TYR A CD1 1 
ATOM   81   C  CD2 . TYR A 1 11  ? 15.231  -1.130  8.263   1.00 12.91 ? 10   TYR A CD2 1 
ATOM   82   C  CE1 . TYR A 1 11  ? 15.033  -2.547  5.928   1.00 13.28 ? 10   TYR A CE1 1 
ATOM   83   C  CE2 . TYR A 1 11  ? 16.025  -2.256  8.061   1.00 13.06 ? 10   TYR A CE2 1 
ATOM   84   C  CZ  . TYR A 1 11  ? 15.932  -2.957  6.872   1.00 13.61 ? 10   TYR A CZ  1 
ATOM   85   O  OH  . TYR A 1 11  ? 16.698  -4.103  6.666   1.00 15.67 ? 10   TYR A OH  1 
ATOM   86   N  N   . LEU A 1 12  ? 12.185  3.339   7.650   1.00 11.57 ? 11   LEU A N   1 
ATOM   87   C  CA  . LEU A 1 12  ? 10.956  4.126   7.740   1.00 11.29 ? 11   LEU A CA  1 
ATOM   88   C  C   . LEU A 1 12  ? 10.807  5.041   6.519   1.00 10.96 ? 11   LEU A C   1 
ATOM   89   O  O   . LEU A 1 12  ? 9.696   5.160   5.997   1.00 11.16 ? 11   LEU A O   1 
ATOM   90   C  CB  . LEU A 1 12  ? 10.923  4.938   9.022   1.00 11.70 ? 11   LEU A CB  1 
ATOM   91   C  CG  . LEU A 1 12  ? 10.951  4.079   10.310  1.00 12.48 ? 11   LEU A CG  1 
ATOM   92   C  CD1 . LEU A 1 12  ? 10.999  5.002   11.538  1.00 14.44 ? 11   LEU A CD1 1 
ATOM   93   C  CD2 . LEU A 1 12  ? 9.813   3.070   10.388  1.00 14.84 ? 11   LEU A CD2 1 
ATOM   94   N  N   . ASN A 1 13  ? 11.950  5.562   6.025   1.00 11.73 ? 12   ASN A N   1 
ATOM   95   C  CA  . ASN A 1 13  ? 11.916  6.434   4.840   1.00 13.70 ? 12   ASN A CA  1 
ATOM   96   C  C   . ASN A 1 13  ? 11.564  5.653   3.565   1.00 12.51 ? 12   ASN A C   1 
ATOM   97   O  O   . ASN A 1 13  ? 10.767  6.124   2.749   1.00 13.23 ? 12   ASN A O   1 
ATOM   98   C  CB  . ASN A 1 13  ? 13.241  7.194   4.715   1.00 14.54 ? 12   ASN A CB  1 
ATOM   99   C  CG  . ASN A 1 13  ? 13.176  8.574   5.328   1.00 18.14 ? 12   ASN A CG  1 
ATOM   100  O  OD1 . ASN A 1 13  ? 12.163  9.288   5.193   1.00 16.77 ? 12   ASN A OD1 1 
ATOM   101  N  ND2 . ASN A 1 13  ? 14.252  8.947   6.010   1.00 17.83 ? 12   ASN A ND2 1 
ATOM   102  N  N   . LYS A 1 14  ? 12.087  4.435   3.470   1.00 12.19 ? 13   LYS A N   1 
ATOM   103  C  CA  . LYS A 1 14  ? 11.750  3.539   2.323   1.00 12.47 ? 13   LYS A CA  1 
ATOM   104  C  C   . LYS A 1 14  ? 10.235  3.197   2.374   1.00 12.78 ? 13   LYS A C   1 
ATOM   105  O  O   . LYS A 1 14  ? 9.447   3.313   1.426   1.00 11.60 ? 13   LYS A O   1 
ATOM   106  C  CB  . LYS A 1 14  ? 12.586  2.255   2.406   1.00 15.73 ? 13   LYS A CB  1 
ATOM   107  C  CG  . LYS A 1 14  ? 12.224  1.261   1.346   1.00 19.92 ? 13   LYS A CG  1 
ATOM   108  C  CD  . LYS A 1 14  ? 13.301  0.205   1.349   1.00 23.60 ? 13   LYS A CD  1 
ATOM   109  C  CE  . LYS A 1 14  ? 13.174  -0.765  0.193   1.00 26.70 ? 13   LYS A CE  1 
ATOM   110  N  NZ  . LYS A 1 14  ? 13.752  -0.269  -1.079  1.00 31.11 ? 13   LYS A NZ  1 
ATOM   111  N  N   . LEU A 1 15  ? 9.746   2.872   3.559   1.00 11.55 ? 14   LEU A N   1 
ATOM   112  C  CA  . LEU A 1 15  ? 8.331   2.588   3.689   1.00 11.20 ? 14   LEU A CA  1 
ATOM   113  C  C   . LEU A 1 15  ? 7.364   3.766   3.451   1.00 10.49 ? 14   LEU A C   1 
ATOM   114  O  O   . LEU A 1 15  ? 6.279   3.616   2.819   1.00 10.77 ? 14   LEU A O   1 
ATOM   115  C  CB  . LEU A 1 15  ? 8.074   1.956   5.051   1.00 11.21 ? 14   LEU A CB  1 
ATOM   116  C  CG  . LEU A 1 15  ? 8.811   0.646   5.324   1.00 12.19 ? 14   LEU A CG  1 
ATOM   117  C  CD1 . LEU A 1 15  ? 8.750   0.363   6.789   1.00 11.68 ? 14   LEU A CD1 1 
ATOM   118  C  CD2 . LEU A 1 15  ? 8.266   -0.516  4.513   1.00 12.15 ? 14   LEU A CD2 1 
ATOM   119  N  N   . LEU A 1 16  ? 7.725   4.947   3.956   1.00 10.44 ? 15   LEU A N   1 
ATOM   120  C  CA  . LEU A 1 16  ? 6.976   6.126   3.649   1.00 10.46 ? 15   LEU A CA  1 
ATOM   121  C  C   . LEU A 1 16  ? 6.929   6.389   2.116   1.00 11.78 ? 15   LEU A C   1 
ATOM   122  O  O   . LEU A 1 16  ? 5.868   6.766   1.610   1.00 11.16 ? 15   LEU A O   1 
ATOM   123  C  CB  . LEU A 1 16  ? 7.591   7.338   4.352   1.00 11.10 ? 15   LEU A CB  1 
ATOM   124  C  CG  . LEU A 1 16  ? 7.115   8.761   3.959   1.00 11.02 ? 15   LEU A CG  1 
ATOM   125  C  CD1 . LEU A 1 16  ? 5.647   8.824   4.255   1.00 10.91 ? 15   LEU A CD1 1 
ATOM   126  C  CD2 . LEU A 1 16  ? 7.902   9.800   4.753   1.00 12.31 ? 15   LEU A CD2 1 
ATOM   127  N  N   . GLY A 1 17  ? 8.061   6.157   1.439   1.00 11.95 ? 16   GLY A N   1 
ATOM   128  C  CA  . GLY A 1 17  ? 8.090   6.213   -0.056  1.00 12.88 ? 16   GLY A CA  1 
ATOM   129  C  C   . GLY A 1 17  ? 7.052   5.295   -0.697  1.00 13.65 ? 16   GLY A C   1 
ATOM   130  O  O   . GLY A 1 17  ? 6.328   5.648   -1.663  1.00 14.64 ? 16   GLY A O   1 
ATOM   131  N  N   . ASN A 1 18  ? 6.965   4.071   -0.172  1.00 14.18 ? 17   ASN A N   1 
ATOM   132  C  CA  . ASN A 1 18  ? 5.962   3.108   -0.675  1.00 12.67 ? 17   ASN A CA  1 
ATOM   133  C  C   . ASN A 1 18  ? 4.549   3.603   -0.485  1.00 12.41 ? 17   ASN A C   1 
ATOM   134  O  O   . ASN A 1 18  ? 3.723   3.413   -1.354  1.00 11.60 ? 17   ASN A O   1 
ATOM   135  C  CB  . ASN A 1 18  ? 6.048   1.770   0.121   1.00 12.80 ? 17   ASN A CB  1 
ATOM   136  C  CG  . ASN A 1 18  ? 7.368   0.962   -0.097  1.00 12.25 ? 17   ASN A CG  1 
ATOM   137  O  OD1 . ASN A 1 18  ? 7.646   -0.058  0.647   1.00 12.16 ? 17   ASN A OD1 1 
ATOM   138  N  ND2 . ASN A 1 18  ? 8.150   1.311   -1.099  1.00 11.83 ? 17   ASN A ND2 1 
ATOM   139  N  N   . GLU A 1 19  ? 4.261   4.261   0.627   1.00 11.60 ? 18   GLU A N   1 
ATOM   140  C  CA  . GLU A 1 19  ? 2.941   4.788   0.881   1.00 12.05 ? 18   GLU A CA  1 
ATOM   141  C  C   . GLU A 1 19  ? 2.602   5.842   -0.138  1.00 12.77 ? 18   GLU A C   1 
ATOM   142  O  O   . GLU A 1 19  ? 1.506   5.887   -0.601  1.00 12.44 ? 18   GLU A O   1 
ATOM   143  C  CB  . GLU A 1 19  ? 2.864   5.351   2.292   1.00 11.45 ? 18   GLU A CB  1 
ATOM   144  C  CG  . GLU A 1 19  ? 3.148   4.317   3.354   1.00 12.13 ? 18   GLU A CG  1 
ATOM   145  C  CD  . GLU A 1 19  ? 2.135   3.164   3.331   1.00 10.34 ? 18   GLU A CD  1 
ATOM   146  O  OE1 . GLU A 1 19  ? 1.000   3.272   2.764   1.00 10.18 ? 18   GLU A OE1 1 
ATOM   147  O  OE2 . GLU A 1 19  ? 2.420   2.157   4.037   1.00 12.68 ? 18   GLU A OE2 1 
ATOM   148  N  N   . LEU A 1 20  ? 3.558   6.702   -0.446  1.00 12.54 ? 19   LEU A N   1 
ATOM   149  C  CA  . LEU A 1 20  ? 3.285   7.794   -1.402  1.00 13.33 ? 19   LEU A CA  1 
ATOM   150  C  C   . LEU A 1 20  ? 2.960   7.281   -2.781  1.00 12.71 ? 19   LEU A C   1 
ATOM   151  O  O   . LEU A 1 20  ? 2.005   7.742   -3.408  1.00 14.99 ? 19   LEU A O   1 
ATOM   152  C  CB  . LEU A 1 20  ? 4.492   8.724   -1.455  1.00 14.92 ? 19   LEU A CB  1 
ATOM   153  C  CG  . LEU A 1 20  ? 4.734   9.484   -0.119  1.00 15.56 ? 19   LEU A CG  1 
ATOM   154  C  CD1 . LEU A 1 20  ? 6.087   10.180  -0.256  1.00 17.36 ? 19   LEU A CD1 1 
ATOM   155  C  CD2 . LEU A 1 20  ? 3.643   10.400  0.403   1.00 16.16 ? 19   LEU A CD2 1 
ATOM   156  N  N   . VAL A 1 21  ? 3.696   6.277   -3.225  1.00 12.47 ? 20   VAL A N   1 
ATOM   157  C  CA  . VAL A 1 21  ? 3.381   5.638   -4.498  1.00 12.24 ? 20   VAL A CA  1 
ATOM   158  C  C   . VAL A 1 21  ? 2.004   4.978   -4.475  1.00 12.17 ? 20   VAL A C   1 
ATOM   159  O  O   . VAL A 1 21  ? 1.214   5.130   -5.397  1.00 11.06 ? 20   VAL A O   1 
ATOM   160  C  CB  . VAL A 1 21  ? 4.452   4.594   -4.868  1.00 12.81 ? 20   VAL A CB  1 
ATOM   161  C  CG1 . VAL A 1 21  ? 4.068   3.784   -6.072  1.00 13.49 ? 20   VAL A CG1 1 
ATOM   162  C  CG2 . VAL A 1 21  ? 5.842   5.215   -5.070  1.00 13.00 ? 20   VAL A CG2 1 
ATOM   163  N  N   . ALA A 1 22  ? 1.665   4.306   -3.369  1.00 11.08 ? 21   ALA A N   1 
ATOM   164  C  CA  . ALA A 1 22  ? 0.401   3.666   -3.287  1.00 10.27 ? 21   ALA A CA  1 
ATOM   165  C  C   . ALA A 1 22  ? -0.776  4.645   -3.217  1.00 10.04 ? 21   ALA A C   1 
ATOM   166  O  O   . ALA A 1 22  ? -1.824  4.392   -3.808  1.00 10.72 ? 21   ALA A O   1 
ATOM   167  C  CB  . ALA A 1 22  ? 0.365   2.757   -2.071  1.00 10.96 ? 21   ALA A CB  1 
ATOM   168  N  N   . ILE A 1 23  ? -0.613  5.740   -2.481  1.00 11.82 ? 22   ILE A N   1 
ATOM   169  C  CA  . ILE A 1 23  ? -1.605  6.752   -2.452  1.00 12.37 ? 22   ILE A CA  1 
ATOM   170  C  C   . ILE A 1 23  ? -1.873  7.305   -3.868  1.00 11.04 ? 22   ILE A C   1 
ATOM   171  O  O   . ILE A 1 23  ? -3.058  7.454   -4.294  1.00 11.63 ? 22   ILE A O   1 
ATOM   172  C  CB  . ILE A 1 23  ? -1.166  7.886   -1.570  1.00 14.84 ? 22   ILE A CB  1 
ATOM   173  C  CG1 . ILE A 1 23  ? -1.208  7.459   -0.087  1.00 15.97 ? 22   ILE A CG1 1 
ATOM   174  C  CG2 . ILE A 1 23  ? -2.093  9.101   -1.784  1.00 15.65 ? 22   ILE A CG2 1 
ATOM   175  C  CD1 . ILE A 1 23  ? -0.474  8.479   0.774   1.00 17.07 ? 22   ILE A CD1 1 
ATOM   176  N  N   . ASN A 1 24  ? -0.800  7.635   -4.575  1.00 11.11 ? 23   ASN A N   1 
ATOM   177  C  CA  . ASN A 1 24  ? -0.917  8.121   -5.986  1.00 12.17 ? 23   ASN A CA  1 
ATOM   178  C  C   . ASN A 1 24  ? -1.687  7.097   -6.868  1.00 11.20 ? 23   ASN A C   1 
ATOM   179  O  O   . ASN A 1 24  ? -2.648  7.459   -7.612  1.00 11.23 ? 23   ASN A O   1 
ATOM   180  C  CB  . ASN A 1 24  ? 0.450   8.438   -6.656  1.00 12.55 ? 23   ASN A CB  1 
ATOM   181  C  CG  . ASN A 1 24  ? 1.191   9.567   -5.961  1.00 12.52 ? 23   ASN A CG  1 
ATOM   182  O  OD1 . ASN A 1 24  ? 0.537   10.358  -5.250  1.00 17.05 ? 23   ASN A OD1 1 
ATOM   183  N  ND2 . ASN A 1 24  ? 2.517   9.642   -6.151  1.00 12.99 ? 23   ASN A ND2 1 
ATOM   184  N  N   . GLN A 1 25  ? -1.259  5.818   -6.787  1.00 9.92  ? 24   GLN A N   1 
ATOM   185  C  CA  . GLN A 1 25  ? -1.782  4.807   -7.715  1.00 10.34 ? 24   GLN A CA  1 
ATOM   186  C  C   . GLN A 1 25  ? -3.248  4.487   -7.369  1.00 10.26 ? 24   GLN A C   1 
ATOM   187  O  O   . GLN A 1 25  ? -4.071  4.340   -8.251  1.00 9.78  ? 24   GLN A O   1 
ATOM   188  C  CB  . GLN A 1 25  ? -0.864  3.559   -7.758  1.00 9.43  ? 24   GLN A CB  1 
ATOM   189  C  CG  . GLN A 1 25  ? -1.346  2.600   -8.820  1.00 10.49 ? 24   GLN A CG  1 
ATOM   190  C  CD  . GLN A 1 25  ? -0.284  1.626   -9.199  1.00 11.29 ? 24   GLN A CD  1 
ATOM   191  O  OE1 . GLN A 1 25  ? 0.794   1.994   -9.707  1.00 12.85 ? 24   GLN A OE1 1 
ATOM   192  N  NE2 . GLN A 1 25  ? -0.564  0.340   -9.005  1.00 10.89 ? 24   GLN A NE2 1 
ATOM   193  N  N   . TYR A 1 26  ? -3.603  4.343   -6.099  1.00 9.60  ? 25   TYR A N   1 
ATOM   194  C  CA  . TYR A 1 26  ? -5.008  4.117   -5.719  1.00 10.50 ? 25   TYR A CA  1 
ATOM   195  C  C   . TYR A 1 26  ? -5.919  5.320   -6.056  1.00 10.00 ? 25   TYR A C   1 
ATOM   196  O  O   . TYR A 1 26  ? -7.032  5.104   -6.465  1.00 11.03 ? 25   TYR A O   1 
ATOM   197  C  CB  . TYR A 1 26  ? -5.142  3.745   -4.228  1.00 11.05 ? 25   TYR A CB  1 
ATOM   198  C  CG  . TYR A 1 26  ? -4.694  2.341   -3.828  1.00 10.27 ? 25   TYR A CG  1 
ATOM   199  C  CD1 . TYR A 1 26  ? -5.182  1.251   -4.513  1.00 10.01 ? 25   TYR A CD1 1 
ATOM   200  C  CD2 . TYR A 1 26  ? -3.923  2.106   -2.713  1.00 10.38 ? 25   TYR A CD2 1 
ATOM   201  C  CE1 . TYR A 1 26  ? -4.863  -0.015  -4.162  1.00 11.56 ? 25   TYR A CE1 1 
ATOM   202  C  CE2 . TYR A 1 26  ? -3.655  0.780   -2.284  1.00 11.32 ? 25   TYR A CE2 1 
ATOM   203  C  CZ  . TYR A 1 26  ? -4.078  -0.260  -3.086  1.00 11.05 ? 25   TYR A CZ  1 
ATOM   204  O  OH  . TYR A 1 26  ? -3.771  -1.552  -2.743  1.00 11.06 ? 25   TYR A OH  1 
ATOM   205  N  N   . PHE A 1 27  ? -5.405  6.509   -5.903  1.00 12.33 ? 26   PHE A N   1 
ATOM   206  C  CA  . PHE A 1 27  ? -6.089  7.713   -6.358  1.00 14.71 ? 26   PHE A CA  1 
ATOM   207  C  C   . PHE A 1 27  ? -6.511  7.649   -7.815  1.00 13.60 ? 26   PHE A C   1 
ATOM   208  O  O   . PHE A 1 27  ? -7.733  7.725   -8.160  1.00 15.12 ? 26   PHE A O   1 
ATOM   209  C  CB  . PHE A 1 27  ? -5.208  8.911   -6.053  1.00 16.04 ? 26   PHE A CB  1 
ATOM   210  C  CG  . PHE A 1 27  ? -5.663  10.189  -6.716  1.00 20.12 ? 26   PHE A CG  1 
ATOM   211  C  CD1 . PHE A 1 27  ? -7.022  10.556  -6.710  1.00 21.20 ? 26   PHE A CD1 1 
ATOM   212  C  CD2 . PHE A 1 27  ? -4.766  10.996  -7.358  1.00 20.70 ? 26   PHE A CD2 1 
ATOM   213  C  CE1 . PHE A 1 27  ? -7.465  11.739  -7.329  1.00 21.72 ? 26   PHE A CE1 1 
ATOM   214  C  CE2 . PHE A 1 27  ? -5.187  12.167  -7.963  1.00 22.07 ? 26   PHE A CE2 1 
ATOM   215  C  CZ  . PHE A 1 27  ? -6.532  12.522  -7.966  1.00 22.49 ? 26   PHE A CZ  1 
ATOM   216  N  N   . LEU A 1 28  ? -5.532  7.421   -8.685  1.00 12.37 ? 27   LEU A N   1 
ATOM   217  C  CA  . LEU A 1 28  ? -5.823  7.319   -10.106 1.00 12.16 ? 27   LEU A CA  1 
ATOM   218  C  C   . LEU A 1 28  ? -6.729  6.153   -10.448 1.00 10.22 ? 27   LEU A C   1 
ATOM   219  O  O   . LEU A 1 28  ? -7.672  6.297   -11.188 1.00 10.89 ? 27   LEU A O   1 
ATOM   220  C  CB  . LEU A 1 28  ? -4.539  7.183   -10.926 1.00 14.32 ? 27   LEU A CB  1 
ATOM   221  C  CG  . LEU A 1 28  ? -3.898  8.498   -11.463 1.00 18.55 ? 27   LEU A CG  1 
ATOM   222  C  CD1 . LEU A 1 28  ? -3.793  9.591   -10.447 1.00 20.37 ? 27   LEU A CD1 1 
ATOM   223  C  CD2 . LEU A 1 28  ? -2.566  8.125   -12.053 1.00 20.71 ? 27   LEU A CD2 1 
ATOM   224  N  N   . HIS A 1 29  ? -6.481  4.988   -9.827  1.00 9.89  ? 28   HIS A N   1 
ATOM   225  C  CA  . HIS A 1 29  ? -7.274  3.868   -10.124 1.00 9.46  ? 28   HIS A CA  1 
ATOM   226  C  C   . HIS A 1 29  ? -8.752  4.089   -9.742  1.00 9.93  ? 28   HIS A C   1 
ATOM   227  O  O   . HIS A 1 29  ? -9.712  3.664   -10.426 1.00 10.87 ? 28   HIS A O   1 
ATOM   228  C  CB  . HIS A 1 29  ? -6.762  2.622   -9.437  1.00 10.63 ? 28   HIS A CB  1 
ATOM   229  C  CG  . HIS A 1 29  ? -5.584  2.017   -10.114 1.00 9.63  ? 28   HIS A CG  1 
ATOM   230  N  ND1 . HIS A 1 29  ? -4.909  0.924   -9.578  1.00 9.74  ? 28   HIS A ND1 1 
ATOM   231  C  CD2 . HIS A 1 29  ? -4.957  2.299   -11.284 1.00 9.71  ? 28   HIS A CD2 1 
ATOM   232  C  CE1 . HIS A 1 29  ? -3.942  0.560   -10.391 1.00 8.99  ? 28   HIS A CE1 1 
ATOM   233  N  NE2 . HIS A 1 29  ? -3.931  1.387   -11.430 1.00 9.17  ? 28   HIS A NE2 1 
ATOM   234  N  N   . ALA A 1 30  ? -8.931  4.646   -8.521  1.00 11.55 ? 29   ALA A N   1 
ATOM   235  C  CA  . ALA A 1 30  ? -10.311 4.911   -8.022  1.00 11.98 ? 29   ALA A CA  1 
ATOM   236  C  C   . ALA A 1 30  ? -11.135 5.735   -9.008  1.00 12.82 ? 29   ALA A C   1 
ATOM   237  O  O   . ALA A 1 30  ? -12.251 5.309   -9.454  1.00 14.69 ? 29   ALA A O   1 
ATOM   238  C  CB  . ALA A 1 30  ? -10.250 5.608   -6.668  1.00 12.56 ? 29   ALA A CB  1 
ATOM   239  N  N   . ARG A 1 31  ? -10.499 6.791   -9.466  1.00 12.66 ? 30   ARG A N   1 
ATOM   240  C  CA  . ARG A 1 31  ? -11.142 7.688   -10.442 1.00 14.25 ? 30   ARG A CA  1 
ATOM   241  C  C   . ARG A 1 31  ? -11.459 6.955   -11.767 1.00 13.93 ? 30   ARG A C   1 
ATOM   242  O  O   . ARG A 1 31  ? -12.510 7.124   -12.343 1.00 14.16 ? 30   ARG A O   1 
ATOM   243  C  CB  . ARG A 1 31  ? -10.280 8.892   -10.707 1.00 15.25 ? 30   ARG A CB  1 
ATOM   244  C  CG  . ARG A 1 31  ? -10.089 9.803   -9.523  1.00 17.09 ? 30   ARG A CG  1 
ATOM   245  C  CD  . ARG A 1 31  ? -11.396 10.373  -8.993  1.00 19.95 ? 30   ARG A CD  1 
ATOM   246  N  NE  . ARG A 1 31  ? -11.130 11.514  -8.102  1.00 23.69 ? 30   ARG A NE  1 
ATOM   247  C  CZ  . ARG A 1 31  ? -11.402 11.586  -6.794  1.00 30.05 ? 30   ARG A CZ  1 
ATOM   248  N  NH1 . ARG A 1 31  ? -12.005 10.597  -6.109  1.00 30.76 ? 30   ARG A NH1 1 
ATOM   249  N  NH2 . ARG A 1 31  ? -11.061 12.692  -6.145  1.00 33.01 ? 30   ARG A NH2 1 
ATOM   250  N  N   . MET A 1 32  ? -10.573 6.067   -12.246 1.00 13.49 ? 31   MET A N   1 
ATOM   251  C  CA  . MET A 1 32  ? -10.813 5.323   -13.473 1.00 11.97 ? 31   MET A CA  1 
ATOM   252  C  C   . MET A 1 32  ? -11.965 4.393   -13.224 1.00 13.01 ? 31   MET A C   1 
ATOM   253  O  O   . MET A 1 32  ? -12.844 4.271   -14.043 1.00 14.99 ? 31   MET A O   1 
ATOM   254  C  CB  . MET A 1 32  ? -9.520  4.580   -13.840 1.00 12.78 ? 31   MET A CB  1 
ATOM   255  C  CG  . MET A 1 32  ? -8.411  5.539   -14.276 1.00 12.61 ? 31   MET A CG  1 
ATOM   256  S  SD  . MET A 1 32  ? -6.721  4.858   -14.351 1.00 14.36 ? 31   MET A SD  1 
ATOM   257  C  CE  . MET A 1 32  ? -6.949  3.801   -15.698 1.00 14.08 ? 31   MET A CE  1 
ATOM   258  N  N   . PHE A 1 33  ? -11.961 3.682   -12.099 1.00 12.35 ? 32   PHE A N   1 
ATOM   259  C  CA  . PHE A 1 33  ? -13.057 2.793   -11.773 1.00 12.94 ? 32   PHE A CA  1 
ATOM   260  C  C   . PHE A 1 33  ? -14.417 3.495   -11.719 1.00 14.47 ? 32   PHE A C   1 
ATOM   261  O  O   . PHE A 1 33  ? -15.417 2.956   -12.226 1.00 15.30 ? 32   PHE A O   1 
ATOM   262  C  CB  . PHE A 1 33  ? -12.784 2.089   -10.422 1.00 13.28 ? 32   PHE A CB  1 
ATOM   263  C  CG  . PHE A 1 33  ? -11.638 1.113   -10.447 1.00 12.50 ? 32   PHE A CG  1 
ATOM   264  C  CD1 . PHE A 1 33  ? -11.274 0.387   -11.601 1.00 12.94 ? 32   PHE A CD1 1 
ATOM   265  C  CD2 . PHE A 1 33  ? -10.924 0.923   -9.315  1.00 12.82 ? 32   PHE A CD2 1 
ATOM   266  C  CE1 . PHE A 1 33  ? -10.180 -0.493  -11.581 1.00 12.54 ? 32   PHE A CE1 1 
ATOM   267  C  CE2 . PHE A 1 33  ? -9.888  0.007   -9.266  1.00 12.30 ? 32   PHE A CE2 1 
ATOM   268  C  CZ  . PHE A 1 33  ? -9.530  -0.695  -10.389 1.00 13.51 ? 32   PHE A CZ  1 
ATOM   269  N  N   . LYS A 1 34  ? -14.428 4.628   -11.058 1.00 15.20 ? 33   LYS A N   1 
ATOM   270  C  CA  . LYS A 1 34  ? -15.713 5.423   -10.984 1.00 16.86 ? 33   LYS A CA  1 
ATOM   271  C  C   . LYS A 1 34  ? -16.195 5.813   -12.387 1.00 17.87 ? 33   LYS A C   1 
ATOM   272  O  O   . LYS A 1 34  ? -17.366 5.656   -12.724 1.00 19.27 ? 33   LYS A O   1 
ATOM   273  C  CB  . LYS A 1 34  ? -15.475 6.626   -10.148 1.00 18.19 ? 33   LYS A CB  1 
ATOM   274  C  CG  . LYS A 1 34  ? -16.732 7.471   -9.957  1.00 21.64 ? 33   LYS A CG  1 
ATOM   275  C  CD  . LYS A 1 34  ? -16.403 8.663   -9.064  1.00 26.36 ? 33   LYS A CD  1 
ATOM   276  C  CE  . LYS A 1 34  ? -15.326 9.542   -9.675  1.00 32.05 ? 33   LYS A CE  1 
ATOM   277  N  NZ  . LYS A 1 34  ? -15.169 10.883  -9.058  1.00 37.94 ? 33   LYS A NZ  1 
ATOM   278  N  N   . ASN A 1 35  ? -15.294 6.248   -13.252 1.00 17.90 ? 34   ASN A N   1 
ATOM   279  C  CA  . ASN A 1 35  ? -15.632 6.585   -14.650 1.00 18.89 ? 34   ASN A CA  1 
ATOM   280  C  C   . ASN A 1 35  ? -16.304 5.391   -15.348 1.00 17.98 ? 34   ASN A C   1 
ATOM   281  O  O   . ASN A 1 35  ? -17.238 5.598   -16.103 1.00 22.13 ? 34   ASN A O   1 
ATOM   282  C  CB  . ASN A 1 35  ? -14.343 7.045   -15.350 1.00 20.19 ? 34   ASN A CB  1 
ATOM   283  C  CG  . ASN A 1 35  ? -14.548 7.442   -16.828 1.00 19.85 ? 34   ASN A CG  1 
ATOM   284  O  OD1 . ASN A 1 35  ? -13.993 6.793   -17.711 1.00 22.37 ? 34   ASN A OD1 1 
ATOM   285  N  ND2 . ASN A 1 35  ? -15.283 8.483   -17.073 1.00 21.84 ? 34   ASN A ND2 1 
ATOM   286  N  N   . TRP A 1 36  ? -15.852 4.158   -15.109 1.00 17.40 ? 35   TRP A N   1 
ATOM   287  C  CA  . TRP A 1 36  ? -16.387 2.961   -15.776 1.00 17.84 ? 35   TRP A CA  1 
ATOM   288  C  C   . TRP A 1 36  ? -17.628 2.389   -15.044 1.00 16.58 ? 35   TRP A C   1 
ATOM   289  O  O   . TRP A 1 36  ? -18.133 1.285   -15.402 1.00 18.59 ? 35   TRP A O   1 
ATOM   290  C  CB  . TRP A 1 36  ? -15.301 1.854   -15.855 1.00 18.02 ? 35   TRP A CB  1 
ATOM   291  C  CG  . TRP A 1 36  ? -14.224 2.050   -16.886 1.00 19.32 ? 35   TRP A CG  1 
ATOM   292  C  CD1 . TRP A 1 36  ? -14.377 2.526   -18.142 1.00 21.19 ? 35   TRP A CD1 1 
ATOM   293  C  CD2 . TRP A 1 36  ? -12.825 1.738   -16.741 1.00 19.37 ? 35   TRP A CD2 1 
ATOM   294  N  NE1 . TRP A 1 36  ? -13.162 2.554   -18.792 1.00 23.06 ? 35   TRP A NE1 1 
ATOM   295  C  CE2 . TRP A 1 36  ? -12.193 2.033   -17.969 1.00 22.02 ? 35   TRP A CE2 1 
ATOM   296  C  CE3 . TRP A 1 36  ? -12.081 1.160   -15.731 1.00 18.24 ? 35   TRP A CE3 1 
ATOM   297  C  CZ2 . TRP A 1 36  ? -10.837 1.872   -18.162 1.00 21.47 ? 35   TRP A CZ2 1 
ATOM   298  C  CZ3 . TRP A 1 36  ? -10.739 1.010   -15.919 1.00 19.62 ? 35   TRP A CZ3 1 
ATOM   299  C  CH2 . TRP A 1 36  ? -10.130 1.346   -17.119 1.00 19.19 ? 35   TRP A CH2 1 
ATOM   300  N  N   . GLY A 1 37  ? -18.036 3.081   -13.997 1.00 16.04 ? 36   GLY A N   1 
ATOM   301  C  CA  . GLY A 1 37  ? -19.240 2.725   -13.237 1.00 16.80 ? 36   GLY A CA  1 
ATOM   302  C  C   . GLY A 1 37  ? -19.062 1.519   -12.349 1.00 16.61 ? 36   GLY A C   1 
ATOM   303  O  O   . GLY A 1 37  ? -20.011 0.729   -12.100 1.00 22.39 ? 36   GLY A O   1 
ATOM   304  N  N   . LEU A 1 38  ? -17.818 1.309   -11.900 1.00 16.35 ? 37   LEU A N   1 
ATOM   305  C  CA  . LEU A 1 38  ? -17.483 0.178   -11.033 1.00 15.82 ? 37   LEU A CA  1 
ATOM   306  C  C   . LEU A 1 38  ? -17.410 0.705   -9.616  1.00 17.82 ? 37   LEU A C   1 
ATOM   307  O  O   . LEU A 1 38  ? -16.370 1.034   -9.091  1.00 18.38 ? 37   LEU A O   1 
ATOM   308  C  CB  . LEU A 1 38  ? -16.126 -0.373  -11.515 1.00 14.78 ? 37   LEU A CB  1 
ATOM   309  C  CG  . LEU A 1 38  ? -16.121 -0.712  -13.019 1.00 14.33 ? 37   LEU A CG  1 
ATOM   310  C  CD1 . LEU A 1 38  ? -14.658 -1.024  -13.364 1.00 15.17 ? 37   LEU A CD1 1 
ATOM   311  C  CD2 . LEU A 1 38  ? -17.066 -1.869  -13.345 1.00 15.55 ? 37   LEU A CD2 1 
ATOM   312  N  N   . LYS A 1 39  ? -18.572 0.790   -9.007  1.00 18.73 ? 38   LYS A N   1 
ATOM   313  C  CA  . LYS A 1 39  ? -18.710 1.505   -7.746  1.00 18.34 ? 38   LYS A CA  1 
ATOM   314  C  C   . LYS A 1 39  ? -17.966 0.878   -6.590  1.00 16.21 ? 38   LYS A C   1 
ATOM   315  O  O   . LYS A 1 39  ? -17.304 1.611   -5.828  1.00 17.71 ? 38   LYS A O   1 
ATOM   316  C  CB  . LYS A 1 39  ? -20.186 1.544   -7.354  1.00 17.63 ? 38   LYS A CB  1 
ATOM   317  C  CG  . LYS A 1 39  ? -20.994 2.504   -8.217  1.00 20.43 ? 38   LYS A CG  1 
ATOM   318  C  CD  . LYS A 1 39  ? -22.496 2.499   -7.852  1.00 23.11 ? 38   LYS A CD  1 
ATOM   319  C  CE  . LYS A 1 39  ? -23.281 3.750   -8.182  1.00 23.33 ? 38   LYS A CE  1 
ATOM   320  N  NZ  . LYS A 1 39  ? -24.756 3.406   -8.138  1.00 22.39 ? 38   LYS A NZ  1 
ATOM   321  N  N   . ARG A 1 40  ? -18.148 -0.421  -6.422  1.00 17.04 ? 39   ARG A N   1 
ATOM   322  C  CA  . ARG A 1 40  ? -17.475 -1.203  -5.406  1.00 16.83 ? 39   ARG A CA  1 
ATOM   323  C  C   . ARG A 1 40  ? -15.953 -1.022  -5.532  1.00 15.98 ? 39   ARG A C   1 
ATOM   324  O  O   . ARG A 1 40  ? -15.295 -0.609  -4.550  1.00 16.54 ? 39   ARG A O   1 
ATOM   325  C  CB  . ARG A 1 40  ? -17.877 -2.649  -5.505  1.00 20.07 ? 39   ARG A CB  1 
ATOM   326  C  CG  . ARG A 1 40  ? -17.507 -3.496  -4.333  1.00 26.21 ? 39   ARG A CG  1 
ATOM   327  C  CD  . ARG A 1 40  ? -18.206 -4.823  -4.549  1.00 28.56 ? 39   ARG A CD  1 
ATOM   328  N  NE  . ARG A 1 40  ? -17.399 -5.957  -4.182  1.00 30.80 ? 39   ARG A NE  1 
ATOM   329  C  CZ  . ARG A 1 40  ? -16.374 -6.437  -4.891  1.00 31.50 ? 39   ARG A CZ  1 
ATOM   330  N  NH1 . ARG A 1 40  ? -16.048 -5.986  -6.091  1.00 30.71 ? 39   ARG A NH1 1 
ATOM   331  N  NH2 . ARG A 1 40  ? -15.725 -7.468  -4.403  1.00 34.83 ? 39   ARG A NH2 1 
ATOM   332  N  N   . LEU A 1 41  ? -15.387 -1.184  -6.738  1.00 14.65 ? 40   LEU A N   1 
ATOM   333  C  CA  . LEU A 1 41  ? -13.897 -1.110  -6.877  1.00 12.71 ? 40   LEU A CA  1 
ATOM   334  C  C   . LEU A 1 41  ? -13.398 0.309   -6.519  1.00 12.45 ? 40   LEU A C   1 
ATOM   335  O  O   . LEU A 1 41  ? -12.332 0.490   -5.895  1.00 12.26 ? 40   LEU A O   1 
ATOM   336  C  CB  . LEU A 1 41  ? -13.396 -1.504  -8.304  1.00 12.92 ? 40   LEU A CB  1 
ATOM   337  C  CG  . LEU A 1 41  ? -13.746 -2.887  -8.748  1.00 14.90 ? 40   LEU A CG  1 
ATOM   338  C  CD1 . LEU A 1 41  ? -13.315 -3.066  -10.186 1.00 15.79 ? 40   LEU A CD1 1 
ATOM   339  C  CD2 . LEU A 1 41  ? -13.203 -3.976  -7.862  1.00 16.86 ? 40   LEU A CD2 1 
ATOM   340  N  N   . ASN A 1 42  ? -14.141 1.332   -6.937  1.00 12.26 ? 41   ASN A N   1 
ATOM   341  C  CA  . ASN A 1 42  ? -13.802 2.704   -6.567  1.00 12.78 ? 41   ASN A CA  1 
ATOM   342  C  C   . ASN A 1 42  ? -13.876 2.894   -5.041  1.00 13.93 ? 41   ASN A C   1 
ATOM   343  O  O   . ASN A 1 42  ? -12.950 3.402   -4.445  1.00 14.39 ? 41   ASN A O   1 
ATOM   344  C  CB  . ASN A 1 42  ? -14.736 3.709   -7.268  1.00 14.64 ? 41   ASN A CB  1 
ATOM   345  C  CG  . ASN A 1 42  ? -14.736 5.022   -6.596  1.00 18.17 ? 41   ASN A CG  1 
ATOM   346  O  OD1 . ASN A 1 42  ? -13.743 5.696   -6.555  1.00 15.31 ? 41   ASN A OD1 1 
ATOM   347  N  ND2 . ASN A 1 42  ? -15.845 5.368   -5.965  1.00 22.58 ? 41   ASN A ND2 1 
ATOM   348  N  N   . ASP A 1 43  ? -14.997 2.459   -4.444  1.00 15.45 ? 42   ASP A N   1 
ATOM   349  C  CA  . ASP A 1 43  ? -15.142 2.640   -3.032  1.00 15.53 ? 42   ASP A CA  1 
ATOM   350  C  C   . ASP A 1 43  ? -14.031 1.977   -2.219  1.00 14.87 ? 42   ASP A C   1 
ATOM   351  O  O   . ASP A 1 43  ? -13.488 2.609   -1.328  1.00 16.56 ? 42   ASP A O   1 
ATOM   352  C  CB  . ASP A 1 43  ? -16.523 2.163   -2.566  1.00 18.14 ? 42   ASP A CB  1 
ATOM   353  C  CG  . ASP A 1 43  ? -17.659 3.117   -3.054  1.00 22.91 ? 42   ASP A CG  1 
ATOM   354  O  OD1 . ASP A 1 43  ? -17.414 4.247   -3.552  1.00 25.23 ? 42   ASP A OD1 1 
ATOM   355  O  OD2 . ASP A 1 43  ? -18.841 2.736   -2.936  1.00 26.00 ? 42   ASP A OD2 1 
ATOM   356  N  N   . VAL A 1 44  ? -13.669 0.742   -2.542  1.00 14.27 ? 43   VAL A N   1 
ATOM   357  C  CA  . VAL A 1 44  ? -12.662 0.057   -1.765  1.00 12.95 ? 43   VAL A CA  1 
ATOM   358  C  C   . VAL A 1 44  ? -11.282 0.700   -1.994  1.00 12.85 ? 43   VAL A C   1 
ATOM   359  O  O   . VAL A 1 44  ? -10.562 0.955   -1.014  1.00 13.14 ? 43   VAL A O   1 
ATOM   360  C  CB  . VAL A 1 44  ? -12.578 -1.436  -2.079  1.00 13.46 ? 43   VAL A CB  1 
ATOM   361  C  CG1 . VAL A 1 44  ? -11.328 -2.051  -1.419  1.00 13.23 ? 43   VAL A CG1 1 
ATOM   362  C  CG2 . VAL A 1 44  ? -13.850 -2.124  -1.627  1.00 14.48 ? 43   VAL A CG2 1 
ATOM   363  N  N   . GLU A 1 45  ? -10.911 0.958   -3.252  1.00 12.13 ? 44   GLU A N   1 
ATOM   364  C  CA  . GLU A 1 45  ? -9.581  1.562   -3.489  1.00 13.79 ? 44   GLU A CA  1 
ATOM   365  C  C   . GLU A 1 45  ? -9.485  2.954   -2.948  1.00 15.76 ? 44   GLU A C   1 
ATOM   366  O  O   . GLU A 1 45  ? -8.424  3.366   -2.530  1.00 15.85 ? 44   GLU A O   1 
ATOM   367  C  CB  . GLU A 1 45  ? -9.140  1.456   -4.974  1.00 13.63 ? 44   GLU A CB  1 
ATOM   368  C  CG  . GLU A 1 45  ? -8.849  0.022   -5.309  1.00 13.18 ? 44   GLU A CG  1 
ATOM   369  C  CD  . GLU A 1 45  ? -7.770  -0.141  -6.330  1.00 11.45 ? 44   GLU A CD  1 
ATOM   370  O  OE1 . GLU A 1 45  ? -7.441  0.830   -7.019  1.00 11.75 ? 44   GLU A OE1 1 
ATOM   371  O  OE2 . GLU A 1 45  ? -7.216  -1.286  -6.356  1.00 10.31 ? 44   GLU A OE2 1 
ATOM   372  N  N   . PHE A 1 46  ? -10.568 3.723   -2.960  1.00 14.72 ? 45   PHE A N   1 
ATOM   373  C  CA  . PHE A 1 46  ? -10.549 5.042   -2.345  1.00 18.46 ? 45   PHE A CA  1 
ATOM   374  C  C   . PHE A 1 46  ? -10.369 4.930   -0.812  1.00 18.91 ? 45   PHE A C   1 
ATOM   375  O  O   . PHE A 1 46  ? -9.558  5.660   -0.216  1.00 20.43 ? 45   PHE A O   1 
ATOM   376  C  CB  . PHE A 1 46  ? -11.836 5.813   -2.710  1.00 18.91 ? 45   PHE A CB  1 
ATOM   377  C  CG  . PHE A 1 46  ? -11.910 7.113   -2.030  1.00 24.54 ? 45   PHE A CG  1 
ATOM   378  C  CD1 . PHE A 1 46  ? -11.120 8.161   -2.473  1.00 26.65 ? 45   PHE A CD1 1 
ATOM   379  C  CD2 . PHE A 1 46  ? -12.681 7.276   -0.889  1.00 28.44 ? 45   PHE A CD2 1 
ATOM   380  C  CE1 . PHE A 1 46  ? -11.112 9.378   -1.803  1.00 30.11 ? 45   PHE A CE1 1 
ATOM   381  C  CE2 . PHE A 1 46  ? -12.693 8.496   -0.231  1.00 31.36 ? 45   PHE A CE2 1 
ATOM   382  C  CZ  . PHE A 1 46  ? -11.900 9.546   -0.692  1.00 29.82 ? 45   PHE A CZ  1 
ATOM   383  N  N   . ARG A 1 47  ? -11.103 4.026   -0.204  1.00 16.80 ? 46   ARG A N   1 
ATOM   384  C  CA  . ARG A 1 47  ? -10.985 3.661   1.236   1.00 20.16 ? 46   ARG A CA  1 
ATOM   385  C  C   . ARG A 1 47  ? -9.552  3.249   1.611   1.00 20.92 ? 46   ARG A C   1 
ATOM   386  O  O   . ARG A 1 47  ? -9.054  3.682   2.664   1.00 24.37 ? 46   ARG A O   1 
ATOM   387  C  CB  . ARG A 1 47  ? -11.979 2.555   1.571   1.00 24.07 ? 46   ARG A CB  1 
ATOM   388  C  CG  . ARG A 1 47  ? -11.842 1.835   2.913   1.00 26.90 ? 46   ARG A CG  1 
ATOM   389  C  CD  . ARG A 1 47  ? -12.936 0.780   3.078   1.00 31.25 ? 46   ARG A CD  1 
ATOM   390  N  NE  . ARG A 1 47  ? -12.520 -0.616  2.778   1.00 32.75 ? 46   ARG A NE  1 
ATOM   391  C  CZ  . ARG A 1 47  ? -13.308 -1.586  2.285   1.00 32.24 ? 46   ARG A CZ  1 
ATOM   392  N  NH1 . ARG A 1 47  ? -14.579 -1.316  1.968   1.00 36.11 ? 46   ARG A NH1 1 
ATOM   393  N  NH2 . ARG A 1 47  ? -12.842 -2.855  2.109   1.00 27.40 ? 46   ARG A NH2 1 
ATOM   394  N  N   . GLU A 1 48  ? -8.885  2.457   0.771   1.00 18.92 ? 47   GLU A N   1 
ATOM   395  C  CA  . GLU A 1 48  ? -7.533  1.967   1.092   1.00 18.71 ? 47   GLU A CA  1 
ATOM   396  C  C   . GLU A 1 48  ? -6.513  3.071   0.857   1.00 19.85 ? 47   GLU A C   1 
ATOM   397  O  O   . GLU A 1 48  ? -5.444  3.091   1.503   1.00 19.13 ? 47   GLU A O   1 
ATOM   398  C  CB  . GLU A 1 48  ? -7.211  0.698   0.303   1.00 18.04 ? 47   GLU A CB  1 
ATOM   399  C  CG  . GLU A 1 48  ? -8.206  -0.382  0.571   1.00 17.93 ? 47   GLU A CG  1 
ATOM   400  C  CD  . GLU A 1 48  ? -7.837  -1.607  -0.204  1.00 17.14 ? 47   GLU A CD  1 
ATOM   401  O  OE1 . GLU A 1 48  ? -7.340  -1.421  -1.354  1.00 17.37 ? 47   GLU A OE1 1 
ATOM   402  O  OE2 . GLU A 1 48  ? -8.064  -2.682  0.354   1.00 17.45 ? 47   GLU A OE2 1 
ATOM   403  N  N   . SER A 1 49  ? -6.805  4.017   -0.030  1.00 20.30 ? 48   SER A N   1 
ATOM   404  C  CA  . SER A 1 49  ? -5.956  5.189   -0.169  1.00 20.44 ? 48   SER A CA  1 
ATOM   405  C  C   . SER A 1 49  ? -5.900  5.992   1.148   1.00 19.92 ? 48   SER A C   1 
ATOM   406  O  O   . SER A 1 49  ? -4.822  6.528   1.469   1.00 19.28 ? 48   SER A O   1 
ATOM   407  C  CB  . SER A 1 49  ? -6.396  6.104   -1.308  1.00 20.98 ? 48   SER A CB  1 
ATOM   408  O  OG  . SER A 1 49  ? -7.622  6.809   -0.966  1.00 25.59 ? 48   SER A OG  1 
ATOM   409  N  N   . ILE A 1 50  ? -7.038  6.082   1.851   1.00 21.45 ? 49   ILE A N   1 
ATOM   410  C  CA  . ILE A 1 50  ? -7.107  6.672   3.195   1.00 22.49 ? 49   ILE A CA  1 
ATOM   411  C  C   . ILE A 1 50  ? -6.265  5.907   4.208   1.00 23.18 ? 49   ILE A C   1 
ATOM   412  O  O   . ILE A 1 50  ? -5.533  6.539   4.989   1.00 25.35 ? 49   ILE A O   1 
ATOM   413  C  CB  . ILE A 1 50  ? -8.577  6.797   3.723   1.00 24.39 ? 49   ILE A CB  1 
ATOM   414  C  CG1 . ILE A 1 50  ? -9.460  7.568   2.712   1.00 24.95 ? 49   ILE A CG1 1 
ATOM   415  C  CG2 . ILE A 1 50  ? -8.609  7.472   5.092   1.00 26.18 ? 49   ILE A CG2 1 
ATOM   416  C  CD1 . ILE A 1 50  ? -8.755  8.662   1.937   1.00 27.52 ? 49   ILE A CD1 1 
ATOM   417  N  N   . ASP A 1 51  ? -6.349  4.580   4.220   1.00 21.70 ? 50   ASP A N   1 
ATOM   418  C  CA  . ASP A 1 51  ? -5.430  3.778   5.023   1.00 21.63 ? 50   ASP A CA  1 
ATOM   419  C  C   . ASP A 1 51  ? -3.956  4.133   4.698   1.00 17.86 ? 50   ASP A C   1 
ATOM   420  O  O   . ASP A 1 51  ? -3.126  4.325   5.600   1.00 15.22 ? 50   ASP A O   1 
ATOM   421  C  CB  . ASP A 1 51  ? -5.584  2.276   4.771   1.00 22.78 ? 50   ASP A CB  1 
ATOM   422  C  CG  . ASP A 1 51  ? -6.913  1.709   5.222   1.00 27.43 ? 50   ASP A CG  1 
ATOM   423  O  OD1 . ASP A 1 51  ? -7.625  2.363   6.029   1.00 30.46 ? 50   ASP A OD1 1 
ATOM   424  O  OD2 . ASP A 1 51  ? -7.230  0.564   4.768   1.00 26.93 ? 50   ASP A OD2 1 
ATOM   425  N  N   . GLU A 1 52  ? -3.604  4.250   3.418   1.00 14.39 ? 51   GLU A N   1 
ATOM   426  C  CA  . GLU A 1 52  ? -2.209  4.516   3.078   1.00 14.12 ? 51   GLU A CA  1 
ATOM   427  C  C   . GLU A 1 52  ? -1.763  5.904   3.597   1.00 15.14 ? 51   GLU A C   1 
ATOM   428  O  O   . GLU A 1 52  ? -0.647  6.066   3.993   1.00 14.23 ? 51   GLU A O   1 
ATOM   429  C  CB  . GLU A 1 52  ? -1.853  4.356   1.577   1.00 13.74 ? 51   GLU A CB  1 
ATOM   430  C  CG  . GLU A 1 52  ? -2.444  3.164   0.811   1.00 13.91 ? 51   GLU A CG  1 
ATOM   431  C  CD  . GLU A 1 52  ? -1.996  1.788   1.294   1.00 13.97 ? 51   GLU A CD  1 
ATOM   432  O  OE1 . GLU A 1 52  ? -1.805  1.584   2.497   1.00 11.77 ? 51   GLU A OE1 1 
ATOM   433  O  OE2 . GLU A 1 52  ? -1.753  0.880   0.433   1.00 11.72 ? 51   GLU A OE2 1 
ATOM   434  N  N   . MET A 1 53  ? -2.652  6.893   3.522   1.00 17.56 ? 52   MET A N   1 
ATOM   435  C  CA  . MET A 1 53  ? -2.323  8.213   4.058   1.00 19.59 ? 52   MET A CA  1 
ATOM   436  C  C   . MET A 1 53  ? -2.021  8.165   5.539   1.00 17.00 ? 52   MET A C   1 
ATOM   437  O  O   . MET A 1 53  ? -1.072  8.802   6.025   1.00 15.41 ? 52   MET A O   1 
ATOM   438  C  CB  . MET A 1 53  ? -3.469  9.174   3.891   1.00 23.86 ? 52   MET A CB  1 
ATOM   439  C  CG  . MET A 1 53  ? -3.618  9.599   2.471   1.00 27.45 ? 52   MET A CG  1 
ATOM   440  S  SD  . MET A 1 53  ? -5.088  10.607  2.224   1.00 33.75 ? 52   MET A SD  1 
ATOM   441  C  CE  . MET A 1 53  ? -4.271  11.841  1.197   1.00 35.06 ? 52   MET A CE  1 
ATOM   442  N  N   . LYS A 1 54  ? -2.840  7.428   6.241   1.00 16.11 ? 53   LYS A N   1 
ATOM   443  C  CA  . LYS A 1 54  ? -2.620  7.174   7.659   1.00 17.18 ? 53   LYS A CA  1 
ATOM   444  C  C   . LYS A 1 54  ? -1.273  6.499   7.900   1.00 16.40 ? 53   LYS A C   1 
ATOM   445  O  O   . LYS A 1 54  ? -0.536  6.852   8.825   1.00 14.72 ? 53   LYS A O   1 
ATOM   446  C  CB  . LYS A 1 54  ? -3.742  6.336   8.204   1.00 20.76 ? 53   LYS A CB  1 
ATOM   447  C  CG  . LYS A 1 54  ? -5.119  7.047   8.207   1.00 24.45 ? 53   LYS A CG  1 
ATOM   448  C  CD  . LYS A 1 54  ? -6.129  6.180   8.972   1.00 27.27 ? 53   LYS A CD  1 
ATOM   449  C  CE  . LYS A 1 54  ? -7.483  6.045   8.328   1.00 31.39 ? 53   LYS A CE  1 
ATOM   450  N  NZ  . LYS A 1 54  ? -8.097  7.387   8.217   1.00 35.51 ? 53   LYS A NZ  1 
ATOM   451  N  N   . HIS A 1 55  ? -0.937  5.503   7.068   1.00 12.98 ? 54   HIS A N   1 
ATOM   452  C  CA  . HIS A 1 55  ? 0.359   4.887   7.246   1.00 12.05 ? 54   HIS A CA  1 
ATOM   453  C  C   . HIS A 1 55  ? 1.495   5.872   7.066   1.00 12.30 ? 54   HIS A C   1 
ATOM   454  O  O   . HIS A 1 55  ? 2.430   5.906   7.844   1.00 10.88 ? 54   HIS A O   1 
ATOM   455  C  CB  . HIS A 1 55  ? 0.504   3.715   6.283   1.00 10.76 ? 54   HIS A CB  1 
ATOM   456  C  CG  . HIS A 1 55  ? -0.477  2.618   6.519   1.00 10.47 ? 54   HIS A CG  1 
ATOM   457  N  ND1 . HIS A 1 55  ? -0.766  1.717   5.543   1.00 10.77 ? 54   HIS A ND1 1 
ATOM   458  C  CD2 . HIS A 1 55  ? -1.295  2.316   7.547   1.00 10.37 ? 54   HIS A CD2 1 
ATOM   459  C  CE1 . HIS A 1 55  ? -1.633  0.842   5.979   1.00 10.05 ? 54   HIS A CE1 1 
ATOM   460  N  NE2 . HIS A 1 55  ? -1.994  1.194   7.208   1.00 10.24 ? 54   HIS A NE2 1 
ATOM   461  N  N   . ALA A 1 56  ? 1.375   6.734   6.029   1.00 12.53 ? 55   ALA A N   1 
ATOM   462  C  CA  . ALA A 1 56  ? 2.455   7.708   5.739   1.00 13.51 ? 55   ALA A CA  1 
ATOM   463  C  C   . ALA A 1 56  ? 2.521   8.696   6.937   1.00 11.81 ? 55   ALA A C   1 
ATOM   464  O  O   . ALA A 1 56  ? 3.603   9.007   7.318   1.00 12.94 ? 55   ALA A O   1 
ATOM   465  C  CB  . ALA A 1 56  ? 2.199   8.480   4.442   1.00 12.90 ? 55   ALA A CB  1 
ATOM   466  N  N   . ASP A 1 57  ? 1.366   9.124   7.465   1.00 13.59 ? 56   ASP A N   1 
ATOM   467  C  CA  . ASP A 1 57  ? 1.329   10.017  8.658   1.00 14.69 ? 56   ASP A CA  1 
ATOM   468  C  C   . ASP A 1 57  ? 2.071   9.331   9.821   1.00 15.61 ? 56   ASP A C   1 
ATOM   469  O  O   . ASP A 1 57  ? 2.896   9.991   10.467  1.00 15.30 ? 56   ASP A O   1 
ATOM   470  C  CB  . ASP A 1 57  ? -0.095  10.361  9.143   1.00 15.53 ? 56   ASP A CB  1 
ATOM   471  C  CG  . ASP A 1 57  ? -0.803  11.467  8.334   1.00 19.17 ? 56   ASP A CG  1 
ATOM   472  O  OD1 . ASP A 1 57  ? -0.164  12.108  7.498   1.00 27.90 ? 56   ASP A OD1 1 
ATOM   473  O  OD2 . ASP A 1 57  ? -2.017  11.653  8.596   1.00 28.52 ? 56   ASP A OD2 1 
ATOM   474  N  N   . ARG A 1 58  ? 1.872   8.017   10.031  1.00 12.56 ? 57   ARG A N   1 
ATOM   475  C  CA  . ARG A 1 58  ? 2.568   7.324   11.148  1.00 14.42 ? 57   ARG A CA  1 
ATOM   476  C  C   . ARG A 1 58  ? 4.079   7.275   10.952  1.00 13.61 ? 57   ARG A C   1 
ATOM   477  O  O   . ARG A 1 58  ? 4.878   7.507   11.871  1.00 13.99 ? 57   ARG A O   1 
ATOM   478  C  CB  . ARG A 1 58  ? 2.039   5.943   11.372  1.00 15.94 ? 57   ARG A CB  1 
ATOM   479  C  CG  . ARG A 1 58  ? 0.595   5.905   11.787  1.00 19.71 ? 57   ARG A CG  1 
ATOM   480  C  CD  . ARG A 1 58  ? 0.124   4.536   12.163  1.00 26.59 ? 57   ARG A CD  1 
ATOM   481  N  NE  . ARG A 1 58  ? 0.538   4.200   13.524  1.00 29.40 ? 57   ARG A NE  1 
ATOM   482  C  CZ  . ARG A 1 58  ? 0.581   2.967   14.039  1.00 32.38 ? 57   ARG A CZ  1 
ATOM   483  N  NH1 . ARG A 1 58  ? 0.241   1.923   13.293  1.00 30.73 ? 57   ARG A NH1 1 
ATOM   484  N  NH2 . ARG A 1 58  ? 1.014   2.777   15.288  1.00 29.91 ? 57   ARG A NH2 1 
ATOM   485  N  N   . TYR A 1 59  ? 4.503   6.994   9.722   1.00 11.23 ? 58   TYR A N   1 
ATOM   486  C  CA  . TYR A 1 59  ? 5.922   6.983   9.380   1.00 11.61 ? 58   TYR A CA  1 
ATOM   487  C  C   . TYR A 1 59  ? 6.639   8.314   9.574   1.00 11.97 ? 58   TYR A C   1 
ATOM   488  O  O   . TYR A 1 59  ? 7.722   8.387   10.089  1.00 13.87 ? 58   TYR A O   1 
ATOM   489  C  CB  . TYR A 1 59  ? 6.115   6.486   7.947   1.00 11.18 ? 58   TYR A CB  1 
ATOM   490  C  CG  . TYR A 1 59  ? 5.868   4.999   7.751   1.00 11.38 ? 58   TYR A CG  1 
ATOM   491  C  CD1 . TYR A 1 59  ? 6.490   4.071   8.545   1.00 13.55 ? 58   TYR A CD1 1 
ATOM   492  C  CD2 . TYR A 1 59  ? 4.981   4.546   6.780   1.00 11.58 ? 58   TYR A CD2 1 
ATOM   493  C  CE1 . TYR A 1 59  ? 6.249   2.715   8.347   1.00 12.10 ? 58   TYR A CE1 1 
ATOM   494  C  CE2 . TYR A 1 59  ? 4.778   3.209   6.579   1.00 11.77 ? 58   TYR A CE2 1 
ATOM   495  C  CZ  . TYR A 1 59  ? 5.423   2.319   7.365   1.00 11.96 ? 58   TYR A CZ  1 
ATOM   496  O  OH  . TYR A 1 59  ? 5.206   0.983   7.138   1.00 12.37 ? 58   TYR A OH  1 
ATOM   497  N  N   . ILE A 1 60  ? 6.068   9.372   9.018   1.00 14.39 ? 59   ILE A N   1 
ATOM   498  C  CA  . ILE A 1 60  ? 6.536   10.738  9.263   1.00 15.17 ? 59   ILE A CA  1 
ATOM   499  C  C   . ILE A 1 60  ? 6.575   11.067  10.763  1.00 13.75 ? 59   ILE A C   1 
ATOM   500  O  O   . ILE A 1 60  ? 7.577   11.575  11.254  1.00 14.97 ? 59   ILE A O   1 
ATOM   501  C  CB  . ILE A 1 60  ? 5.645   11.805  8.557   1.00 17.84 ? 59   ILE A CB  1 
ATOM   502  C  CG1 . ILE A 1 60  ? 5.633   11.616  7.049   1.00 18.48 ? 59   ILE A CG1 1 
ATOM   503  C  CG2 . ILE A 1 60  ? 6.111   13.246  8.894   1.00 17.04 ? 59   ILE A CG2 1 
ATOM   504  C  CD1 . ILE A 1 60  ? 4.516   12.396  6.354   1.00 18.01 ? 59   ILE A CD1 1 
ATOM   505  N  N   . GLU A 1 61  ? 5.515   10.808  11.509  1.00 14.28 ? 60   GLU A N   1 
ATOM   506  C  CA  . GLU A 1 61  ? 5.609   11.083  12.997  1.00 15.15 ? 60   GLU A CA  1 
ATOM   507  C  C   . GLU A 1 61  ? 6.841   10.380  13.579  1.00 16.19 ? 60   GLU A C   1 
ATOM   508  O  O   . GLU A 1 61  ? 7.686   10.958  14.272  1.00 15.60 ? 60   GLU A O   1 
ATOM   509  C  CB  . GLU A 1 61  ? 4.382   10.619  13.679  1.00 19.44 ? 60   GLU A CB  1 
ATOM   510  C  CG  . GLU A 1 61  ? 3.069   11.311  13.379  1.00 24.91 ? 60   GLU A CG  1 
ATOM   511  C  CD  . GLU A 1 61  ? 1.853   10.427  13.677  1.00 31.76 ? 60   GLU A CD  1 
ATOM   512  O  OE1 . GLU A 1 61  ? 1.920   9.520   14.568  1.00 34.06 ? 60   GLU A OE1 1 
ATOM   513  O  OE2 . GLU A 1 61  ? 0.805   10.671  13.023  1.00 36.70 ? 60   GLU A OE2 1 
ATOM   514  N  N   . ARG A 1 62  ? 6.980   9.109   13.280  1.00 15.56 ? 61   ARG A N   1 
ATOM   515  C  CA  . ARG A 1 62  ? 8.058   8.324   13.900  1.00 14.10 ? 61   ARG A CA  1 
ATOM   516  C  C   . ARG A 1 62  ? 9.423   8.747   13.471  1.00 13.49 ? 61   ARG A C   1 
ATOM   517  O  O   . ARG A 1 62  ? 10.340  8.856   14.305  1.00 13.40 ? 61   ARG A O   1 
ATOM   518  C  CB  . ARG A 1 62  ? 7.836   6.829   13.618  1.00 15.15 ? 61   ARG A CB  1 
ATOM   519  C  CG  . ARG A 1 62  ? 8.769   5.883   14.377  1.00 13.72 ? 61   ARG A CG  1 
ATOM   520  C  CD  . ARG A 1 62  ? 8.637   5.939   15.902  1.00 14.50 ? 61   ARG A CD  1 
ATOM   521  N  NE  . ARG A 1 62  ? 9.607   5.047   16.529  1.00 13.88 ? 61   ARG A NE  1 
ATOM   522  C  CZ  . ARG A 1 62  ? 10.031  5.182   17.774  1.00 13.10 ? 61   ARG A CZ  1 
ATOM   523  N  NH1 . ARG A 1 62  ? 9.428   6.124   18.583  1.00 15.15 ? 61   ARG A NH1 1 
ATOM   524  N  NH2 . ARG A 1 62  ? 10.874  4.317   18.261  1.00 14.33 ? 61   ARG A NH2 1 
ATOM   525  N  N   . ILE A 1 63  ? 9.601   9.067   12.192  1.00 13.19 ? 62   ILE A N   1 
ATOM   526  C  CA  . ILE A 1 63  ? 10.889  9.554   11.717  1.00 12.42 ? 62   ILE A CA  1 
ATOM   527  C  C   . ILE A 1 63  ? 11.238  10.849  12.457  1.00 13.60 ? 62   ILE A C   1 
ATOM   528  O  O   . ILE A 1 63  ? 12.345  10.983  12.923  1.00 13.71 ? 62   ILE A O   1 
ATOM   529  C  CB  . ILE A 1 63  ? 10.849  9.807   10.202  1.00 13.02 ? 62   ILE A CB  1 
ATOM   530  C  CG1 . ILE A 1 63  ? 10.696  8.462   9.456   1.00 12.60 ? 62   ILE A CG1 1 
ATOM   531  C  CG2 . ILE A 1 63  ? 12.075  10.599  9.735   1.00 13.55 ? 62   ILE A CG2 1 
ATOM   532  C  CD1 . ILE A 1 63  ? 10.237  8.692   8.048   1.00 12.59 ? 62   ILE A CD1 1 
ATOM   533  N  N   . LEU A 1 64  ? 10.242  11.744  12.624  1.00 14.82 ? 63   LEU A N   1 
ATOM   534  C  CA  . LEU A 1 64  ? 10.528  13.024  13.279  1.00 16.49 ? 63   LEU A CA  1 
ATOM   535  C  C   . LEU A 1 64  ? 10.797  12.821  14.785  1.00 17.11 ? 63   LEU A C   1 
ATOM   536  O  O   . LEU A 1 64  ? 11.615  13.532  15.356  1.00 18.13 ? 63   LEU A O   1 
ATOM   537  C  CB  . LEU A 1 64  ? 9.335   13.963  13.091  1.00 16.48 ? 63   LEU A CB  1 
ATOM   538  C  CG  . LEU A 1 64  ? 9.066   14.376  11.666  1.00 19.04 ? 63   LEU A CG  1 
ATOM   539  C  CD1 . LEU A 1 64  ? 7.755   15.156  11.603  1.00 18.17 ? 63   LEU A CD1 1 
ATOM   540  C  CD2 . LEU A 1 64  ? 10.268  15.105  11.140  1.00 18.22 ? 63   LEU A CD2 1 
ATOM   541  N  N   . PHE A 1 65  ? 10.089  11.907  15.433  1.00 16.80 ? 64   PHE A N   1 
ATOM   542  C  CA  . PHE A 1 65  ? 10.363  11.575  16.853  1.00 18.29 ? 64   PHE A CA  1 
ATOM   543  C  C   . PHE A 1 65  ? 11.755  11.010  17.037  1.00 18.31 ? 64   PHE A C   1 
ATOM   544  O  O   . PHE A 1 65  ? 12.450  11.291  18.041  1.00 19.80 ? 64   PHE A O   1 
ATOM   545  C  CB  . PHE A 1 65  ? 9.382   10.532  17.355  1.00 21.27 ? 64   PHE A CB  1 
ATOM   546  C  CG  . PHE A 1 65  ? 9.483   10.283  18.832  1.00 22.61 ? 64   PHE A CG  1 
ATOM   547  C  CD1 . PHE A 1 65  ? 8.742   11.049  19.724  1.00 25.64 ? 64   PHE A CD1 1 
ATOM   548  C  CD2 . PHE A 1 65  ? 10.341  9.329   19.321  1.00 23.06 ? 64   PHE A CD2 1 
ATOM   549  C  CE1 . PHE A 1 65  ? 8.844   10.803  21.107  1.00 25.01 ? 64   PHE A CE1 1 
ATOM   550  C  CE2 . PHE A 1 65  ? 10.472  9.094   20.668  1.00 23.62 ? 64   PHE A CE2 1 
ATOM   551  C  CZ  . PHE A 1 65  ? 9.699   9.820   21.565  1.00 23.12 ? 64   PHE A CZ  1 
ATOM   552  N  N   . LEU A 1 66  ? 12.223  10.259  16.055  1.00 18.06 ? 65   LEU A N   1 
ATOM   553  C  CA  . LEU A 1 66  ? 13.573  9.681   16.094  1.00 17.42 ? 65   LEU A CA  1 
ATOM   554  C  C   . LEU A 1 66  ? 14.648  10.663  15.668  1.00 16.76 ? 65   LEU A C   1 
ATOM   555  O  O   . LEU A 1 66  ? 15.820  10.262  15.410  1.00 16.19 ? 65   LEU A O   1 
ATOM   556  C  CB  . LEU A 1 66  ? 13.683  8.396   15.272  1.00 17.33 ? 65   LEU A CB  1 
ATOM   557  C  CG  . LEU A 1 66  ? 12.831  7.260   15.823  1.00 17.39 ? 65   LEU A CG  1 
ATOM   558  C  CD1 . LEU A 1 66  ? 12.935  6.094   14.878  1.00 16.93 ? 65   LEU A CD1 1 
ATOM   559  C  CD2 . LEU A 1 66  ? 13.279  6.889   17.237  1.00 17.90 ? 65   LEU A CD2 1 
ATOM   560  N  N   . GLU A 1 67  ? 14.225  11.932  15.514  1.00 17.09 ? 66   GLU A N   1 
ATOM   561  C  CA  . GLU A 1 67  ? 15.175  13.043  15.148  1.00 19.92 ? 66   GLU A CA  1 
ATOM   562  C  C   . GLU A 1 67  ? 15.754  12.903  13.756  1.00 22.18 ? 66   GLU A C   1 
ATOM   563  O  O   . GLU A 1 67  ? 16.821  13.425  13.470  1.00 22.54 ? 66   GLU A O   1 
ATOM   564  C  CB  . GLU A 1 67  ? 16.327  13.184  16.162  1.00 23.06 ? 66   GLU A CB  1 
ATOM   565  C  CG  . GLU A 1 67  ? 15.901  13.459  17.597  1.00 25.59 ? 66   GLU A CG  1 
ATOM   566  C  CD  . GLU A 1 67  ? 17.043  14.042  18.420  1.00 31.31 ? 66   GLU A CD  1 
ATOM   567  O  OE1 . GLU A 1 67  ? 18.068  13.357  18.626  1.00 30.77 ? 66   GLU A OE1 1 
ATOM   568  O  OE2 . GLU A 1 67  ? 16.920  15.240  18.808  1.00 37.05 ? 66   GLU A OE2 1 
ATOM   569  N  N   . GLY A 1 68  ? 14.999  12.251  12.873  1.00 19.42 ? 67   GLY A N   1 
ATOM   570  C  CA  . GLY A 1 68  ? 15.394  12.130  11.456  1.00 21.65 ? 67   GLY A CA  1 
ATOM   571  C  C   . GLY A 1 68  ? 14.515  13.117  10.695  1.00 17.48 ? 67   GLY A C   1 
ATOM   572  O  O   . GLY A 1 68  ? 13.590  13.740  11.253  1.00 20.95 ? 67   GLY A O   1 
ATOM   573  N  N   . LEU A 1 69  ? 14.737  13.167  9.395   1.00 20.50 ? 68   LEU A N   1 
ATOM   574  C  CA  . LEU A 1 69  ? 13.786  13.844  8.500   1.00 20.65 ? 68   LEU A CA  1 
ATOM   575  C  C   . LEU A 1 69  ? 13.384  12.980  7.309   1.00 18.33 ? 68   LEU A C   1 
ATOM   576  O  O   . LEU A 1 69  ? 14.165  12.140  6.838   1.00 21.58 ? 68   LEU A O   1 
ATOM   577  C  CB  . LEU A 1 69  ? 14.289  15.205  7.992   1.00 21.20 ? 68   LEU A CB  1 
ATOM   578  C  CG  . LEU A 1 69  ? 14.607  16.322  9.029   1.00 20.17 ? 68   LEU A CG  1 
ATOM   579  C  CD1 . LEU A 1 69  ? 15.453  17.357  8.328   1.00 23.35 ? 68   LEU A CD1 1 
ATOM   580  C  CD2 . LEU A 1 69  ? 13.382  16.963  9.725   1.00 21.05 ? 68   LEU A CD2 1 
ATOM   581  N  N   . PRO A 1 70  ? 12.135  13.184  6.852   1.00 19.42 ? 69   PRO A N   1 
ATOM   582  C  CA  . PRO A 1 70  ? 11.726  12.535  5.602   1.00 20.40 ? 69   PRO A CA  1 
ATOM   583  C  C   . PRO A 1 70  ? 12.705  12.802  4.493   1.00 20.05 ? 69   PRO A C   1 
ATOM   584  O  O   . PRO A 1 70  ? 13.015  13.984  4.236   1.00 20.71 ? 69   PRO A O   1 
ATOM   585  C  CB  . PRO A 1 70  ? 10.386  13.171  5.321   1.00 19.76 ? 69   PRO A CB  1 
ATOM   586  C  CG  . PRO A 1 70  ? 9.829   13.503  6.663   1.00 21.60 ? 69   PRO A CG  1 
ATOM   587  C  CD  . PRO A 1 70  ? 11.028  13.949  7.461   1.00 18.17 ? 69   PRO A CD  1 
ATOM   588  N  N   . ASN A 1 71  ? 13.218  11.717  3.914   1.00 21.34 ? 70   ASN A N   1 
ATOM   589  C  CA  . ASN A 1 71  ? 14.234  11.720  2.862   1.00 24.20 ? 70   ASN A CA  1 
ATOM   590  C  C   . ASN A 1 71  ? 14.030  10.485  2.020   1.00 26.29 ? 70   ASN A C   1 
ATOM   591  O  O   . ASN A 1 71  ? 14.178  9.361   2.520   1.00 26.31 ? 70   ASN A O   1 
ATOM   592  C  CB  . ASN A 1 71  ? 15.632  11.736  3.492   1.00 27.67 ? 70   ASN A CB  1 
ATOM   593  C  CG  . ASN A 1 71  ? 16.759  11.515  2.480   1.00 29.84 ? 70   ASN A CG  1 
ATOM   594  O  OD1 . ASN A 1 71  ? 16.568  11.593  1.272   1.00 33.45 ? 70   ASN A OD1 1 
ATOM   595  N  ND2 . ASN A 1 71  ? 17.947  11.246  2.990   1.00 31.09 ? 70   ASN A ND2 1 
ATOM   596  N  N   . LEU A 1 72  ? 13.746  10.669  0.740   1.00 29.95 ? 71   LEU A N   1 
ATOM   597  C  CA  . LEU A 1 72  ? 13.140  9.608   -0.072  1.00 34.20 ? 71   LEU A CA  1 
ATOM   598  C  C   . LEU A 1 72  ? 13.972  9.027   -1.200  1.00 39.22 ? 71   LEU A C   1 
ATOM   599  O  O   . LEU A 1 72  ? 14.678  9.728   -1.908  1.00 37.62 ? 71   LEU A O   1 
ATOM   600  C  CB  . LEU A 1 72  ? 11.818  10.110  -0.650  1.00 34.40 ? 71   LEU A CB  1 
ATOM   601  C  CG  . LEU A 1 72  ? 10.730  10.083  0.403   1.00 36.01 ? 71   LEU A CG  1 
ATOM   602  C  CD1 . LEU A 1 72  ? 9.557   10.930  -0.029  1.00 38.34 ? 71   LEU A CD1 1 
ATOM   603  C  CD2 . LEU A 1 72  ? 10.303  8.642   0.636   1.00 34.65 ? 71   LEU A CD2 1 
ATOM   604  N  N   . GLN A 1 73  ? 13.842  7.718   -1.364  1.00 49.75 ? 72   GLN A N   1 
ATOM   605  C  CA  . GLN A 1 73  ? 14.417  7.022   -2.515  1.00 56.96 ? 72   GLN A CA  1 
ATOM   606  C  C   . GLN A 1 73  ? 13.575  7.394   -3.719  1.00 56.77 ? 72   GLN A C   1 
ATOM   607  O  O   . GLN A 1 73  ? 12.440  7.862   -3.577  1.00 56.68 ? 72   GLN A O   1 
ATOM   608  C  CB  . GLN A 1 73  ? 14.367  5.513   -2.304  1.00 62.62 ? 72   GLN A CB  1 
ATOM   609  C  CG  . GLN A 1 73  ? 15.114  5.048   -1.061  1.00 67.44 ? 72   GLN A CG  1 
ATOM   610  C  CD  . GLN A 1 73  ? 14.779  3.625   -0.664  1.00 72.53 ? 72   GLN A CD  1 
ATOM   611  O  OE1 . GLN A 1 73  ? 13.642  3.173   -0.821  1.00 75.93 ? 72   GLN A OE1 1 
ATOM   612  N  NE2 . GLN A 1 73  ? 15.771  2.909   -0.131  1.00 76.57 ? 72   GLN A NE2 1 
ATOM   613  N  N   . ASP A 1 74  ? 14.137  7.204   -4.903  1.00 55.95 ? 73   ASP A N   1 
ATOM   614  C  CA  . ASP A 1 74  ? 13.416  7.462   -6.137  1.00 54.38 ? 73   ASP A CA  1 
ATOM   615  C  C   . ASP A 1 74  ? 12.111  6.648   -6.069  1.00 53.51 ? 73   ASP A C   1 
ATOM   616  O  O   . ASP A 1 74  ? 12.134  5.472   -5.681  1.00 52.54 ? 73   ASP A O   1 
ATOM   617  C  CB  . ASP A 1 74  ? 14.297  7.068   -7.335  1.00 54.68 ? 73   ASP A CB  1 
ATOM   618  C  CG  . ASP A 1 74  ? 13.766  7.586   -8.661  1.00 52.21 ? 73   ASP A CG  1 
ATOM   619  O  OD1 . ASP A 1 74  ? 12.595  7.274   -8.978  1.00 46.98 ? 73   ASP A OD1 1 
ATOM   620  O  OD2 . ASP A 1 74  ? 14.522  8.279   -9.388  1.00 51.92 ? 73   ASP A OD2 1 
ATOM   621  N  N   . LEU A 1 75  ? 10.980  7.291   -6.386  1.00 50.58 ? 74   LEU A N   1 
ATOM   622  C  CA  . LEU A 1 75  ? 9.655   6.652   -6.269  1.00 49.65 ? 74   LEU A CA  1 
ATOM   623  C  C   . LEU A 1 75  ? 9.254   5.969   -7.585  1.00 50.93 ? 74   LEU A C   1 
ATOM   624  O  O   . LEU A 1 75  ? 8.229   5.273   -7.649  1.00 46.47 ? 74   LEU A O   1 
ATOM   625  C  CB  . LEU A 1 75  ? 8.574   7.661   -5.808  1.00 49.01 ? 74   LEU A CB  1 
ATOM   626  C  CG  . LEU A 1 75  ? 8.633   8.308   -4.400  1.00 46.89 ? 74   LEU A CG  1 
ATOM   627  C  CD1 . LEU A 1 75  ? 7.242   8.634   -3.862  1.00 46.62 ? 74   LEU A CD1 1 
ATOM   628  C  CD2 . LEU A 1 75  ? 9.341   7.435   -3.381  1.00 47.03 ? 74   LEU A CD2 1 
ATOM   629  N  N   . GLY A 1 76  ? 10.056  6.189   -8.631  1.00 50.08 ? 75   GLY A N   1 
ATOM   630  C  CA  . GLY A 1 76  ? 10.000  5.381   -9.853  1.00 45.87 ? 75   GLY A CA  1 
ATOM   631  C  C   . GLY A 1 76  ? 8.838   5.656   -10.791 1.00 42.43 ? 75   GLY A C   1 
ATOM   632  O  O   . GLY A 1 76  ? 8.246   6.750   -10.786 1.00 37.94 ? 75   GLY A O   1 
ATOM   633  N  N   . LYS A 1 77  ? 8.532   4.642   -11.600 1.00 39.19 ? 76   LYS A N   1 
ATOM   634  C  CA  . LYS A 1 77  ? 7.418   4.683   -12.549 1.00 42.90 ? 76   LYS A CA  1 
ATOM   635  C  C   . LYS A 1 77  ? 6.182   4.030   -11.893 1.00 36.71 ? 76   LYS A C   1 
ATOM   636  O  O   . LYS A 1 77  ? 6.318   3.020   -11.199 1.00 37.48 ? 76   LYS A O   1 
ATOM   637  C  CB  . LYS A 1 77  ? 7.821   3.946   -13.828 1.00 46.14 ? 76   LYS A CB  1 
ATOM   638  C  CG  . LYS A 1 77  ? 7.423   4.612   -15.141 1.00 54.05 ? 76   LYS A CG  1 
ATOM   639  C  CD  . LYS A 1 77  ? 8.565   4.541   -16.163 1.00 61.31 ? 76   LYS A CD  1 
ATOM   640  C  CE  . LYS A 1 77  ? 8.078   4.434   -17.603 1.00 67.85 ? 76   LYS A CE  1 
ATOM   641  N  NZ  . LYS A 1 77  ? 6.945   5.354   -17.911 1.00 72.04 ? 76   LYS A NZ  1 
ATOM   642  N  N   . LEU A 1 78  ? 5.005   4.628   -12.066 1.00 31.37 ? 77   LEU A N   1 
ATOM   643  C  CA  . LEU A 1 78  ? 3.752   3.977   -11.660 1.00 26.62 ? 77   LEU A CA  1 
ATOM   644  C  C   . LEU A 1 78  ? 3.351   3.211   -12.873 1.00 22.47 ? 77   LEU A C   1 
ATOM   645  O  O   . LEU A 1 78  ? 3.330   3.759   -13.959 1.00 21.50 ? 77   LEU A O   1 
ATOM   646  C  CB  . LEU A 1 78  ? 2.644   4.982   -11.430 1.00 28.74 ? 77   LEU A CB  1 
ATOM   647  C  CG  . LEU A 1 78  ? 2.639   5.811   -10.164 1.00 31.09 ? 77   LEU A CG  1 
ATOM   648  C  CD1 . LEU A 1 78  ? 1.704   6.999   -10.342 1.00 32.81 ? 77   LEU A CD1 1 
ATOM   649  C  CD2 . LEU A 1 78  ? 2.189   4.958   -9.021  1.00 31.79 ? 77   LEU A CD2 1 
ATOM   650  N  N   . ASN A 1 79  ? 3.008   1.947   -12.696 1.00 18.19 ? 78   ASN A N   1 
ATOM   651  C  CA  . ASN A 1 79  ? 2.508   1.127   -13.794 1.00 18.54 ? 78   ASN A CA  1 
ATOM   652  C  C   . ASN A 1 79  ? 0.996   1.096   -13.607 1.00 16.00 ? 78   ASN A C   1 
ATOM   653  O  O   . ASN A 1 79  ? 0.488   0.248   -12.958 1.00 17.87 ? 78   ASN A O   1 
ATOM   654  C  CB  . ASN A 1 79  ? 3.142   -0.264  -13.736 1.00 20.33 ? 78   ASN A CB  1 
ATOM   655  C  CG  . ASN A 1 79  ? 2.642   -1.189  -14.821 1.00 25.16 ? 78   ASN A CG  1 
ATOM   656  O  OD1 . ASN A 1 79  ? 2.220   -0.746  -15.875 1.00 27.88 ? 78   ASN A OD1 1 
ATOM   657  N  ND2 . ASN A 1 79  ? 2.770   -2.479  -14.592 1.00 27.49 ? 78   ASN A ND2 1 
ATOM   658  N  N   . ILE A 1 80  ? 0.318   2.024   -14.222 1.00 14.57 ? 79   ILE A N   1 
ATOM   659  C  CA  . ILE A 1 80  ? -1.077  2.246   -13.955 1.00 13.32 ? 79   ILE A CA  1 
ATOM   660  C  C   . ILE A 1 80  ? -1.946  1.069   -14.447 1.00 14.32 ? 79   ILE A C   1 
ATOM   661  O  O   . ILE A 1 80  ? -2.922  0.620   -13.769 1.00 13.19 ? 79   ILE A O   1 
ATOM   662  C  CB  . ILE A 1 80  ? -1.547  3.589   -14.572 1.00 13.77 ? 79   ILE A CB  1 
ATOM   663  C  CG1 . ILE A 1 80  ? -0.879  4.752   -13.841 1.00 14.23 ? 79   ILE A CG1 1 
ATOM   664  C  CG2 . ILE A 1 80  ? -3.033  3.658   -14.406 1.00 13.60 ? 79   ILE A CG2 1 
ATOM   665  C  CD1 . ILE A 1 80  ? -1.252  4.919   -12.381 1.00 15.78 ? 79   ILE A CD1 1 
ATOM   666  N  N   . GLY A 1 81  ? -1.678  0.580   -15.618 1.00 13.83 ? 80   GLY A N   1 
ATOM   667  C  CA  . GLY A 1 81  ? -2.448  -0.509  -16.208 1.00 13.46 ? 80   GLY A CA  1 
ATOM   668  C  C   . GLY A 1 81  ? -3.506  0.071   -17.159 1.00 12.98 ? 80   GLY A C   1 
ATOM   669  O  O   . GLY A 1 81  ? -3.947  1.234   -17.058 1.00 13.75 ? 80   GLY A O   1 
ATOM   670  N  N   . GLU A 1 82  ? -3.982  -0.723  -18.099 1.00 13.17 ? 81   GLU A N   1 
ATOM   671  C  CA  . GLU A 1 82  ? -4.858  -0.213  -19.170 1.00 14.00 ? 81   GLU A CA  1 
ATOM   672  C  C   . GLU A 1 82  ? -6.238  -0.821  -19.112 1.00 12.96 ? 81   GLU A C   1 
ATOM   673  O  O   . GLU A 1 82  ? -7.107  -0.542  -19.925 1.00 15.54 ? 81   GLU A O   1 
ATOM   674  C  CB  . GLU A 1 82  ? -4.236  -0.514  -20.535 1.00 17.39 ? 81   GLU A CB  1 
ATOM   675  C  CG  . GLU A 1 82  ? -2.801  -0.011  -20.676 1.00 20.55 ? 81   GLU A CG  1 
ATOM   676  C  CD  . GLU A 1 82  ? -2.267  -0.078  -22.097 1.00 26.07 ? 81   GLU A CD  1 
ATOM   677  O  OE1 . GLU A 1 82  ? -2.557  -1.061  -22.839 1.00 31.22 ? 81   GLU A OE1 1 
ATOM   678  O  OE2 . GLU A 1 82  ? -1.514  0.844   -22.454 1.00 30.67 ? 81   GLU A OE2 1 
ATOM   679  N  N   . ASP A 1 83  ? -6.386  -1.805  -18.254 1.00 10.65 ? 82   ASP A N   1 
ATOM   680  C  CA  . ASP A 1 83  ? -7.656  -2.428  -18.030 1.00 10.86 ? 82   ASP A CA  1 
ATOM   681  C  C   . ASP A 1 83  ? -7.715  -2.807  -16.575 1.00 9.90  ? 82   ASP A C   1 
ATOM   682  O  O   . ASP A 1 83  ? -6.738  -2.696  -15.885 1.00 8.64  ? 82   ASP A O   1 
ATOM   683  C  CB  . ASP A 1 83  ? -7.943  -3.581  -19.003 1.00 11.95 ? 82   ASP A CB  1 
ATOM   684  C  CG  . ASP A 1 83  ? -7.197  -4.911  -18.699 1.00 13.78 ? 82   ASP A CG  1 
ATOM   685  O  OD1 . ASP A 1 83  ? -6.912  -5.231  -17.553 1.00 11.81 ? 82   ASP A OD1 1 
ATOM   686  O  OD2 . ASP A 1 83  ? -6.995  -5.749  -19.597 1.00 18.87 ? 82   ASP A OD2 1 
ATOM   687  N  N   . VAL A 1 84  ? -8.884  -3.198  -16.081 1.00 8.91  ? 83   VAL A N   1 
ATOM   688  C  CA  . VAL A 1 84  ? -9.125  -3.371  -14.696 1.00 7.79  ? 83   VAL A CA  1 
ATOM   689  C  C   . VAL A 1 84  ? -8.233  -4.449  -14.109 1.00 7.39  ? 83   VAL A C   1 
ATOM   690  O  O   . VAL A 1 84  ? -7.723  -4.272  -12.997 1.00 8.25  ? 83   VAL A O   1 
ATOM   691  C  CB  . VAL A 1 84  ? -10.663 -3.670  -14.396 1.00 8.42  ? 83   VAL A CB  1 
ATOM   692  C  CG1 . VAL A 1 84  ? -10.892 -4.178  -12.990 1.00 9.11  ? 83   VAL A CG1 1 
ATOM   693  C  CG2 . VAL A 1 84  ? -11.443 -2.405  -14.706 1.00 8.72  ? 83   VAL A CG2 1 
ATOM   694  N  N   . GLU A 1 85  ? -8.068  -5.532  -14.833 1.00 7.04  ? 84   GLU A N   1 
ATOM   695  C  CA  . GLU A 1 85  ? -7.201  -6.583  -14.324 1.00 6.75  ? 84   GLU A CA  1 
ATOM   696  C  C   . GLU A 1 85  ? -5.764  -6.099  -14.198 1.00 6.88  ? 84   GLU A C   1 
ATOM   697  O  O   . GLU A 1 85  ? -5.080  -6.367  -13.224 1.00 7.58  ? 84   GLU A O   1 
ATOM   698  C  CB  . GLU A 1 85  ? -7.225  -7.802  -15.313 1.00 7.47  ? 84   GLU A CB  1 
ATOM   699  C  CG  . GLU A 1 85  ? -6.424  -8.964  -14.792 1.00 7.69  ? 84   GLU A CG  1 
ATOM   700  C  CD  . GLU A 1 85  ? -6.437  -10.125 -15.783 1.00 8.41  ? 84   GLU A CD  1 
ATOM   701  O  OE1 . GLU A 1 85  ? -7.133  -10.010 -16.822 1.00 8.97  ? 84   GLU A OE1 1 
ATOM   702  O  OE2 . GLU A 1 85  ? -5.847  -11.235 -15.489 1.00 8.11  ? 84   GLU A OE2 1 
ATOM   703  N  N   . GLU A 1 86  ? -5.241  -5.437  -15.217 1.00 7.93  ? 85   GLU A N   1 
ATOM   704  C  CA  . GLU A 1 86  ? -3.869  -4.903  -15.127 1.00 7.90  ? 85   GLU A CA  1 
ATOM   705  C  C   . GLU A 1 86  ? -3.735  -3.944  -13.965 1.00 7.70  ? 85   GLU A C   1 
ATOM   706  O  O   . GLU A 1 86  ? -2.699  -3.959  -13.286 1.00 8.50  ? 85   GLU A O   1 
ATOM   707  C  CB  . GLU A 1 86  ? -3.517  -4.205  -16.397 1.00 9.14  ? 85   GLU A CB  1 
ATOM   708  C  CG  . GLU A 1 86  ? -3.295  -5.109  -17.609 1.00 11.28 ? 85   GLU A CG  1 
ATOM   709  C  CD  . GLU A 1 86  ? -2.787  -4.354  -18.826 1.00 14.32 ? 85   GLU A CD  1 
ATOM   710  O  OE1 . GLU A 1 86  ? -2.642  -3.063  -18.819 1.00 16.10 ? 85   GLU A OE1 1 
ATOM   711  O  OE2 . GLU A 1 86  ? -2.499  -5.086  -19.850 1.00 17.84 ? 85   GLU A OE2 1 
ATOM   712  N  N   . MET A 1 87  ? -4.757  -3.123  -13.731 1.00 7.25  ? 86   MET A N   1 
ATOM   713  C  CA  . MET A 1 87  ? -4.713  -2.156  -12.617 1.00 7.25  ? 86   MET A CA  1 
ATOM   714  C  C   . MET A 1 87  ? -4.572  -2.865  -11.284 1.00 7.39  ? 86   MET A C   1 
ATOM   715  O  O   . MET A 1 87  ? -3.692  -2.574  -10.445 1.00 7.14  ? 86   MET A O   1 
ATOM   716  C  CB  . MET A 1 87  ? -5.922  -1.217  -12.626 1.00 8.37  ? 86   MET A CB  1 
ATOM   717  C  CG  . MET A 1 87  ? -5.971  -0.405  -13.933 1.00 8.54  ? 86   MET A CG  1 
ATOM   718  S  SD  . MET A 1 87  ? -7.604  0.236   -14.361 1.00 10.58 ? 86   MET A SD  1 
ATOM   719  C  CE  . MET A 1 87  ? -7.995  1.412   -13.095 1.00 11.98 ? 86   MET A CE  1 
ATOM   720  N  N   . LEU A 1 88  ? -5.484  -3.783  -11.036 1.00 7.09  ? 87   LEU A N   1 
ATOM   721  C  CA  . LEU A 1 88  ? -5.442  -4.539  -9.800  1.00 7.07  ? 87   LEU A CA  1 
ATOM   722  C  C   . LEU A 1 88  ? -4.150  -5.343  -9.623  1.00 7.03  ? 87   LEU A C   1 
ATOM   723  O  O   . LEU A 1 88  ? -3.624  -5.441  -8.535  1.00 7.18  ? 87   LEU A O   1 
ATOM   724  C  CB  . LEU A 1 88  ? -6.666  -5.493  -9.692  1.00 7.44  ? 87   LEU A CB  1 
ATOM   725  C  CG  . LEU A 1 88  ? -8.023  -4.799  -9.648  1.00 8.48  ? 87   LEU A CG  1 
ATOM   726  C  CD1 . LEU A 1 88  ? -9.158  -5.748  -9.643  1.00 10.67 ? 87   LEU A CD1 1 
ATOM   727  C  CD2 . LEU A 1 88  ? -8.179  -3.752  -8.502  1.00 8.96  ? 87   LEU A CD2 1 
ATOM   728  N  N   . ARG A 1 89  ? -3.698  -5.960  -10.714 1.00 6.98  ? 88   ARG A N   1 
ATOM   729  C  CA  . ARG A 1 89  ? -2.445  -6.750  -10.649 1.00 7.42  ? 88   ARG A CA  1 
ATOM   730  C  C   . ARG A 1 89  ? -1.223  -5.844  -10.296 1.00 6.44  ? 88   ARG A C   1 
ATOM   731  O  O   . ARG A 1 89  ? -0.326  -6.259  -9.588  1.00 6.66  ? 88   ARG A O   1 
ATOM   732  C  CB  . ARG A 1 89  ? -2.265  -7.566  -11.890 1.00 9.42  ? 88   ARG A CB  1 
ATOM   733  C  CG  . ARG A 1 89  ? -1.084  -8.474  -11.771 1.00 11.78 ? 88   ARG A CG  1 
ATOM   734  C  CD  . ARG A 1 89  ? -1.132  -9.641  -12.776 1.00 12.68 ? 88   ARG A CD  1 
ATOM   735  N  NE  . ARG A 1 89  ? -2.024  -10.614 -12.209 1.00 14.58 ? 88   ARG A NE  1 
ATOM   736  C  CZ  . ARG A 1 89  ? -3.250  -10.949 -12.659 1.00 13.19 ? 88   ARG A CZ  1 
ATOM   737  N  NH1 . ARG A 1 89  ? -3.678  -10.600 -13.816 1.00 15.23 ? 88   ARG A NH1 1 
ATOM   738  N  NH2 . ARG A 1 89  ? -3.947  -11.813 -11.930 1.00 16.85 ? 88   ARG A NH2 1 
ATOM   739  N  N   . SER A 1 90  ? -1.219  -4.643  -10.829 1.00 6.67  ? 89   SER A N   1 
ATOM   740  C  CA  A SER A 1 90  ? -0.135  -3.668  -10.527 0.50 6.05  ? 89   SER A CA  1 
ATOM   741  C  CA  B SER A 1 90  ? -0.103  -3.714  -10.510 0.50 7.71  ? 89   SER A CA  1 
ATOM   742  C  C   . SER A 1 90  ? -0.266  -3.227  -9.061  1.00 7.08  ? 89   SER A C   1 
ATOM   743  O  O   . SER A 1 90  ? 0.762   -3.059  -8.346  1.00 7.86  ? 89   SER A O   1 
ATOM   744  C  CB  A SER A 1 90  ? -0.251  -2.435  -11.417 0.50 5.65  ? 89   SER A CB  1 
ATOM   745  C  CB  B SER A 1 90  ? -0.142  -2.534  -11.433 0.50 9.42  ? 89   SER A CB  1 
ATOM   746  O  OG  A SER A 1 90  ? 0.739   -1.501  -11.046 0.50 4.26  ? 89   SER A OG  1 
ATOM   747  O  OG  B SER A 1 90  ? -1.425  -2.030  -11.337 0.50 13.37 ? 89   SER A OG  1 
ATOM   748  N  N   . ASP A 1 91  ? -1.509  -3.028  -8.566  1.00 6.81  ? 90   ASP A N   1 
ATOM   749  C  CA  . ASP A 1 91  ? -1.672  -2.712  -7.106  1.00 6.75  ? 90   ASP A CA  1 
ATOM   750  C  C   . ASP A 1 91  ? -1.146  -3.848  -6.255  1.00 6.22  ? 90   ASP A C   1 
ATOM   751  O  O   . ASP A 1 91  ? -0.516  -3.609  -5.249  1.00 6.31  ? 90   ASP A O   1 
ATOM   752  C  CB  . ASP A 1 91  ? -3.157  -2.376  -6.724  1.00 6.92  ? 90   ASP A CB  1 
ATOM   753  C  CG  . ASP A 1 91  ? -3.661  -1.144  -7.378  1.00 8.04  ? 90   ASP A CG  1 
ATOM   754  O  OD1 . ASP A 1 91  ? -2.905  -0.196  -7.560  1.00 10.17 ? 90   ASP A OD1 1 
ATOM   755  O  OD2 . ASP A 1 91  ? -4.868  -1.104  -7.693  1.00 9.08  ? 90   ASP A OD2 1 
ATOM   756  N  N   . LEU A 1 92  ? -1.416  -5.085  -6.681  1.00 6.35  ? 91   LEU A N   1 
ATOM   757  C  CA  . LEU A 1 92  ? -0.963  -6.255  -5.931  1.00 6.79  ? 91   LEU A CA  1 
ATOM   758  C  C   . LEU A 1 92  ? 0.536   -6.339  -5.907  1.00 7.25  ? 91   LEU A C   1 
ATOM   759  O  O   . LEU A 1 92  ? 1.128   -6.608  -4.875  1.00 7.43  ? 91   LEU A O   1 
ATOM   760  C  CB  . LEU A 1 92  ? -1.619  -7.563  -6.478  1.00 6.59  ? 91   LEU A CB  1 
ATOM   761  C  CG  . LEU A 1 92  ? -1.154  -8.826  -5.779  1.00 7.12  ? 91   LEU A CG  1 
ATOM   762  C  CD1 . LEU A 1 92  ? -1.585  -8.832  -4.359  1.00 8.03  ? 91   LEU A CD1 1 
ATOM   763  C  CD2 . LEU A 1 92  ? -1.561  -10.078 -6.574  1.00 7.17  ? 91   LEU A CD2 1 
ATOM   764  N  N   . ALA A 1 93  ? 1.160   -6.012  -7.030  1.00 7.42  ? 92   ALA A N   1 
ATOM   765  C  CA  . ALA A 1 93  ? 2.638   -6.012  -7.094  1.00 7.44  ? 92   ALA A CA  1 
ATOM   766  C  C   . ALA A 1 93  ? 3.220   -5.007  -6.104  1.00 7.99  ? 92   ALA A C   1 
ATOM   767  O  O   . ALA A 1 93  ? 4.123   -5.323  -5.352  1.00 8.96  ? 92   ALA A O   1 
ATOM   768  C  CB  . ALA A 1 93  ? 3.117   -5.699  -8.522  1.00 7.71  ? 92   ALA A CB  1 
ATOM   769  N  N   . LEU A 1 94  ? 2.693   -3.792  -6.069  1.00 8.53  ? 93   LEU A N   1 
ATOM   770  C  CA  . LEU A 1 94  ? 3.139   -2.787  -5.073  1.00 8.69  ? 93   LEU A CA  1 
ATOM   771  C  C   . LEU A 1 94  ? 2.952   -3.308  -3.678  1.00 8.57  ? 93   LEU A C   1 
ATOM   772  O  O   . LEU A 1 94  ? 3.821   -3.177  -2.858  1.00 9.59  ? 93   LEU A O   1 
ATOM   773  C  CB  . LEU A 1 94  ? 2.405   -1.479  -5.254  1.00 9.84  ? 93   LEU A CB  1 
ATOM   774  C  CG  . LEU A 1 94  ? 2.688   -0.591  -6.468  1.00 11.55 ? 93   LEU A CG  1 
ATOM   775  C  CD1 . LEU A 1 94  ? 1.771   0.656   -6.322  1.00 13.83 ? 93   LEU A CD1 1 
ATOM   776  C  CD2 . LEU A 1 94  ? 4.202   -0.255  -6.488  1.00 12.86 ? 93   LEU A CD2 1 
ATOM   777  N  N   . GLU A 1 95  ? 1.783   -3.865  -3.404  1.00 7.23  ? 94   GLU A N   1 
ATOM   778  C  CA  . GLU A 1 95  ? 1.494   -4.297  -2.046  1.00 7.79  ? 94   GLU A CA  1 
ATOM   779  C  C   . GLU A 1 95  ? 2.431   -5.415  -1.608  1.00 7.42  ? 94   GLU A C   1 
ATOM   780  O  O   . GLU A 1 95  ? 2.794   -5.505  -0.452  1.00 6.98  ? 94   GLU A O   1 
ATOM   781  C  CB  . GLU A 1 95  ? 0.055   -4.785  -1.900  1.00 8.04  ? 94   GLU A CB  1 
ATOM   782  C  CG  . GLU A 1 95  ? -0.989  -3.669  -1.991  1.00 8.19  ? 94   GLU A CG  1 
ATOM   783  C  CD  . GLU A 1 95  ? -1.103  -2.784  -0.780  1.00 10.11 ? 94   GLU A CD  1 
ATOM   784  O  OE1 . GLU A 1 95  ? -0.530  -2.986  0.316   1.00 9.21  ? 94   GLU A OE1 1 
ATOM   785  O  OE2 . GLU A 1 95  ? -1.916  -1.856  -0.918  1.00 9.56  ? 94   GLU A OE2 1 
ATOM   786  N  N   . LEU A 1 96  ? 2.676   -6.383  -2.509  1.00 7.73  ? 95   LEU A N   1 
ATOM   787  C  CA  . LEU A 1 96  ? 3.531   -7.552  -2.141  1.00 7.72  ? 95   LEU A CA  1 
ATOM   788  C  C   . LEU A 1 96  ? 4.972   -7.061  -1.871  1.00 8.11  ? 95   LEU A C   1 
ATOM   789  O  O   . LEU A 1 96  ? 5.603   -7.493  -0.917  1.00 8.60  ? 95   LEU A O   1 
ATOM   790  C  CB  . LEU A 1 96  ? 3.499   -8.620  -3.248  1.00 8.22  ? 95   LEU A CB  1 
ATOM   791  C  CG  . LEU A 1 96  ? 2.138   -9.292  -3.272  1.00 8.19  ? 95   LEU A CG  1 
ATOM   792  C  CD1 . LEU A 1 96  ? 2.103   -10.233 -4.477  1.00 8.76  ? 95   LEU A CD1 1 
ATOM   793  C  CD2 . LEU A 1 96  ? 1.836   -10.180 -2.054  1.00 8.05  ? 95   LEU A CD2 1 
ATOM   794  N  N   . ASP A 1 97  ? 5.444   -6.173  -2.702  1.00 8.31  ? 96   ASP A N   1 
ATOM   795  C  CA  . ASP A 1 97  ? 6.816   -5.656  -2.487  1.00 9.61  ? 96   ASP A CA  1 
ATOM   796  C  C   . ASP A 1 97  ? 6.824   -4.834  -1.154  1.00 9.42  ? 96   ASP A C   1 
ATOM   797  O  O   . ASP A 1 97  ? 7.749   -4.948  -0.358  1.00 11.49 ? 96   ASP A O   1 
ATOM   798  C  CB  . ASP A 1 97  ? 7.206   -4.806  -3.654  1.00 10.74 ? 96   ASP A CB  1 
ATOM   799  C  CG  . ASP A 1 97  ? 7.714   -5.591  -4.809  1.00 15.48 ? 96   ASP A CG  1 
ATOM   800  O  OD1 . ASP A 1 97  ? 8.070   -6.810  -4.664  1.00 21.30 ? 96   ASP A OD1 1 
ATOM   801  O  OD2 . ASP A 1 97  ? 7.830   -4.925  -5.899  1.00 22.17 ? 96   ASP A OD2 1 
ATOM   802  N  N   . GLY A 1 98  ? 5.765   -4.071  -0.897  1.00 8.94  ? 97   GLY A N   1 
ATOM   803  C  CA  . GLY A 1 98  ? 5.729   -3.221  0.227   1.00 8.12  ? 97   GLY A CA  1 
ATOM   804  C  C   . GLY A 1 98  ? 5.717   -4.051  1.525   1.00 8.30  ? 97   GLY A C   1 
ATOM   805  O  O   . GLY A 1 98  ? 6.332   -3.711  2.509   1.00 8.56  ? 97   GLY A O   1 
ATOM   806  N  N   . ALA A 1 99  ? 4.956   -5.168  1.496   1.00 7.12  ? 98   ALA A N   1 
ATOM   807  C  CA  . ALA A 1 99  ? 4.872   -6.092  2.635   1.00 7.33  ? 98   ALA A CA  1 
ATOM   808  C  C   . ALA A 1 99  ? 6.198   -6.783  2.881   1.00 7.97  ? 98   ALA A C   1 
ATOM   809  O  O   . ALA A 1 99  ? 6.551   -7.034  4.026   1.00 8.59  ? 98   ALA A O   1 
ATOM   810  C  CB  . ALA A 1 99  ? 3.755   -7.140  2.487   1.00 7.47  ? 98   ALA A CB  1 
ATOM   811  N  N   . LYS A 1 100 ? 6.920   -7.132  1.811   1.00 8.14  ? 99   LYS A N   1 
ATOM   812  C  CA  . LYS A 1 100 ? 8.228   -7.719  1.949   1.00 9.04  ? 99   LYS A CA  1 
ATOM   813  C  C   . LYS A 1 100 ? 9.140   -6.715  2.649   1.00 8.29  ? 99   LYS A C   1 
ATOM   814  O  O   . LYS A 1 100 ? 9.871   -7.103  3.589   1.00 8.15  ? 99   LYS A O   1 
ATOM   815  C  CB  . LYS A 1 100 ? 8.793   -8.140  0.573   1.00 11.28 ? 99   LYS A CB  1 
ATOM   816  C  CG  . LYS A 1 100 ? 10.257  -8.529  0.602   1.00 13.00 ? 99   LYS A CG  1 
ATOM   817  C  CD  . LYS A 1 100 ? 10.925  -8.860  -0.752  1.00 16.69 ? 99   LYS A CD  1 
ATOM   818  C  CE  . LYS A 1 100 ? 11.194  -7.687  -1.643  1.00 23.36 ? 99   LYS A CE  1 
ATOM   819  N  NZ  . LYS A 1 100 ? 11.589  -8.135  -3.024  1.00 27.51 ? 99   LYS A NZ  1 
ATOM   820  N  N   . ASN A 1 101 ? 9.140   -5.460  2.188   1.00 9.05  ? 100  ASN A N   1 
ATOM   821  C  CA  . ASN A 1 101 ? 9.985   -4.447  2.845   1.00 8.83  ? 100  ASN A CA  1 
ATOM   822  C  C   . ASN A 1 101 ? 9.561   -4.295  4.320   1.00 8.70  ? 100  ASN A C   1 
ATOM   823  O  O   . ASN A 1 101 ? 10.404  -4.145  5.192   1.00 9.28  ? 100  ASN A O   1 
ATOM   824  C  CB  . ASN A 1 101 ? 9.808   -3.100  2.177   1.00 9.41  ? 100  ASN A CB  1 
ATOM   825  C  CG  . ASN A 1 101 ? 10.282  -3.035  0.765   1.00 12.08 ? 100  ASN A CG  1 
ATOM   826  O  OD1 . ASN A 1 101 ? 11.151  -3.807  0.370   1.00 15.74 ? 100  ASN A OD1 1 
ATOM   827  N  ND2 . ASN A 1 101 ? 9.715   -2.077  -0.006  1.00 13.24 ? 100  ASN A ND2 1 
ATOM   828  N  N   . LEU A 1 102 ? 8.279   -4.339  4.584   1.00 8.76  ? 101  LEU A N   1 
ATOM   829  C  CA  . LEU A 1 102 ? 7.833   -4.109  5.940   1.00 8.78  ? 101  LEU A CA  1 
ATOM   830  C  C   . LEU A 1 102 ? 8.245   -5.254  6.876   1.00 8.67  ? 101  LEU A C   1 
ATOM   831  O  O   . LEU A 1 102 ? 8.668   -5.020  8.020   1.00 8.55  ? 101  LEU A O   1 
ATOM   832  C  CB  . LEU A 1 102 ? 6.311   -3.966  5.934   1.00 10.42 ? 101  LEU A CB  1 
ATOM   833  C  CG  . LEU A 1 102 ? 5.543   -3.401  7.044   1.00 13.44 ? 101  LEU A CG  1 
ATOM   834  C  CD1 . LEU A 1 102 ? 6.163   -2.230  7.721   1.00 13.45 ? 101  LEU A CD1 1 
ATOM   835  C  CD2 . LEU A 1 102 ? 4.149   -3.088  6.582   1.00 13.75 ? 101  LEU A CD2 1 
ATOM   836  N  N   . ARG A 1 103 ? 8.181   -6.497  6.392   1.00 7.86  ? 102  ARG A N   1 
ATOM   837  C  CA  . ARG A 1 103 ? 8.596   -7.624  7.249   1.00 7.81  ? 102  ARG A CA  1 
ATOM   838  C  C   . ARG A 1 103 ? 10.116  -7.499  7.531   1.00 9.24  ? 102  ARG A C   1 
ATOM   839  O  O   . ARG A 1 103 ? 10.566  -7.782  8.615   1.00 8.77  ? 102  ARG A O   1 
ATOM   840  C  CB  . ARG A 1 103 ? 8.207   -8.970  6.606   1.00 8.37  ? 102  ARG A CB  1 
ATOM   841  C  CG  . ARG A 1 103 ? 6.751   -9.284  6.450   1.00 8.19  ? 102  ARG A CG  1 
ATOM   842  C  CD  . ARG A 1 103 ? 6.461   -10.669 5.976   1.00 9.11  ? 102  ARG A CD  1 
ATOM   843  N  NE  . ARG A 1 103 ? 5.180   -10.700 5.370   1.00 9.48  ? 102  ARG A NE  1 
ATOM   844  C  CZ  . ARG A 1 103 ? 4.910   -10.579 4.078   1.00 9.68  ? 102  ARG A CZ  1 
ATOM   845  N  NH1 . ARG A 1 103 ? 5.832   -10.515 3.139   1.00 9.20  ? 102  ARG A NH1 1 
ATOM   846  N  NH2 . ARG A 1 103 ? 3.659   -10.530 3.718   1.00 9.66  ? 102  ARG A NH2 1 
ATOM   847  N  N   . GLU A 1 104 ? 10.872  -7.117  6.502   1.00 8.58  ? 103  GLU A N   1 
ATOM   848  C  CA  . GLU A 1 104 ? 12.339  -6.918  6.681   1.00 9.88  ? 103  GLU A CA  1 
ATOM   849  C  C   . GLU A 1 104 ? 12.540  -5.866  7.779   1.00 9.11  ? 103  GLU A C   1 
ATOM   850  O  O   . GLU A 1 104 ? 13.353  -6.088  8.688   1.00 9.35  ? 103  GLU A O   1 
ATOM   851  C  CB  . GLU A 1 104 ? 13.002  -6.494  5.411   1.00 11.85 ? 103  GLU A CB  1 
ATOM   852  C  CG  . GLU A 1 104 ? 14.547  -6.598  5.448   1.00 16.41 ? 103  GLU A CG  1 
ATOM   853  C  CD  . GLU A 1 104 ? 15.216  -5.923  4.260   1.00 20.39 ? 103  GLU A CD  1 
ATOM   854  O  OE1 . GLU A 1 104 ? 14.590  -6.015  3.167   1.00 27.78 ? 103  GLU A OE1 1 
ATOM   855  O  OE2 . GLU A 1 104 ? 16.328  -5.304  4.381   1.00 24.92 ? 103  GLU A OE2 1 
ATOM   856  N  N   . ALA A 1 105 ? 11.815  -4.766  7.708   1.00 8.00  ? 104  ALA A N   1 
ATOM   857  C  CA  . ALA A 1 105 ? 12.022  -3.653  8.695   1.00 7.90  ? 104  ALA A CA  1 
ATOM   858  C  C   . ALA A 1 105 ? 11.576  -4.067  10.087  1.00 7.32  ? 104  ALA A C   1 
ATOM   859  O  O   . ALA A 1 105 ? 12.223  -3.683  11.059  1.00 7.79  ? 104  ALA A O   1 
ATOM   860  C  CB  . ALA A 1 105 ? 11.253  -2.392  8.263   1.00 8.50  ? 104  ALA A CB  1 
ATOM   861  N  N   . ILE A 1 106 ? 10.438  -4.793  10.214  1.00 7.13  ? 105  ILE A N   1 
ATOM   862  C  CA  . ILE A 1 106 ? 10.010  -5.354  11.496  1.00 7.44  ? 105  ILE A CA  1 
ATOM   863  C  C   . ILE A 1 106 ? 11.062  -6.248  12.137  1.00 7.83  ? 105  ILE A C   1 
ATOM   864  O  O   . ILE A 1 106 ? 11.332  -6.120  13.355  1.00 8.14  ? 105  ILE A O   1 
ATOM   865  C  CB  . ILE A 1 106 ? 8.649   -6.103  11.289  1.00 7.82  ? 105  ILE A CB  1 
ATOM   866  C  CG1 . ILE A 1 106 ? 7.526   -5.078  11.001  1.00 7.64  ? 105  ILE A CG1 1 
ATOM   867  C  CG2 . ILE A 1 106 ? 8.265   -6.949  12.428  1.00 8.38  ? 105  ILE A CG2 1 
ATOM   868  C  CD1 . ILE A 1 106 ? 6.347   -5.721  10.334  1.00 8.71  ? 105  ILE A CD1 1 
ATOM   869  N  N   . GLY A 1 107 ? 11.653  -7.144  11.332  1.00 8.25  ? 106  GLY A N   1 
ATOM   870  C  CA  . GLY A 1 107 ? 12.646  -8.053  11.867  1.00 9.10  ? 106  GLY A CA  1 
ATOM   871  C  C   . GLY A 1 107 ? 13.833  -7.261  12.395  1.00 9.33  ? 106  GLY A C   1 
ATOM   872  O  O   . GLY A 1 107 ? 14.360  -7.541  13.443  1.00 8.46  ? 106  GLY A O   1 
ATOM   873  N  N   . TYR A 1 108 ? 14.244  -6.273  11.603  1.00 9.09  ? 107  TYR A N   1 
ATOM   874  C  CA  . TYR A 1 108 ? 15.386  -5.469  11.946  1.00 9.42  ? 107  TYR A CA  1 
ATOM   875  C  C   . TYR A 1 108 ? 15.126  -4.644  13.224  1.00 8.98  ? 107  TYR A C   1 
ATOM   876  O  O   . TYR A 1 108 ? 15.971  -4.653  14.154  1.00 8.71  ? 107  TYR A O   1 
ATOM   877  C  CB  . TYR A 1 108 ? 15.818  -4.570  10.778  1.00 10.69 ? 107  TYR A CB  1 
ATOM   878  C  CG  . TYR A 1 108 ? 17.063  -3.816  11.223  1.00 11.96 ? 107  TYR A CG  1 
ATOM   879  C  CD1 . TYR A 1 108 ? 18.317  -4.400  11.247  1.00 12.69 ? 107  TYR A CD1 1 
ATOM   880  C  CD2 . TYR A 1 108 ? 16.920  -2.539  11.694  1.00 13.16 ? 107  TYR A CD2 1 
ATOM   881  C  CE1 . TYR A 1 108 ? 19.437  -3.659  11.727  1.00 12.90 ? 107  TYR A CE1 1 
ATOM   882  C  CE2 . TYR A 1 108 ? 17.962  -1.820  12.190  1.00 13.88 ? 107  TYR A CE2 1 
ATOM   883  C  CZ  . TYR A 1 108 ? 19.190  -2.353  12.165  1.00 12.60 ? 107  TYR A CZ  1 
ATOM   884  O  OH  . TYR A 1 108 ? 20.199  -1.502  12.700  1.00 15.65 ? 107  TYR A OH  1 
ATOM   885  N  N   . ALA A 1 109 ? 14.024  -3.916  13.263  1.00 8.39  ? 108  ALA A N   1 
ATOM   886  C  CA  . ALA A 1 109 ? 13.670  -3.093  14.408  1.00 7.77  ? 108  ALA A CA  1 
ATOM   887  C  C   . ALA A 1 109 ? 13.625  -3.971  15.625  1.00 8.01  ? 108  ALA A C   1 
ATOM   888  O  O   . ALA A 1 109 ? 14.104  -3.609  16.722  1.00 8.43  ? 108  ALA A O   1 
ATOM   889  C  CB  . ALA A 1 109 ? 12.357  -2.369  14.181  1.00 8.25  ? 108  ALA A CB  1 
ATOM   890  N  N   . ASP A 1 110 ? 13.027  -5.143  15.514  1.00 8.37  ? 109  ASP A N   1 
ATOM   891  C  CA  . ASP A 1 110 ? 12.942  -6.070  16.661  1.00 8.44  ? 109  ASP A CA  1 
ATOM   892  C  C   . ASP A 1 110 ? 14.335  -6.437  17.174  1.00 8.92  ? 109  ASP A C   1 
ATOM   893  O  O   . ASP A 1 110 ? 14.616  -6.448  18.369  1.00 9.13  ? 109  ASP A O   1 
ATOM   894  C  CB  . ASP A 1 110 ? 12.166  -7.329  16.233  1.00 8.65  ? 109  ASP A CB  1 
ATOM   895  C  CG  . ASP A 1 110 ? 12.033  -8.325  17.379  1.00 8.50  ? 109  ASP A CG  1 
ATOM   896  O  OD1 . ASP A 1 110 ? 11.361  -7.999  18.391  1.00 10.08 ? 109  ASP A OD1 1 
ATOM   897  O  OD2 . ASP A 1 110 ? 12.652  -9.425  17.237  1.00 9.21  ? 109  ASP A OD2 1 
ATOM   898  N  N   . SER A 1 111 ? 15.203  -6.714  16.230  1.00 8.59  ? 110  SER A N   1 
ATOM   899  C  CA  . SER A 1 111 ? 16.544  -7.216  16.517  1.00 10.09 ? 110  SER A CA  1 
ATOM   900  C  C   . SER A 1 111 ? 17.399  -6.217  17.259  1.00 10.60 ? 110  SER A C   1 
ATOM   901  O  O   . SER A 1 111 ? 18.268  -6.665  18.030  1.00 12.52 ? 110  SER A O   1 
ATOM   902  C  CB  . SER A 1 111 ? 17.322  -7.654  15.268  1.00 10.94 ? 110  SER A CB  1 
ATOM   903  O  OG  . SER A 1 111 ? 17.824  -6.602  14.428  1.00 11.80 ? 110  SER A OG  1 
ATOM   904  N  N   . VAL A 1 112 ? 17.173  -4.939  17.037  1.00 9.50  ? 111  VAL A N   1 
ATOM   905  C  CA  . VAL A 1 112 ? 17.977  -3.885  17.669  1.00 9.83  ? 111  VAL A CA  1 
ATOM   906  C  C   . VAL A 1 112 ? 17.184  -3.237  18.808  1.00 9.18  ? 111  VAL A C   1 
ATOM   907  O  O   . VAL A 1 112 ? 17.663  -2.281  19.369  1.00 10.80 ? 111  VAL A O   1 
ATOM   908  C  CB  . VAL A 1 112 ? 18.501  -2.793  16.657  1.00 10.54 ? 111  VAL A CB  1 
ATOM   909  C  CG1 . VAL A 1 112 ? 19.376  -3.432  15.567  1.00 11.00 ? 111  VAL A CG1 1 
ATOM   910  C  CG2 . VAL A 1 112 ? 17.349  -2.018  16.076  1.00 12.28 ? 111  VAL A CG2 1 
ATOM   911  N  N   . ARG A 1 113 ? 16.062  -3.815  19.266  1.00 9.41  ? 112  ARG A N   1 
ATOM   912  C  CA  . ARG A 1 113 ? 15.360  -3.328  20.443  0.50 8.01  ? 112  ARG A CA  1 
ATOM   913  C  C   . ARG A 1 113 ? 14.625  -2.019  20.232  1.00 8.02  ? 112  ARG A C   1 
ATOM   914  O  O   . ARG A 1 113 ? 14.220  -1.399  21.225  1.00 10.79 ? 112  ARG A O   1 
ATOM   915  C  CB  . ARG A 1 113 ? 16.289  -3.203  21.670  1.00 9.20  ? 112  ARG A CB  1 
ATOM   916  C  CG  . ARG A 1 113 ? 16.887  -4.564  22.038  1.00 9.02  ? 112  ARG A CG  1 
ATOM   917  C  CD  . ARG A 1 113 ? 17.671  -4.499  23.331  1.00 9.02  ? 112  ARG A CD  1 
ATOM   918  N  NE  . ARG A 1 113 ? 16.795  -4.243  24.494  1.00 8.39  ? 112  ARG A NE  1 
ATOM   919  C  CZ  . ARG A 1 113 ? 16.775  -3.189  25.259  1.00 9.13  ? 112  ARG A CZ  1 
ATOM   920  N  NH1 . ARG A 1 113 ? 17.478  -2.117  24.977  1.00 11.04 ? 112  ARG A NH1 1 
ATOM   921  N  NH2 . ARG A 1 113 ? 15.919  -3.162  26.260  1.00 8.77  ? 112  ARG A NH2 1 
ATOM   922  N  N   . ASP A 1 114 ? 14.272  -1.712  18.997  1.00 8.06  ? 113  ASP A N   1 
ATOM   923  C  CA  . ASP A 1 114 ? 13.387  -0.584  18.704  1.00 9.01  ? 113  ASP A CA  1 
ATOM   924  C  C   . ASP A 1 114 ? 11.987  -1.089  18.601  1.00 9.64  ? 113  ASP A C   1 
ATOM   925  O  O   . ASP A 1 114 ? 11.428  -1.265  17.509  1.00 9.78  ? 113  ASP A O   1 
ATOM   926  C  CB  . ASP A 1 114 ? 13.742  0.220   17.429  1.00 10.00 ? 113  ASP A CB  1 
ATOM   927  C  CG  . ASP A 1 114 ? 12.888  1.428   17.244  1.00 10.07 ? 113  ASP A CG  1 
ATOM   928  O  OD1 . ASP A 1 114 ? 11.976  1.717   18.056  1.00 10.19 ? 113  ASP A OD1 1 
ATOM   929  O  OD2 . ASP A 1 114 ? 13.190  2.190   16.292  1.00 11.66 ? 113  ASP A OD2 1 
ATOM   930  N  N   . TYR A 1 115 ? 11.441  -1.408  19.747  1.00 8.91  ? 114  TYR A N   1 
ATOM   931  C  CA  . TYR A 1 115 ? 10.128  -2.063  19.851  1.00 8.69  ? 114  TYR A CA  1 
ATOM   932  C  C   . TYR A 1 115 ? 8.976   -1.159  19.519  1.00 8.87  ? 114  TYR A C   1 
ATOM   933  O  O   . TYR A 1 115 ? 7.948   -1.626  19.025  1.00 9.01  ? 114  TYR A O   1 
ATOM   934  C  CB  . TYR A 1 115 ? 9.973   -2.659  21.239  1.00 8.62  ? 114  TYR A CB  1 
ATOM   935  C  CG  . TYR A 1 115 ? 11.048  -3.698  21.627  1.00 8.61  ? 114  TYR A CG  1 
ATOM   936  C  CD1 . TYR A 1 115 ? 11.433  -4.689  20.764  1.00 7.73  ? 114  TYR A CD1 1 
ATOM   937  C  CD2 . TYR A 1 115 ? 11.713  -3.631  22.865  1.00 9.27  ? 114  TYR A CD2 1 
ATOM   938  C  CE1 . TYR A 1 115 ? 12.423  -5.647  21.121  1.00 7.83  ? 114  TYR A CE1 1 
ATOM   939  C  CE2 . TYR A 1 115 ? 12.662  -4.586  23.221  1.00 8.67  ? 114  TYR A CE2 1 
ATOM   940  C  CZ  . TYR A 1 115 ? 12.987  -5.616  22.358  1.00 8.69  ? 114  TYR A CZ  1 
ATOM   941  O  OH  . TYR A 1 115 ? 13.904  -6.586  22.683  1.00 9.01  ? 114  TYR A OH  1 
ATOM   942  N  N   . VAL A 1 116 ? 9.072   0.135   19.771  1.00 8.85  ? 115  VAL A N   1 
ATOM   943  C  CA  . VAL A 1 116 ? 8.020   1.049   19.350  1.00 10.18 ? 115  VAL A CA  1 
ATOM   944  C  C   . VAL A 1 116 ? 7.976   1.159   17.803  1.00 9.35  ? 115  VAL A C   1 
ATOM   945  O  O   . VAL A 1 116 ? 6.931   1.081   17.257  1.00 9.13  ? 115  VAL A O   1 
ATOM   946  C  CB  . VAL A 1 116 ? 8.284   2.427   20.005  1.00 11.21 ? 115  VAL A CB  1 
ATOM   947  C  CG1 . VAL A 1 116 ? 7.444   3.535   19.354  1.00 12.60 ? 115  VAL A CG1 1 
ATOM   948  C  CG2 . VAL A 1 116 ? 8.132   2.335   21.546  1.00 10.82 ? 115  VAL A CG2 1 
ATOM   949  N  N   . SER A 1 117 ? 9.084   1.270   17.140  1.00 8.88  ? 116  SER A N   1 
ATOM   950  C  CA  . SER A 1 117 ? 9.010   1.285   15.675  1.00 8.48  ? 116  SER A CA  1 
ATOM   951  C  C   . SER A 1 117 ? 8.483   -0.044  15.184  1.00 8.27  ? 116  SER A C   1 
ATOM   952  O  O   . SER A 1 117 ? 7.660   -0.125  14.250  1.00 8.93  ? 116  SER A O   1 
ATOM   953  C  CB  . SER A 1 117 ? 10.343  1.519   15.020  1.00 9.06  ? 116  SER A CB  1 
ATOM   954  O  OG  . SER A 1 117 ? 10.837  2.833   15.295  1.00 9.67  ? 116  SER A OG  1 
ATOM   955  N  N   . ARG A 1 118 ? 8.991   -1.136  15.785  1.00 8.30  ? 117  ARG A N   1 
ATOM   956  C  CA  . ARG A 1 118 ? 8.524   -2.486  15.393  1.00 7.37  ? 117  ARG A CA  1 
ATOM   957  C  C   . ARG A 1 118 ? 7.000   -2.610  15.520  1.00 7.81  ? 117  ARG A C   1 
ATOM   958  O  O   . ARG A 1 118 ? 6.294   -3.155  14.620  1.00 8.07  ? 117  ARG A O   1 
ATOM   959  C  CB  . ARG A 1 118 ? 9.141   -3.536  16.355  1.00 7.52  ? 117  ARG A CB  1 
ATOM   960  C  CG  . ARG A 1 118 ? 8.676   -4.983  16.098  1.00 8.19  ? 117  ARG A CG  1 
ATOM   961  C  CD  . ARG A 1 118 ? 8.991   -5.921  17.253  1.00 8.06  ? 117  ARG A CD  1 
ATOM   962  N  NE  . ARG A 1 118 ? 8.218   -5.482  18.402  1.00 7.82  ? 117  ARG A NE  1 
ATOM   963  C  CZ  . ARG A 1 118 ? 8.314   -6.021  19.619  1.00 8.89  ? 117  ARG A CZ  1 
ATOM   964  N  NH1 . ARG A 1 118 ? 9.161   -6.989  19.815  1.00 9.80  ? 117  ARG A NH1 1 
ATOM   965  N  NH2 . ARG A 1 118 ? 7.518   -5.582  20.615  1.00 10.43 ? 117  ARG A NH2 1 
ATOM   966  N  N   . ASP A 1 119 ? 6.487   -2.180  16.667  1.00 8.29  ? 118  ASP A N   1 
ATOM   967  C  CA  . ASP A 1 119 ? 5.073   -2.375  16.898  1.00 8.34  ? 118  ASP A CA  1 
ATOM   968  C  C   . ASP A 1 119 ? 4.195   -1.510  15.948  1.00 8.31  ? 118  ASP A C   1 
ATOM   969  O  O   . ASP A 1 119 ? 3.154   -1.943  15.520  1.00 8.80  ? 118  ASP A O   1 
ATOM   970  C  CB  . ASP A 1 119 ? 4.763   -2.046  18.347  1.00 9.35  ? 118  ASP A CB  1 
ATOM   971  C  CG  . ASP A 1 119 ? 5.265   -3.104  19.309  1.00 10.61 ? 118  ASP A CG  1 
ATOM   972  O  OD1 . ASP A 1 119 ? 5.624   -4.253  18.908  1.00 11.22 ? 118  ASP A OD1 1 
ATOM   973  O  OD2 . ASP A 1 119 ? 5.226   -2.757  20.526  1.00 15.08 ? 118  ASP A OD2 1 
ATOM   974  N  N   . MET A 1 120 ? 4.625   -0.284  15.671  1.00 8.46  ? 119  MET A N   1 
ATOM   975  C  CA  . MET A 1 120 ? 3.935   0.558   14.692  1.00 9.43  ? 119  MET A CA  1 
ATOM   976  C  C   . MET A 1 120 ? 3.850   -0.178  13.345  1.00 10.45 ? 119  MET A C   1 
ATOM   977  O  O   . MET A 1 120 ? 2.810   -0.226  12.682  1.00 11.34 ? 119  MET A O   1 
ATOM   978  C  CB  . MET A 1 120 ? 4.682   1.909   14.634  1.00 11.94 ? 119  MET A CB  1 
ATOM   979  C  CG  . MET A 1 120 ? 4.122   2.847   13.597  1.00 14.24 ? 119  MET A CG  1 
ATOM   980  S  SD  . MET A 1 120 ? 5.221   4.223   13.207  1.00 16.69 ? 119  MET A SD  1 
ATOM   981  C  CE  . MET A 1 120 ? 6.434   3.430   12.177  1.00 16.91 ? 119  MET A CE  1 
ATOM   982  N  N   . MET A 1 121 ? 4.972   -0.692  12.903  1.00 8.80  ? 120  MET A N   1 
ATOM   983  C  CA  . MET A 1 121 ? 5.032   -1.383  11.648  1.00 8.30  ? 120  MET A CA  1 
ATOM   984  C  C   . MET A 1 121 ? 4.228   -2.649  11.633  1.00 7.98  ? 120  MET A C   1 
ATOM   985  O  O   . MET A 1 121 ? 3.609   -2.973  10.612  1.00 7.81  ? 120  MET A O   1 
ATOM   986  C  CB  . MET A 1 121 ? 6.481   -1.684  11.259  1.00 9.04  ? 120  MET A CB  1 
ATOM   987  C  CG  . MET A 1 121 ? 7.253   -0.469  10.759  1.00 9.78  ? 120  MET A CG  1 
ATOM   988  S  SD  . MET A 1 121 ? 8.930   -0.822  10.152  1.00 12.64 ? 120  MET A SD  1 
ATOM   989  C  CE  . MET A 1 121 ? 9.433   -1.384  11.688  1.00 9.72  ? 120  MET A CE  1 
ATOM   990  N  N   . ILE A 1 122 ? 4.180   -3.362  12.770  1.00 7.64  ? 121  ILE A N   1 
ATOM   991  C  CA  . ILE A 1 122 ? 3.300   -4.538  12.851  1.00 7.71  ? 121  ILE A CA  1 
ATOM   992  C  C   . ILE A 1 122 ? 1.835   -4.136  12.617  1.00 7.78  ? 121  ILE A C   1 
ATOM   993  O  O   . ILE A 1 122 ? 1.094   -4.844  11.927  1.00 7.75  ? 121  ILE A O   1 
ATOM   994  C  CB  . ILE A 1 122 ? 3.509   -5.261  14.194  1.00 8.50  ? 121  ILE A CB  1 
ATOM   995  C  CG1 . ILE A 1 122 ? 4.784   -6.056  14.087  1.00 8.40  ? 121  ILE A CG1 1 
ATOM   996  C  CG2 . ILE A 1 122 ? 2.337   -6.124  14.555  1.00 8.18  ? 121  ILE A CG2 1 
ATOM   997  C  CD1 . ILE A 1 122 ? 5.310   -6.673  15.375  1.00 9.25  ? 121  ILE A CD1 1 
ATOM   998  N  N   . GLU A 1 123 ? 1.387   -3.014  13.195  1.00 9.07  ? 122  GLU A N   1 
ATOM   999  C  CA  . GLU A 1 123 ? 0.004   -2.638  12.952  1.00 9.88  ? 122  GLU A CA  1 
ATOM   1000 C  C   . GLU A 1 123 ? -0.233  -2.288  11.488  1.00 9.38  ? 122  GLU A C   1 
ATOM   1001 O  O   . GLU A 1 123 ? -1.283  -2.696  10.916  1.00 9.34  ? 122  GLU A O   1 
ATOM   1002 C  CB  . GLU A 1 123 ? -0.283  -1.409  13.821  1.00 12.71 ? 122  GLU A CB  1 
ATOM   1003 C  CG  . GLU A 1 123 ? -0.388  -1.712  15.320  1.00 17.92 ? 122  GLU A CG  1 
ATOM   1004 C  CD  . GLU A 1 123 ? -0.995  -0.538  16.111  1.00 24.33 ? 122  GLU A CD  1 
ATOM   1005 O  OE1 . GLU A 1 123 ? -1.038  0.625   15.620  1.00 25.99 ? 122  GLU A OE1 1 
ATOM   1006 O  OE2 . GLU A 1 123 ? -1.460  -0.762  17.258  1.00 30.31 ? 122  GLU A OE2 1 
ATOM   1007 N  N   . ILE A 1 124 ? 0.721   -1.623  10.880  1.00 9.30  ? 123  ILE A N   1 
ATOM   1008 C  CA  . ILE A 1 124 ? 0.572   -1.267  9.486   1.00 8.63  ? 123  ILE A CA  1 
ATOM   1009 C  C   . ILE A 1 124 ? 0.508   -2.564  8.629   1.00 9.03  ? 123  ILE A C   1 
ATOM   1010 O  O   . ILE A 1 124 ? -0.284  -2.649  7.685   1.00 8.57  ? 123  ILE A O   1 
ATOM   1011 C  CB  . ILE A 1 124 ? 1.691   -0.341  9.037   1.00 9.56  ? 123  ILE A CB  1 
ATOM   1012 C  CG1 . ILE A 1 124 ? 1.543   1.000   9.745   1.00 11.02 ? 123  ILE A CG1 1 
ATOM   1013 C  CG2 . ILE A 1 124 ? 1.755   -0.222  7.515   1.00 9.74  ? 123  ILE A CG2 1 
ATOM   1014 C  CD1 . ILE A 1 124 ? 2.684   1.945   9.575   1.00 10.94 ? 123  ILE A CD1 1 
ATOM   1015 N  N   . LEU A 1 125 ? 1.372   -3.535  8.961   1.00 8.12  ? 124  LEU A N   1 
ATOM   1016 C  CA  . LEU A 1 125 ? 1.353   -4.798  8.198   1.00 8.71  ? 124  LEU A CA  1 
ATOM   1017 C  C   . LEU A 1 125 ? 0.030   -5.528  8.228   1.00 8.79  ? 124  LEU A C   1 
ATOM   1018 O  O   . LEU A 1 125 ? -0.351  -6.128  7.276   1.00 8.85  ? 124  LEU A O   1 
ATOM   1019 C  CB  . LEU A 1 125 ? 2.539   -5.683  8.628   1.00 8.60  ? 124  LEU A CB  1 
ATOM   1020 C  CG  . LEU A 1 125 ? 2.697   -7.045  7.961   1.00 7.59  ? 124  LEU A CG  1 
ATOM   1021 C  CD1 . LEU A 1 125 ? 2.987   -6.915  6.476   1.00 7.69  ? 124  LEU A CD1 1 
ATOM   1022 C  CD2 . LEU A 1 125 ? 3.815   -7.834  8.602   1.00 7.77  ? 124  LEU A CD2 1 
ATOM   1023 N  N   . ARG A 1 126 ? -0.655  -5.510  9.361   1.00 9.12  ? 125  ARG A N   1 
ATOM   1024 C  CA  . ARG A 1 126 ? -1.942  -6.112  9.394   1.00 10.39 ? 125  ARG A CA  1 
ATOM   1025 C  C   . ARG A 1 126 ? -2.884  -5.436  8.333   1.00 9.78  ? 125  ARG A C   1 
ATOM   1026 O  O   . ARG A 1 126 ? -3.630  -6.111  7.660   1.00 9.36  ? 125  ARG A O   1 
ATOM   1027 C  CB  . ARG A 1 126 ? -2.493  -5.931  10.780  1.00 14.23 ? 125  ARG A CB  1 
ATOM   1028 C  CG  . ARG A 1 126 ? -3.643  -6.789  11.138  1.00 19.11 ? 125  ARG A CG  1 
ATOM   1029 C  CD  . ARG A 1 126 ? -3.617  -6.946  12.647  1.00 22.36 ? 125  ARG A CD  1 
ATOM   1030 N  NE  . ARG A 1 126 ? -2.676  -7.928  13.199  1.00 28.43 ? 125  ARG A NE  1 
ATOM   1031 C  CZ  . ARG A 1 126 ? -1.818  -7.731  14.219  1.00 28.61 ? 125  ARG A CZ  1 
ATOM   1032 N  NH1 . ARG A 1 126 ? -1.692  -6.555  14.821  1.00 27.48 ? 125  ARG A NH1 1 
ATOM   1033 N  NH2 . ARG A 1 126 ? -1.061  -8.748  14.631  1.00 25.08 ? 125  ARG A NH2 1 
ATOM   1034 N  N   . ASP A 1 127 ? -2.808  -4.131  8.221   1.00 9.48  ? 126  ASP A N   1 
ATOM   1035 C  CA  . ASP A 1 127 ? -3.574  -3.432  7.217   1.00 9.24  ? 126  ASP A CA  1 
ATOM   1036 C  C   . ASP A 1 127 ? -3.142  -3.858  5.814   1.00 8.40  ? 126  ASP A C   1 
ATOM   1037 O  O   . ASP A 1 127 ? -4.026  -4.087  4.966   1.00 8.94  ? 126  ASP A O   1 
ATOM   1038 C  CB  . ASP A 1 127 ? -3.493  -1.877  7.320   1.00 10.84 ? 126  ASP A CB  1 
ATOM   1039 C  CG  . ASP A 1 127 ? -4.122  -1.314  8.552   1.00 12.69 ? 126  ASP A CG  1 
ATOM   1040 O  OD1 . ASP A 1 127 ? -4.771  -2.067  9.344   1.00 16.39 ? 126  ASP A OD1 1 
ATOM   1041 O  OD2 . ASP A 1 127 ? -3.866  -0.086  8.720   1.00 14.57 ? 126  ASP A OD2 1 
ATOM   1042 N  N   . GLU A 1 128 ? -1.836  -3.938  5.578   1.00 8.47  ? 127  GLU A N   1 
ATOM   1043 C  CA  . GLU A 1 128 ? -1.385  -4.310  4.239   1.00 7.92  ? 127  GLU A CA  1 
ATOM   1044 C  C   . GLU A 1 128 ? -1.826  -5.724  3.877   1.00 7.29  ? 127  GLU A C   1 
ATOM   1045 O  O   . GLU A 1 128 ? -2.164  -5.972  2.741   1.00 6.77  ? 127  GLU A O   1 
ATOM   1046 C  CB  . GLU A 1 128 ? 0.158   -4.275  4.069   1.00 8.13  ? 127  GLU A CB  1 
ATOM   1047 C  CG  . GLU A 1 128 ? 0.799   -3.015  4.584   1.00 9.10  ? 127  GLU A CG  1 
ATOM   1048 C  CD  . GLU A 1 128 ? 0.391   -1.701  3.968   1.00 10.59 ? 127  GLU A CD  1 
ATOM   1049 O  OE1 . GLU A 1 128 ? -0.686  -1.487  3.442   1.00 12.20 ? 127  GLU A OE1 1 
ATOM   1050 O  OE2 . GLU A 1 128 ? 1.271   -0.738  4.052   1.00 10.39 ? 127  GLU A OE2 1 
ATOM   1051 N  N   . GLU A 1 129 ? -1.818  -6.691  4.826   1.00 7.03  ? 128  GLU A N   1 
ATOM   1052 C  CA  . GLU A 1 129 ? -2.294  -7.987  4.496   1.00 7.50  ? 128  GLU A CA  1 
ATOM   1053 C  C   . GLU A 1 129 ? -3.754  -7.970  4.097   1.00 7.12  ? 128  GLU A C   1 
ATOM   1054 O  O   . GLU A 1 129 ? -4.130  -8.749  3.231   1.00 7.83  ? 128  GLU A O   1 
ATOM   1055 C  CB  . GLU A 1 129 ? -2.073  -8.966  5.672   1.00 7.46  ? 128  GLU A CB  1 
ATOM   1056 C  CG  . GLU A 1 129 ? -0.583  -9.268  5.934   1.00 8.12  ? 128  GLU A CG  1 
ATOM   1057 C  CD  . GLU A 1 129 ? 0.014   -10.284 4.925   1.00 8.57  ? 128  GLU A CD  1 
ATOM   1058 O  OE1 . GLU A 1 129 ? -0.623  -10.680 3.917   1.00 10.11 ? 128  GLU A OE1 1 
ATOM   1059 O  OE2 . GLU A 1 129 ? 1.172   -10.774 5.142   1.00 9.59  ? 128  GLU A OE2 1 
ATOM   1060 N  N   . GLY A 1 130 ? -4.554  -7.086  4.669   1.00 7.12  ? 129  GLY A N   1 
ATOM   1061 C  CA  . GLY A 1 130 ? -5.948  -6.890  4.212   1.00 7.78  ? 129  GLY A CA  1 
ATOM   1062 C  C   . GLY A 1 130 ? -6.032  -6.323  2.787   1.00 6.82  ? 129  GLY A C   1 
ATOM   1063 O  O   . GLY A 1 130 ? -6.845  -6.780  1.960   1.00 7.84  ? 129  GLY A O   1 
ATOM   1064 N  N   . HIS A 1 131 ? -5.163  -5.377  2.469   1.00 7.38  ? 130  HIS A N   1 
ATOM   1065 C  CA  . HIS A 1 131 ? -5.107  -4.822  1.110   1.00 7.58  ? 130  HIS A CA  1 
ATOM   1066 C  C   . HIS A 1 131 ? -4.760  -5.897  0.104   1.00 7.38  ? 130  HIS A C   1 
ATOM   1067 O  O   . HIS A 1 131 ? -5.347  -5.972  -0.953  1.00 8.24  ? 130  HIS A O   1 
ATOM   1068 C  CB  . HIS A 1 131 ? -4.070  -3.674  1.017   1.00 8.10  ? 130  HIS A CB  1 
ATOM   1069 C  CG  . HIS A 1 131 ? -4.419  -2.487  1.839   1.00 8.07  ? 130  HIS A CG  1 
ATOM   1070 N  ND1 . HIS A 1 131 ? -3.538  -1.470  2.073   1.00 8.64  ? 130  HIS A ND1 1 
ATOM   1071 C  CD2 . HIS A 1 131 ? -5.562  -2.180  2.505   1.00 8.77  ? 130  HIS A CD2 1 
ATOM   1072 C  CE1 . HIS A 1 131 ? -4.126  -0.573  2.861   1.00 9.08  ? 130  HIS A CE1 1 
ATOM   1073 N  NE2 . HIS A 1 131 ? -5.369  -0.971  3.109   1.00 9.69  ? 130  HIS A NE2 1 
ATOM   1074 N  N   . ILE A 1 132 ? -3.784  -6.741  0.441   1.00 6.95  ? 131  ILE A N   1 
ATOM   1075 C  CA  . ILE A 1 132 ? -3.359  -7.878  -0.457  1.00 7.39  ? 131  ILE A CA  1 
ATOM   1076 C  C   . ILE A 1 132 ? -4.504  -8.860  -0.647  1.00 7.06  ? 131  ILE A C   1 
ATOM   1077 O  O   . ILE A 1 132 ? -4.812  -9.269  -1.707  1.00 7.56  ? 131  ILE A O   1 
ATOM   1078 C  CB  . ILE A 1 132 ? -2.131  -8.550  0.193   1.00 7.15  ? 131  ILE A CB  1 
ATOM   1079 C  CG1 . ILE A 1 132 ? -0.943  -7.641  0.143   1.00 7.75  ? 131  ILE A CG1 1 
ATOM   1080 C  CG2 . ILE A 1 132 ? -1.829  -9.872  -0.451  1.00 7.33  ? 131  ILE A CG2 1 
ATOM   1081 C  CD1 . ILE A 1 132 ? 0.173   -7.940  1.055   1.00 8.26  ? 131  ILE A CD1 1 
ATOM   1082 N  N   . ASP A 1 133 ? -5.182  -9.208  0.453   1.00 7.87  ? 132  ASP A N   1 
ATOM   1083 C  CA  . ASP A 1 133 ? -6.214  -10.219 0.370   1.00 9.21  ? 132  ASP A CA  1 
ATOM   1084 C  C   . ASP A 1 133 ? -7.333  -9.736  -0.538  1.00 8.26  ? 132  ASP A C   1 
ATOM   1085 O  O   . ASP A 1 133 ? -7.825  -10.496 -1.363  1.00 7.82  ? 132  ASP A O   1 
ATOM   1086 C  CB  . ASP A 1 133 ? -6.729  -10.548 1.760   1.00 9.98  ? 132  ASP A CB  1 
ATOM   1087 C  CG  . ASP A 1 133 ? -7.881  -11.512 1.760   1.00 11.98 ? 132  ASP A CG  1 
ATOM   1088 O  OD1 . ASP A 1 133 ? -7.942  -12.460 0.962   1.00 16.07 ? 132  ASP A OD1 1 
ATOM   1089 O  OD2 . ASP A 1 133 ? -8.779  -11.389 2.635   1.00 12.18 ? 132  ASP A OD2 1 
ATOM   1090 N  N   . TRP A 1 134 ? -7.698  -8.479  -0.433  1.00 7.46  ? 133  TRP A N   1 
ATOM   1091 C  CA  . TRP A 1 134 ? -8.756  -7.979  -1.343  1.00 7.46  ? 133  TRP A CA  1 
ATOM   1092 C  C   . TRP A 1 134 ? -8.313  -8.123  -2.798  1.00 7.33  ? 133  TRP A C   1 
ATOM   1093 O  O   . TRP A 1 134 ? -9.077  -8.574  -3.648  1.00 7.93  ? 133  TRP A O   1 
ATOM   1094 C  CB  . TRP A 1 134 ? -9.084  -6.534  -0.971  1.00 8.20  ? 133  TRP A CB  1 
ATOM   1095 C  CG  . TRP A 1 134 ? -10.211 -5.961  -1.778  1.00 9.27  ? 133  TRP A CG  1 
ATOM   1096 C  CD1 . TRP A 1 134 ? -11.495 -6.282  -1.630  1.00 11.53 ? 133  TRP A CD1 1 
ATOM   1097 C  CD2 . TRP A 1 134 ? -10.133 -5.088  -2.931  1.00 10.06 ? 133  TRP A CD2 1 
ATOM   1098 N  NE1 . TRP A 1 134 ? -12.238 -5.679  -2.630  1.00 11.31 ? 133  TRP A NE1 1 
ATOM   1099 C  CE2 . TRP A 1 134 ? -11.439 -4.936  -3.437  1.00 9.98  ? 133  TRP A CE2 1 
ATOM   1100 C  CE3 . TRP A 1 134 ? -9.092  -4.459  -3.600  1.00 11.24 ? 133  TRP A CE3 1 
ATOM   1101 C  CZ2 . TRP A 1 134 ? -11.729 -4.136  -4.509  1.00 11.28 ? 133  TRP A CZ2 1 
ATOM   1102 C  CZ3 . TRP A 1 134 ? -9.371  -3.647  -4.636  1.00 11.32 ? 133  TRP A CZ3 1 
ATOM   1103 C  CH2 . TRP A 1 134 ? -10.672 -3.521  -5.127  1.00 11.44 ? 133  TRP A CH2 1 
ATOM   1104 N  N   . LEU A 1 135 ? -7.131  -7.628  -3.121  1.00 7.68  ? 134  LEU A N   1 
ATOM   1105 C  CA  . LEU A 1 135 ? -6.714  -7.698  -4.454  1.00 7.68  ? 134  LEU A CA  1 
ATOM   1106 C  C   . LEU A 1 135 ? -6.630  -9.132  -4.999  1.00 8.08  ? 134  LEU A C   1 
ATOM   1107 O  O   . LEU A 1 135 ? -7.120  -9.448  -6.109  1.00 8.61  ? 134  LEU A O   1 
ATOM   1108 C  CB  . LEU A 1 135 ? -5.326  -7.085  -4.624  1.00 7.52  ? 134  LEU A CB  1 
ATOM   1109 C  CG  . LEU A 1 135 ? -5.319  -5.583  -4.420  1.00 7.76  ? 134  LEU A CG  1 
ATOM   1110 C  CD1 . LEU A 1 135 ? -3.876  -5.132  -4.228  1.00 8.14  ? 134  LEU A CD1 1 
ATOM   1111 C  CD2 . LEU A 1 135 ? -5.945  -4.856  -5.593  1.00 7.98  ? 134  LEU A CD2 1 
ATOM   1112 N  N   . GLU A 1 136 ? -6.010  -10.003 -4.212  1.00 7.87  ? 135  GLU A N   1 
ATOM   1113 C  CA  . GLU A 1 136 ? -5.974  -11.435 -4.609  1.00 8.86  ? 135  GLU A CA  1 
ATOM   1114 C  C   . GLU A 1 136 ? -7.339  -12.038 -4.884  1.00 8.47  ? 135  GLU A C   1 
ATOM   1115 O  O   . GLU A 1 136 ? -7.490  -12.793 -5.831  1.00 8.43  ? 135  GLU A O   1 
ATOM   1116 C  CB  . GLU A 1 136 ? -5.286  -12.297 -3.560  1.00 10.03 ? 135  GLU A CB  1 
ATOM   1117 C  CG  . GLU A 1 136 ? -3.809  -12.114 -3.430  1.00 12.95 ? 135  GLU A CG  1 
ATOM   1118 C  CD  . GLU A 1 136 ? -3.194  -12.783 -2.211  1.00 16.21 ? 135  GLU A CD  1 
ATOM   1119 O  OE1 . GLU A 1 136 ? -3.941  -13.122 -1.272  1.00 19.48 ? 135  GLU A OE1 1 
ATOM   1120 O  OE2 . GLU A 1 136 ? -1.922  -12.748 -2.128  1.00 17.00 ? 135  GLU A OE2 1 
ATOM   1121 N  N   . THR A 1 137 ? -8.300  -11.666 -4.032  1.00 8.09  ? 136  THR A N   1 
ATOM   1122 C  CA  . THR A 1 137 ? -9.609  -12.274 -4.181  1.00 9.69  ? 136  THR A CA  1 
ATOM   1123 C  C   . THR A 1 137 ? -10.233 -11.783 -5.448  1.00 8.95  ? 136  THR A C   1 
ATOM   1124 O  O   . THR A 1 137 ? -10.911 -12.571 -6.157  1.00 9.33  ? 136  THR A O   1 
ATOM   1125 C  CB  . THR A 1 137 ? -10.336 -11.911 -2.921  1.00 10.16 ? 136  THR A CB  1 
ATOM   1126 O  OG1 . THR A 1 137 ? -9.678  -12.515 -1.798  1.00 12.30 ? 136  THR A OG1 1 
ATOM   1127 C  CG2 . THR A 1 137 ? -11.825 -12.365 -2.943  1.00 10.58 ? 136  THR A CG2 1 
ATOM   1128 N  N   . GLU A 1 138 ? -10.098 -10.490 -5.730  1.00 8.76  ? 137  GLU A N   1 
ATOM   1129 C  CA  . GLU A 1 138 ? -10.716 -9.967  -6.965  1.00 8.67  ? 137  GLU A CA  1 
ATOM   1130 C  C   . GLU A 1 138 ? -10.073 -10.539 -8.241  1.00 8.45  ? 137  GLU A C   1 
ATOM   1131 O  O   . GLU A 1 138 ? -10.738 -10.886 -9.192  1.00 8.10  ? 137  GLU A O   1 
ATOM   1132 C  CB  . GLU A 1 138 ? -10.665 -8.442  -7.032  1.00 10.38 ? 137  GLU A CB  1 
ATOM   1133 C  CG  . GLU A 1 138 ? -11.440 -7.670  -5.956  1.00 10.72 ? 137  GLU A CG  1 
ATOM   1134 C  CD  . GLU A 1 138 ? -12.902 -8.006  -5.936  1.00 13.40 ? 137  GLU A CD  1 
ATOM   1135 O  OE1 . GLU A 1 138 ? -13.608 -7.909  -6.972  1.00 14.31 ? 137  GLU A OE1 1 
ATOM   1136 O  OE2 . GLU A 1 138 ? -13.411 -8.416  -4.895  1.00 16.36 ? 137  GLU A OE2 1 
ATOM   1137 N  N   . LEU A 1 139 ? -8.776  -10.711 -8.160  1.00 6.99  ? 138  LEU A N   1 
ATOM   1138 C  CA  . LEU A 1 139 ? -8.046  -11.256 -9.335  1.00 7.26  ? 138  LEU A CA  1 
ATOM   1139 C  C   . LEU A 1 139 ? -8.374  -12.722 -9.503  1.00 7.78  ? 138  LEU A C   1 
ATOM   1140 O  O   . LEU A 1 139 ? -8.474  -13.210 -10.623 1.00 8.04  ? 138  LEU A O   1 
ATOM   1141 C  CB  . LEU A 1 139 ? -6.550  -11.047 -9.116  1.00 7.41  ? 138  LEU A CB  1 
ATOM   1142 C  CG  . LEU A 1 139 ? -6.135  -9.614  -9.351  1.00 7.52  ? 138  LEU A CG  1 
ATOM   1143 C  CD1 . LEU A 1 139 ? -4.756  -9.331  -8.709  1.00 7.71  ? 138  LEU A CD1 1 
ATOM   1144 C  CD2 . LEU A 1 139 ? -6.176  -9.209  -10.811 1.00 7.92  ? 138  LEU A CD2 1 
ATOM   1145 N  N   . ASP A 1 140 ? -8.566  -13.442 -8.425  1.00 9.30  ? 139  ASP A N   1 
ATOM   1146 C  CA  . ASP A 1 140 ? -9.087  -14.810 -8.527  1.00 10.42 ? 139  ASP A CA  1 
ATOM   1147 C  C   . ASP A 1 140 ? -10.452 -14.874 -9.202  1.00 10.26 ? 139  ASP A C   1 
ATOM   1148 O  O   . ASP A 1 140 ? -10.663 -15.784 -10.032 1.00 10.75 ? 139  ASP A O   1 
ATOM   1149 C  CB  . ASP A 1 140 ? -9.193  -15.463 -7.144  1.00 11.34 ? 139  ASP A CB  1 
ATOM   1150 C  CG  . ASP A 1 140 ? -7.861  -15.836 -6.516  1.00 14.05 ? 139  ASP A CG  1 
ATOM   1151 O  OD1 . ASP A 1 140 ? -6.840  -15.955 -7.223  1.00 15.93 ? 139  ASP A OD1 1 
ATOM   1152 O  OD2 . ASP A 1 140 ? -7.897  -16.039 -5.263  1.00 19.21 ? 139  ASP A OD2 1 
ATOM   1153 N  N   . LEU A 1 141 ? -11.364 -13.962 -8.872  1.00 9.52  ? 140  LEU A N   1 
ATOM   1154 C  CA  . LEU A 1 141 ? -12.620 -13.930 -9.495  1.00 9.93  ? 140  LEU A CA  1 
ATOM   1155 C  C   . LEU A 1 141 ? -12.493 -13.582 -10.972 1.00 9.55  ? 140  LEU A C   1 
ATOM   1156 O  O   . LEU A 1 141 ? -13.267 -14.105 -11.797 1.00 9.87  ? 140  LEU A O   1 
ATOM   1157 C  CB  . LEU A 1 141 ? -13.543 -12.917 -8.783  1.00 11.95 ? 140  LEU A CB  1 
ATOM   1158 C  CG  . LEU A 1 141 ? -15.010 -13.276 -8.893  1.00 14.79 ? 140  LEU A CG  1 
ATOM   1159 C  CD1 . LEU A 1 141 ? -15.304 -14.585 -8.252  1.00 14.91 ? 140  LEU A CD1 1 
ATOM   1160 C  CD2 . LEU A 1 141 ? -15.812 -12.243 -8.154  1.00 14.28 ? 140  LEU A CD2 1 
ATOM   1161 N  N   . ILE A 1 142 ? -11.635 -12.658 -11.333 1.00 9.47  ? 141  ILE A N   1 
ATOM   1162 C  CA  . ILE A 1 142 ? -11.410 -12.341 -12.752 1.00 8.72  ? 141  ILE A CA  1 
ATOM   1163 C  C   . ILE A 1 142 ? -10.903 -13.572 -13.503 1.00 9.31  ? 141  ILE A C   1 
ATOM   1164 O  O   . ILE A 1 142 ? -11.347 -13.854 -14.606 1.00 10.52 ? 141  ILE A O   1 
ATOM   1165 C  CB  . ILE A 1 142 ? -10.369 -11.192 -12.890 1.00 8.46  ? 141  ILE A CB  1 
ATOM   1166 C  CG1 . ILE A 1 142 ? -11.068 -9.882  -12.467 1.00 8.83  ? 141  ILE A CG1 1 
ATOM   1167 C  CG2 . ILE A 1 142 ? -9.807  -11.099 -14.310 1.00 7.91  ? 141  ILE A CG2 1 
ATOM   1168 C  CD1 . ILE A 1 142 ? -10.097 -8.687  -12.192 1.00 10.43 ? 141  ILE A CD1 1 
ATOM   1169 N  N   . GLN A 1 143 ? -10.049 -14.364 -12.883 1.00 8.14  ? 142  GLN A N   1 
ATOM   1170 C  CA  . GLN A 1 143 ? -9.639  -15.624 -13.525 1.00 10.69 ? 142  GLN A CA  1 
ATOM   1171 C  C   . GLN A 1 143 ? -10.782 -16.613 -13.685 1.00 10.92 ? 142  GLN A C   1 
ATOM   1172 O  O   . GLN A 1 143 ? -10.999 -17.168 -14.776 1.00 12.67 ? 142  GLN A O   1 
ATOM   1173 C  CB  . GLN A 1 143 ? -8.490  -16.237 -12.772 1.00 12.08 ? 142  GLN A CB  1 
ATOM   1174 C  CG  . GLN A 1 143 ? -8.130  -17.608 -13.306 1.00 12.69 ? 142  GLN A CG  1 
ATOM   1175 C  CD  . GLN A 1 143 ? -7.365  -17.483 -14.626 1.00 14.09 ? 142  GLN A CD  1 
ATOM   1176 O  OE1 . GLN A 1 143 ? -6.513  -16.607 -14.787 1.00 17.61 ? 142  GLN A OE1 1 
ATOM   1177 N  NE2 . GLN A 1 143 ? -7.746  -18.299 -15.602 1.00 13.19 ? 142  GLN A NE2 1 
ATOM   1178 N  N   . LYS A 1 144 ? -11.562 -16.804 -12.629 1.00 11.11 ? 143  LYS A N   1 
ATOM   1179 C  CA  . LYS A 1 144 ? -12.658 -17.778 -12.671 1.00 12.55 ? 143  LYS A CA  1 
ATOM   1180 C  C   . LYS A 1 144 ? -13.721 -17.350 -13.672 1.00 13.26 ? 143  LYS A C   1 
ATOM   1181 O  O   . LYS A 1 144 ? -14.267 -18.193 -14.451 1.00 15.72 ? 143  LYS A O   1 
ATOM   1182 C  CB  . LYS A 1 144 ? -13.227 -17.891 -11.272 1.00 15.62 ? 143  LYS A CB  1 
ATOM   1183 C  CG  . LYS A 1 144 ? -14.498 -18.731 -11.161 1.00 19.09 ? 143  LYS A CG  1 
ATOM   1184 C  CD  . LYS A 1 144 ? -14.190 -20.228 -11.293 1.00 22.45 ? 143  LYS A CD  1 
ATOM   1185 C  CE  . LYS A 1 144 ? -14.801 -21.005 -10.119 1.00 27.23 ? 143  LYS A CE  1 
ATOM   1186 N  NZ  . LYS A 1 144 ? -16.256 -21.203 -10.374 1.00 29.05 ? 143  LYS A NZ  1 
ATOM   1187 N  N   . MET A 1 145 ? -14.099 -16.073 -13.684 1.00 11.23 ? 144  MET A N   1 
ATOM   1188 C  CA  . MET A 1 145 ? -15.236 -15.619 -14.485 1.00 12.33 ? 144  MET A CA  1 
ATOM   1189 C  C   . MET A 1 145 ? -14.867 -15.211 -15.881 1.00 10.45 ? 144  MET A C   1 
ATOM   1190 O  O   . MET A 1 145 ? -15.753 -15.171 -16.758 1.00 12.72 ? 144  MET A O   1 
ATOM   1191 C  CB  . MET A 1 145 ? -15.869 -14.402 -13.862 1.00 10.90 ? 144  MET A CB  1 
ATOM   1192 C  CG  . MET A 1 145 ? -16.477 -14.625 -12.465 1.00 11.35 ? 144  MET A CG  1 
ATOM   1193 S  SD  . MET A 1 145 ? -17.327 -13.224 -11.733 1.00 12.18 ? 144  MET A SD  1 
ATOM   1194 C  CE  . MET A 1 145 ? -18.916 -13.222 -12.628 1.00 12.86 ? 144  MET A CE  1 
ATOM   1195 N  N   . GLY A 1 146 ? -13.609 -14.851 -16.108 1.00 10.46 ? 145  GLY A N   1 
ATOM   1196 C  CA  . GLY A 1 146 ? -13.224 -14.026 -17.198 1.00 10.11 ? 145  GLY A CA  1 
ATOM   1197 C  C   . GLY A 1 146 ? -13.422 -12.574 -16.923 1.00 10.86 ? 145  GLY A C   1 
ATOM   1198 O  O   . GLY A 1 146 ? -14.402 -12.193 -16.217 1.00 10.41 ? 145  GLY A O   1 
ATOM   1199 N  N   . LEU A 1 147 ? -12.547 -11.731 -17.391 1.00 11.70 ? 146  LEU A N   1 
ATOM   1200 C  CA  . LEU A 1 147 ? -12.611 -10.328 -17.106 1.00 10.66 ? 146  LEU A CA  1 
ATOM   1201 C  C   . LEU A 1 147 ? -13.959 -9.702  -17.454 1.00 10.47 ? 146  LEU A C   1 
ATOM   1202 O  O   . LEU A 1 147 ? -14.513 -8.976  -16.670 1.00 10.71 ? 146  LEU A O   1 
ATOM   1203 C  CB  . LEU A 1 147 ? -11.432 -9.528  -17.762 1.00 11.87 ? 146  LEU A CB  1 
ATOM   1204 C  CG  . LEU A 1 147 ? -11.442 -8.059  -17.546 1.00 12.28 ? 146  LEU A CG  1 
ATOM   1205 C  CD1 . LEU A 1 147 ? -11.334 -7.710  -16.088 1.00 11.90 ? 146  LEU A CD1 1 
ATOM   1206 C  CD2 . LEU A 1 147 ? -10.247 -7.454  -18.305 1.00 14.55 ? 146  LEU A CD2 1 
ATOM   1207 N  N   . GLN A 1 148 ? -14.464 -9.987  -18.629 1.00 10.91 ? 147  GLN A N   1 
ATOM   1208 C  CA  . GLN A 1 148 ? -15.663 -9.252  -19.067 1.00 12.03 ? 147  GLN A CA  1 
ATOM   1209 C  C   . GLN A 1 148 ? -16.909 -9.679  -18.266 1.00 10.42 ? 147  GLN A C   1 
ATOM   1210 O  O   . GLN A 1 148 ? -17.635 -8.833  -17.839 1.00 9.60  ? 147  GLN A O   1 
ATOM   1211 C  CB  . GLN A 1 148 ? -15.891 -9.466  -20.585 1.00 12.34 ? 147  GLN A CB  1 
ATOM   1212 C  CG  . GLN A 1 148 ? -14.753 -8.919  -21.458 1.00 14.53 ? 147  GLN A CG  1 
ATOM   1213 C  CD  . GLN A 1 148 ? -14.361 -7.492  -21.084 1.00 13.91 ? 147  GLN A CD  1 
ATOM   1214 O  OE1 . GLN A 1 148 ? -15.197 -6.596  -20.989 1.00 17.50 ? 147  GLN A OE1 1 
ATOM   1215 N  NE2 . GLN A 1 148 ? -13.061 -7.276  -20.829 1.00 14.82 ? 147  GLN A NE2 1 
ATOM   1216 N  N   . ASN A 1 149 ? -17.009 -10.959 -17.970 1.00 10.38 ? 148  ASN A N   1 
ATOM   1217 C  CA  . ASN A 1 149 ? -18.074 -11.455 -17.092 1.00 12.17 ? 148  ASN A CA  1 
ATOM   1218 C  C   . ASN A 1 149 ? -17.925 -10.871 -15.713 1.00 10.76 ? 148  ASN A C   1 
ATOM   1219 O  O   . ASN A 1 149 ? -18.882 -10.436 -15.111 1.00 9.66  ? 148  ASN A O   1 
ATOM   1220 C  CB  . ASN A 1 149 ? -18.149 -13.005 -17.030 1.00 14.11 ? 148  ASN A CB  1 
ATOM   1221 C  CG  . ASN A 1 149 ? -18.811 -13.593 -18.273 1.00 18.82 ? 148  ASN A CG  1 
ATOM   1222 O  OD1 . ASN A 1 149 ? -19.546 -12.905 -18.985 1.00 21.44 ? 148  ASN A OD1 1 
ATOM   1223 N  ND2 . ASN A 1 149 ? -18.487 -14.845 -18.567 1.00 23.42 ? 148  ASN A ND2 1 
ATOM   1224 N  N   . TYR A 1 150 ? -16.687 -10.695 -15.215 1.00 8.76  ? 149  TYR A N   1 
ATOM   1225 C  CA  . TYR A 1 150 ? -16.445 -10.066 -13.938 1.00 9.22  ? 149  TYR A CA  1 
ATOM   1226 C  C   . TYR A 1 150 ? -16.918 -8.597  -13.954 1.00 8.93  ? 149  TYR A C   1 
ATOM   1227 O  O   . TYR A 1 150 ? -17.555 -8.132  -12.996 1.00 9.40  ? 149  TYR A O   1 
ATOM   1228 C  CB  . TYR A 1 150 ? -14.940 -10.177 -13.601 1.00 8.66  ? 149  TYR A CB  1 
ATOM   1229 C  CG  . TYR A 1 150 ? -14.510 -9.311  -12.440 1.00 8.96  ? 149  TYR A CG  1 
ATOM   1230 C  CD1 . TYR A 1 150 ? -14.578 -9.770  -11.147 1.00 8.98  ? 149  TYR A CD1 1 
ATOM   1231 C  CD2 . TYR A 1 150 ? -13.984 -8.075  -12.676 1.00 8.45  ? 149  TYR A CD2 1 
ATOM   1232 C  CE1 . TYR A 1 150 ? -14.136 -8.965  -10.095 1.00 10.17 ? 149  TYR A CE1 1 
ATOM   1233 C  CE2 . TYR A 1 150 ? -13.525 -7.281  -11.655 1.00 9.48  ? 149  TYR A CE2 1 
ATOM   1234 C  CZ  . TYR A 1 150 ? -13.648 -7.713  -10.353 1.00 9.05  ? 149  TYR A CZ  1 
ATOM   1235 O  OH  . TYR A 1 150 ? -13.104 -6.941  -9.323  1.00 10.91 ? 149  TYR A OH  1 
ATOM   1236 N  N   . LEU A 1 151 ? -16.545 -7.852  -14.984 1.00 9.84  ? 150  LEU A N   1 
ATOM   1237 C  CA  . LEU A 1 151 ? -16.930 -6.451  -15.079 1.00 10.21 ? 150  LEU A CA  1 
ATOM   1238 C  C   . LEU A 1 151 ? -18.448 -6.305  -15.152 1.00 9.63  ? 150  LEU A C   1 
ATOM   1239 O  O   . LEU A 1 151 ? -19.014 -5.453  -14.511 1.00 10.51 ? 150  LEU A O   1 
ATOM   1240 C  CB  . LEU A 1 151 ? -16.296 -5.834  -16.305 1.00 12.30 ? 150  LEU A CB  1 
ATOM   1241 C  CG  . LEU A 1 151 ? -14.753 -5.748  -16.276 1.00 13.15 ? 150  LEU A CG  1 
ATOM   1242 C  CD1 . LEU A 1 151 ? -14.273 -5.304  -17.680 1.00 12.91 ? 150  LEU A CD1 1 
ATOM   1243 C  CD2 . LEU A 1 151 ? -14.291 -4.876  -15.124 1.00 12.99 ? 150  LEU A CD2 1 
ATOM   1244 N  N   . GLN A 1 152 ? -19.090 -7.181  -15.879 1.00 9.89  ? 151  GLN A N   1 
ATOM   1245 C  CA  . GLN A 1 152 ? -20.527 -7.168  -16.019 1.00 10.55 ? 151  GLN A CA  1 
ATOM   1246 C  C   . GLN A 1 152 ? -21.212 -7.406  -14.659 1.00 10.65 ? 151  GLN A C   1 
ATOM   1247 O  O   . GLN A 1 152 ? -22.274 -6.833  -14.349 1.00 10.45 ? 151  GLN A O   1 
ATOM   1248 C  CB  . GLN A 1 152 ? -20.941 -8.178  -17.053 1.00 10.66 ? 151  GLN A CB  1 
ATOM   1249 C  CG  . GLN A 1 152 ? -20.608 -7.710  -18.462 1.00 11.04 ? 151  GLN A CG  1 
ATOM   1250 C  CD  . GLN A 1 152 ? -20.346 -8.869  -19.416 1.00 11.91 ? 151  GLN A CD  1 
ATOM   1251 O  OE1 . GLN A 1 152 ? -20.770 -9.988  -19.162 1.00 12.47 ? 151  GLN A OE1 1 
ATOM   1252 N  NE2 . GLN A 1 152 ? -19.663 -8.598  -20.541 1.00 14.25 ? 151  GLN A NE2 1 
ATOM   1253 N  N   . ALA A 1 153 ? -20.605 -8.243  -13.827 1.00 10.15 ? 152  ALA A N   1 
ATOM   1254 C  CA  . ALA A 1 153 ? -21.143 -8.539  -12.477 1.00 10.67 ? 152  ALA A CA  1 
ATOM   1255 C  C   . ALA A 1 153 ? -20.967 -7.379  -11.556 1.00 12.23 ? 152  ALA A C   1 
ATOM   1256 O  O   . ALA A 1 153 ? -21.548 -7.375  -10.487 1.00 12.33 ? 152  ALA A O   1 
ATOM   1257 C  CB  . ALA A 1 153 ? -20.477 -9.746  -11.882 1.00 10.59 ? 152  ALA A CB  1 
ATOM   1258 N  N   . GLN A 1 154 ? -20.205 -6.368  -11.951 1.00 13.40 ? 153  GLN A N   1 
ATOM   1259 C  CA  . GLN A 1 154 ? -20.113 -5.144  -11.120 1.00 15.39 ? 153  GLN A CA  1 
ATOM   1260 C  C   . GLN A 1 154 ? -21.300 -4.214  -11.356 1.00 19.78 ? 153  GLN A C   1 
ATOM   1261 O  O   . GLN A 1 154 ? -21.490 -3.290  -10.568 1.00 20.20 ? 153  GLN A O   1 
ATOM   1262 C  CB  . GLN A 1 154 ? -18.802 -4.392  -11.433 1.00 15.22 ? 153  GLN A CB  1 
ATOM   1263 C  CG  . GLN A 1 154 ? -17.506 -5.185  -11.296 1.00 15.07 ? 153  GLN A CG  1 
ATOM   1264 C  CD  . GLN A 1 154 ? -17.324 -5.902  -9.993  1.00 15.78 ? 153  GLN A CD  1 
ATOM   1265 O  OE1 . GLN A 1 154 ? -17.335 -5.272  -8.920  1.00 16.93 ? 153  GLN A OE1 1 
ATOM   1266 N  NE2 . GLN A 1 154 ? -17.110 -7.217  -10.055 1.00 17.90 ? 153  GLN A NE2 1 
ATOM   1267 N  N   . ILE A 1 155 ? -22.056 -4.408  -12.452 1.00 19.75 ? 154  ILE A N   1 
ATOM   1268 C  CA  . ILE A 1 155 ? -23.147 -3.461  -12.819 1.00 22.78 ? 154  ILE A CA  1 
ATOM   1269 C  C   . ILE A 1 155 ? -24.313 -3.612  -11.833 1.00 27.67 ? 154  ILE A C   1 
ATOM   1270 O  O   . ILE A 1 155 ? -24.749 -4.726  -11.538 1.00 26.76 ? 154  ILE A O   1 
ATOM   1271 C  CB  . ILE A 1 155 ? -23.559 -3.704  -14.274 1.00 21.04 ? 154  ILE A CB  1 
ATOM   1272 C  CG1 . ILE A 1 155 ? -22.313 -3.526  -15.156 1.00 21.37 ? 154  ILE A CG1 1 
ATOM   1273 C  CG2 . ILE A 1 155 ? -24.626 -2.716  -14.771 1.00 20.67 ? 154  ILE A CG2 1 
ATOM   1274 C  CD1 . ILE A 1 155 ? -22.511 -3.759  -16.626 1.00 21.54 ? 154  ILE A CD1 1 
ATOM   1275 N  N   . ARG A 1 156 ? -24.763 -2.506  -11.250 1.00 30.29 ? 155  ARG A N   1 
ATOM   1276 C  CA  . ARG A 1 156 ? -25.703 -2.599  -10.161 1.00 32.38 ? 155  ARG A CA  1 
ATOM   1277 C  C   . ARG A 1 156 ? -27.091 -2.760  -10.768 1.00 37.30 ? 155  ARG A C   1 
ATOM   1278 O  O   . ARG A 1 156 ? -27.395 -2.101  -11.760 1.00 41.32 ? 155  ARG A O   1 
ATOM   1279 C  CB  . ARG A 1 156 ? -25.622 -1.347  -9.294  1.00 33.72 ? 155  ARG A CB  1 
ATOM   1280 C  CG  . ARG A 1 156 ? -26.768 -1.203  -8.305  1.00 32.71 ? 155  ARG A CG  1 
ATOM   1281 C  CD  . ARG A 1 156 ? -26.554 -0.102  -7.253  1.00 31.30 ? 155  ARG A CD  1 
ATOM   1282 N  NE  . ARG A 1 156 ? -27.748 0.021   -6.388  1.00 28.79 ? 155  ARG A NE  1 
ATOM   1283 C  CZ  . ARG A 1 156 ? -28.182 -0.921  -5.528  1.00 26.69 ? 155  ARG A CZ  1 
ATOM   1284 N  NH1 . ARG A 1 156 ? -27.499 -2.082  -5.354  1.00 29.68 ? 155  ARG A NH1 1 
ATOM   1285 N  NH2 . ARG A 1 156 ? -29.308 -0.725  -4.829  1.00 18.31 ? 155  ARG A NH2 1 
ATOM   1286 N  N   . GLU A 1 157 ? -27.919 -3.641  -10.195 1.00 37.33 ? 156  GLU A N   1 
ATOM   1287 C  CA  . GLU A 1 157 ? -29.366 -3.616  -10.463 1.00 40.80 ? 156  GLU A CA  1 
ATOM   1288 C  C   . GLU A 1 157 ? -29.987 -2.315  -9.904  1.00 42.61 ? 156  GLU A C   1 
ATOM   1289 O  O   . GLU A 1 157 ? -29.958 -1.248  -10.532 1.00 47.33 ? 156  GLU A O   1 
ATOM   1290 C  CB  . GLU A 1 157 ? -30.063 -4.808  -9.805  1.00 41.46 ? 156  GLU A CB  1 
ATOM   1291 C  CG  . GLU A 1 157 ? -31.450 -5.118  -10.384 1.00 42.21 ? 156  GLU A CG  1 
ATOM   1292 C  CD  . GLU A 1 157 ? -32.487 -5.598  -9.353  1.00 42.02 ? 156  GLU A CD  1 
ATOM   1293 O  OE1 . GLU A 1 157 ? -32.161 -5.832  -8.147  1.00 34.69 ? 156  GLU A OE1 1 
ATOM   1294 O  OE2 . GLU A 1 157 ? -33.662 -5.751  -9.764  1.00 43.14 ? 156  GLU A OE2 1 
HETATM 1295 CD CD  . CD  B 2 .   ? -5.455  -12.972 -16.587 1.00 14.09 ? 1157 CD  A CD  1 
HETATM 1296 CD CD  . CD  C 2 .   ? -1.433  -1.030  1.277   1.00 8.84  ? 1158 CD  A CD  1 
HETATM 1297 CD CD  . CD  D 2 .   ? 0.299   1.226   3.493   1.00 10.09 ? 1159 CD  A CD  1 
HETATM 1298 O  O   . HOH E 3 .   ? 13.557  14.901  19.986  1.00 42.40 ? 2001 HOH A O   1 
HETATM 1299 O  O   . HOH E 3 .   ? 17.205  12.710  22.787  1.00 38.49 ? 2002 HOH A O   1 
HETATM 1300 O  O   . HOH E 3 .   ? 20.638  3.944   18.481  1.00 25.45 ? 2003 HOH A O   1 
HETATM 1301 O  O   . HOH E 3 .   ? 15.646  3.600   16.679  1.00 15.89 ? 2004 HOH A O   1 
HETATM 1302 O  O   . HOH E 3 .   ? 22.451  3.392   14.534  1.00 36.24 ? 2005 HOH A O   1 
HETATM 1303 O  O   . HOH E 3 .   ? 17.657  0.015   6.081   1.00 27.01 ? 2006 HOH A O   1 
HETATM 1304 O  O   . HOH E 3 .   ? 16.963  7.714   6.102   1.00 23.24 ? 2007 HOH A O   1 
HETATM 1305 O  O   . HOH E 3 .   ? 15.728  4.841   2.824   1.00 22.78 ? 2008 HOH A O   1 
HETATM 1306 O  O   . HOH E 3 .   ? 18.809  -5.227  7.555   1.00 36.97 ? 2009 HOH A O   1 
HETATM 1307 O  O   . HOH E 3 .   ? 16.039  7.685   3.436   1.00 31.09 ? 2010 HOH A O   1 
HETATM 1308 O  O   . HOH E 3 .   ? 10.677  3.952   -1.155  1.00 19.24 ? 2011 HOH A O   1 
HETATM 1309 O  O   . HOH E 3 .   ? 13.344  -2.859  -1.527  1.00 33.78 ? 2012 HOH A O   1 
HETATM 1310 O  O   . HOH E 3 .   ? 8.318   3.646   -3.005  1.00 27.00 ? 2013 HOH A O   1 
HETATM 1311 O  O   . HOH E 3 .   ? 4.033   1.109   -3.040  1.00 25.06 ? 2014 HOH A O   1 
HETATM 1312 O  O   . HOH E 3 .   ? 5.560   -0.827  2.492   1.00 14.02 ? 2015 HOH A O   1 
HETATM 1313 O  O   . HOH E 3 .   ? 0.886   0.236   1.281   1.00 15.24 ? 2016 HOH A O   1 
HETATM 1314 O  O   . HOH E 3 .   ? 4.174   0.279   4.712   1.00 11.37 ? 2017 HOH A O   1 
HETATM 1315 O  O   . HOH E 3 .   ? 4.324   4.691   18.200  1.00 23.90 ? 2018 HOH A O   1 
HETATM 1316 O  O   . HOH E 3 .   ? -4.430  3.666   9.798   1.00 32.08 ? 2019 HOH A O   1 
HETATM 1317 O  O   . HOH E 3 .   ? 0.689   2.535   20.445  1.00 45.57 ? 2020 HOH A O   1 
HETATM 1318 O  O   . HOH E 3 .   ? -1.726  1.186   -5.303  1.00 12.15 ? 2021 HOH A O   1 
HETATM 1319 O  O   . HOH E 3 .   ? 4.417   14.429  14.739  1.00 27.15 ? 2022 HOH A O   1 
HETATM 1320 O  O   . HOH E 3 .   ? 3.108   0.572   -10.092 1.00 15.49 ? 2023 HOH A O   1 
HETATM 1321 O  O   . HOH E 3 .   ? -0.629  -0.631  -3.612  1.00 18.37 ? 2024 HOH A O   1 
HETATM 1322 O  O   . HOH E 3 .   ? -5.985  -3.396  -2.122  1.00 12.47 ? 2025 HOH A O   1 
HETATM 1323 O  O   . HOH E 3 .   ? 2.346   -8.006  -11.703 1.00 22.58 ? 2026 HOH A O   1 
HETATM 1324 O  O   . HOH E 3 .   ? -12.639 8.162   -7.165  1.00 25.07 ? 2027 HOH A O   1 
HETATM 1325 O  O   . HOH E 3 .   ? -13.897 9.622   -12.117 1.00 19.22 ? 2028 HOH A O   1 
HETATM 1326 O  O   . HOH E 3 .   ? -9.271  11.331  -4.951  1.00 36.41 ? 2029 HOH A O   1 
HETATM 1327 O  O   . HOH E 3 .   ? -0.459  -7.298  -15.656 1.00 17.21 ? 2030 HOH A O   1 
HETATM 1328 O  O   . HOH E 3 .   ? 3.708   -9.189  -8.656  1.00 23.82 ? 2031 HOH A O   1 
HETATM 1329 O  O   . HOH E 3 .   ? -11.910 5.006   -16.580 1.00 24.47 ? 2032 HOH A O   1 
HETATM 1330 O  O   . HOH E 3 .   ? 5.611   -3.131  -8.200  1.00 24.55 ? 2033 HOH A O   1 
HETATM 1331 O  O   . HOH E 3 .   ? 7.504   -0.971  -3.893  1.00 27.93 ? 2034 HOH A O   1 
HETATM 1332 O  O   . HOH E 3 .   ? 8.129   -10.872 -2.093  1.00 28.23 ? 2035 HOH A O   1 
HETATM 1333 O  O   . HOH E 3 .   ? -14.989 10.481  -19.174 1.00 29.60 ? 2036 HOH A O   1 
HETATM 1334 O  O   . HOH E 3 .   ? -17.738 10.890  -17.305 1.00 36.02 ? 2037 HOH A O   1 
HETATM 1335 O  O   . HOH E 3 .   ? -16.388 -1.760  -17.206 1.00 28.43 ? 2038 HOH A O   1 
HETATM 1336 O  O   . HOH E 3 .   ? -17.356 -2.534  -8.939  1.00 20.11 ? 2039 HOH A O   1 
HETATM 1337 O  O   . HOH E 3 .   ? -19.817 -2.277  -8.302  1.00 33.88 ? 2040 HOH A O   1 
HETATM 1338 O  O   . HOH E 3 .   ? -16.389 -8.599  -7.044  1.00 28.18 ? 2041 HOH A O   1 
HETATM 1339 O  O   . HOH E 3 .   ? -15.076 -6.210  -1.290  1.00 19.34 ? 2042 HOH A O   1 
HETATM 1340 O  O   . HOH E 3 .   ? -15.378 -9.926  -4.240  1.00 31.48 ? 2043 HOH A O   1 
HETATM 1341 O  O   . HOH E 3 .   ? 13.447  -2.818  29.060  1.00 18.43 ? 2044 HOH A O   1 
HETATM 1342 O  O   . HOH E 3 .   ? 10.119  -4.214  26.368  1.00 17.19 ? 2045 HOH A O   1 
HETATM 1343 O  O   . HOH E 3 .   ? 8.853   -0.314  23.898  1.00 27.04 ? 2046 HOH A O   1 
HETATM 1344 O  O   . HOH E 3 .   ? 4.585   1.154   21.139  1.00 24.29 ? 2047 HOH A O   1 
HETATM 1345 O  O   . HOH E 3 .   ? 10.100  -6.147  24.397  1.00 13.82 ? 2048 HOH A O   1 
HETATM 1346 O  O   . HOH E 3 .   ? -16.919 -2.723  1.340   1.00 25.14 ? 2049 HOH A O   1 
HETATM 1347 O  O   . HOH E 3 .   ? -10.074 -3.453  2.069   1.00 25.66 ? 2050 HOH A O   1 
HETATM 1348 O  O   . HOH E 3 .   ? -11.727 -18.728 -3.133  1.00 23.23 ? 2051 HOH A O   1 
HETATM 1349 O  O   . HOH E 3 .   ? -7.153  -1.640  6.566   1.00 30.46 ? 2052 HOH A O   1 
HETATM 1350 O  O   . HOH E 3 .   ? 3.984   7.305   14.434  1.00 19.97 ? 2053 HOH A O   1 
HETATM 1351 O  O   . HOH E 3 .   ? 2.655   5.344   15.768  1.00 31.19 ? 2054 HOH A O   1 
HETATM 1352 O  O   . HOH E 3 .   ? -1.442  2.654   11.590  1.00 22.16 ? 2055 HOH A O   1 
HETATM 1353 O  O   . HOH E 3 .   ? 1.902   0.840   17.473  1.00 20.48 ? 2056 HOH A O   1 
HETATM 1354 O  O   . HOH E 3 .   ? 6.793   12.986  15.860  1.00 29.53 ? 2057 HOH A O   1 
HETATM 1355 O  O   . HOH E 3 .   ? 5.711   8.611   16.627  1.00 32.01 ? 2058 HOH A O   1 
HETATM 1356 O  O   . HOH E 3 .   ? 6.292   6.734   18.427  1.00 26.48 ? 2059 HOH A O   1 
HETATM 1357 O  O   . HOH E 3 .   ? 10.121  5.607   21.518  1.00 19.80 ? 2060 HOH A O   1 
HETATM 1358 O  O   . HOH E 3 .   ? 13.460  15.540  13.531  1.00 39.48 ? 2061 HOH A O   1 
HETATM 1359 O  O   . HOH E 3 .   ? 10.887  16.550  15.886  1.00 51.23 ? 2062 HOH A O   1 
HETATM 1360 O  O   . HOH E 3 .   ? 17.484  16.916  16.371  1.00 34.43 ? 2063 HOH A O   1 
HETATM 1361 O  O   . HOH E 3 .   ? 16.756  17.088  20.659  1.00 47.51 ? 2064 HOH A O   1 
HETATM 1362 O  O   . HOH E 3 .   ? 15.079  15.638  4.203   1.00 21.04 ? 2065 HOH A O   1 
HETATM 1363 O  O   . HOH E 3 .   ? 11.987  10.699  -3.749  1.00 44.87 ? 2066 HOH A O   1 
HETATM 1364 O  O   . HOH E 3 .   ? 13.361  7.141   -11.588 0.50 19.14 ? 2067 HOH A O   1 
HETATM 1365 O  O   . HOH E 3 .   ? 5.498   1.816   -9.468  1.00 24.99 ? 2068 HOH A O   1 
HETATM 1366 O  O   . HOH E 3 .   ? 1.503   4.601   -15.841 1.00 27.39 ? 2069 HOH A O   1 
HETATM 1367 O  O   . HOH E 3 .   ? 0.128   -2.991  -16.257 1.00 25.71 ? 2070 HOH A O   1 
HETATM 1368 O  O   . HOH E 3 .   ? 0.085   0.861   -18.011 1.00 34.94 ? 2071 HOH A O   1 
HETATM 1369 O  O   . HOH E 3 .   ? 3.619   -3.542  -11.873 1.00 20.45 ? 2072 HOH A O   1 
HETATM 1370 O  O   . HOH E 3 .   ? 1.856   -5.441  -12.689 1.00 16.46 ? 2073 HOH A O   1 
HETATM 1371 O  O   . HOH E 3 .   ? -5.253  -4.229  -21.673 1.00 36.25 ? 2074 HOH A O   1 
HETATM 1372 O  O   . HOH E 3 .   ? -9.258  -5.750  -21.375 1.00 27.51 ? 2075 HOH A O   1 
HETATM 1373 O  O   . HOH E 3 .   ? -11.202 -3.205  -17.994 1.00 14.29 ? 2076 HOH A O   1 
HETATM 1374 O  O   . HOH E 3 .   ? -7.416  -12.470 -17.796 1.00 15.04 ? 2077 HOH A O   1 
HETATM 1375 O  O   . HOH E 3 .   ? -4.123  -13.600 -14.978 1.00 15.87 ? 2078 HOH A O   1 
HETATM 1376 O  O   . HOH E 3 .   ? -3.973  -11.825 -18.048 1.00 17.99 ? 2079 HOH A O   1 
HETATM 1377 O  O   . HOH E 3 .   ? -6.570  -13.162 -12.627 1.00 19.64 ? 2080 HOH A O   1 
HETATM 1378 O  O   . HOH E 3 .   ? -7.192  -14.008 -15.109 1.00 15.80 ? 2081 HOH A O   1 
HETATM 1379 O  O   . HOH E 3 .   ? -0.286  -4.879  -14.357 1.00 13.54 ? 2082 HOH A O   1 
HETATM 1380 O  O   . HOH E 3 .   ? 0.973   -8.905  -9.115  1.00 13.36 ? 2083 HOH A O   1 
HETATM 1381 O  O   . HOH E 3 .   ? -0.303  -11.224 -9.927  1.00 12.99 ? 2084 HOH A O   1 
HETATM 1382 O  O   . HOH E 3 .   ? -2.692  -8.616  -15.763 1.00 21.88 ? 2085 HOH A O   1 
HETATM 1383 O  O   . HOH E 3 .   ? 3.222   -2.172  -9.517  1.00 12.92 ? 2086 HOH A O   1 
HETATM 1384 O  O   . HOH E 3 .   ? 5.509   -0.918  -2.351  1.00 18.11 ? 2087 HOH A O   1 
HETATM 1385 O  O   . HOH E 3 .   ? 1.885   -3.640  1.442   1.00 12.24 ? 2088 HOH A O   1 
HETATM 1386 O  O   . HOH E 3 .   ? 1.209   -0.643  -1.572  1.00 22.02 ? 2089 HOH A O   1 
HETATM 1387 O  O   . HOH E 3 .   ? 5.272   -10.054 0.218   1.00 10.25 ? 2090 HOH A O   1 
HETATM 1388 O  O   . HOH E 3 .   ? 7.012   -9.078  -4.045  1.00 20.75 ? 2091 HOH A O   1 
HETATM 1389 O  O   . HOH E 3 .   ? 10.657  -9.684  4.043   1.00 16.60 ? 2092 HOH A O   1 
HETATM 1390 O  O   . HOH E 3 .   ? 9.895   -1.503  -3.175  1.00 41.22 ? 2093 HOH A O   1 
HETATM 1391 O  O   . HOH E 3 .   ? 11.604  -10.571 6.568   1.00 27.50 ? 2094 HOH A O   1 
HETATM 1392 O  O   . HOH E 3 .   ? 8.568   -11.328 2.929   1.00 18.52 ? 2095 HOH A O   1 
HETATM 1393 O  O   . HOH E 3 .   ? 7.275   -11.553 0.294   1.00 20.22 ? 2096 HOH A O   1 
HETATM 1394 O  O   . HOH E 3 .   ? 3.288   -11.733 1.067   1.00 9.32  ? 2097 HOH A O   1 
HETATM 1395 O  O   . HOH E 3 .   ? 15.103  -8.274  8.703   1.00 19.49 ? 2098 HOH A O   1 
HETATM 1396 O  O   . HOH E 3 .   ? 13.877  -9.782  15.014  1.00 10.66 ? 2099 HOH A O   1 
HETATM 1397 O  O   . HOH E 3 .   ? 20.556  -6.499  14.344  1.00 24.52 ? 2100 HOH A O   1 
HETATM 1398 O  O   . HOH E 3 .   ? 17.948  0.584   18.368  1.00 18.10 ? 2101 HOH A O   1 
HETATM 1399 O  O   . HOH E 3 .   ? 12.629  -3.061  26.346  1.00 15.07 ? 2102 HOH A O   1 
HETATM 1400 O  O   . HOH E 3 .   ? 11.603  1.760   20.830  1.00 16.65 ? 2103 HOH A O   1 
HETATM 1401 O  O   . HOH E 3 .   ? 6.467   -0.763  21.775  1.00 34.28 ? 2104 HOH A O   1 
HETATM 1402 O  O   . HOH E 3 .   ? 4.432   1.855   18.408  1.00 16.08 ? 2105 HOH A O   1 
HETATM 1403 O  O   . HOH E 3 .   ? 8.337   -7.396  22.684  1.00 10.60 ? 2106 HOH A O   1 
HETATM 1404 O  O   . HOH E 3 .   ? 1.605   -3.728  17.206  1.00 14.96 ? 2107 HOH A O   1 
HETATM 1405 O  O   . HOH E 3 .   ? 3.270   -5.632  18.444  1.00 14.55 ? 2108 HOH A O   1 
HETATM 1406 O  O   . HOH E 3 .   ? -3.637  -2.482  12.097  1.00 29.25 ? 2109 HOH A O   1 
HETATM 1407 O  O   . HOH E 3 .   ? 0.826   -1.725  18.914  1.00 30.27 ? 2110 HOH A O   1 
HETATM 1408 O  O   . HOH E 3 .   ? -4.616  -8.653  8.345   1.00 15.87 ? 2111 HOH A O   1 
HETATM 1409 O  O   . HOH E 3 .   ? -0.791  -4.582  16.377  1.00 30.32 ? 2112 HOH A O   1 
HETATM 1410 O  O   . HOH E 3 .   ? -6.806  -3.800  5.482   1.00 16.32 ? 2113 HOH A O   1 
HETATM 1411 O  O   . HOH E 3 .   ? -6.220  -4.267  9.571   1.00 23.88 ? 2114 HOH A O   1 
HETATM 1412 O  O   . HOH E 3 .   ? 3.067   -1.194  1.043   1.00 16.84 ? 2115 HOH A O   1 
HETATM 1413 O  O   . HOH E 3 .   ? -3.111  -11.310 2.899   1.00 11.81 ? 2116 HOH A O   1 
HETATM 1414 O  O   . HOH E 3 .   ? 0.581   -11.843 1.640   1.00 11.13 ? 2117 HOH A O   1 
HETATM 1415 O  O   . HOH E 3 .   ? -8.214  -9.532  4.712   1.00 17.98 ? 2118 HOH A O   1 
HETATM 1416 O  O   . HOH E 3 .   ? -11.887 -9.124  -2.941  1.00 19.66 ? 2119 HOH A O   1 
HETATM 1417 O  O   . HOH E 3 .   ? -1.127  -13.452 0.398   1.00 13.05 ? 2120 HOH A O   1 
HETATM 1418 O  O   . HOH E 3 .   ? -3.562  -13.384 1.312   1.00 15.59 ? 2121 HOH A O   1 
HETATM 1419 O  O   . HOH E 3 .   ? -0.623  -12.710 -4.316  1.00 29.24 ? 2122 HOH A O   1 
HETATM 1420 O  O   . HOH E 3 .   ? -12.298 -14.933 -5.443  1.00 11.36 ? 2123 HOH A O   1 
HETATM 1421 O  O   . HOH E 3 .   ? -9.373  -18.337 -9.888  1.00 14.06 ? 2124 HOH A O   1 
HETATM 1422 O  O   . HOH E 3 .   ? -12.656 -16.847 -7.514  1.00 16.30 ? 2125 HOH A O   1 
HETATM 1423 O  O   . HOH E 3 .   ? -10.470 -16.268 -3.782  1.00 15.57 ? 2126 HOH A O   1 
HETATM 1424 O  O   . HOH E 3 .   ? -9.530  -13.829 -17.030 1.00 23.28 ? 2127 HOH A O   1 
HETATM 1425 O  O   . HOH E 3 .   ? -10.087 -16.215 -17.308 1.00 20.19 ? 2128 HOH A O   1 
HETATM 1426 O  O   . HOH E 3 .   ? -4.708  -15.496 -13.117 1.00 18.08 ? 2129 HOH A O   1 
HETATM 1427 O  O   . HOH E 3 .   ? -13.305 -20.864 -14.930 1.00 27.10 ? 2130 HOH A O   1 
HETATM 1428 O  O   . HOH E 3 .   ? -17.714 -18.999 -10.017 1.00 19.98 ? 2131 HOH A O   1 
HETATM 1429 O  O   . HOH E 3 .   ? -14.792 -17.637 -17.978 1.00 43.28 ? 2132 HOH A O   1 
HETATM 1430 O  O   . HOH E 3 .   ? -15.865 -13.207 -19.281 1.00 19.08 ? 2133 HOH A O   1 
HETATM 1431 O  O   . HOH E 3 .   ? -13.665 -12.194 -20.540 1.00 26.20 ? 2134 HOH A O   1 
HETATM 1432 O  O   . HOH E 3 .   ? -11.633 -4.791  -20.359 1.00 21.00 ? 2135 HOH A O   1 
HETATM 1433 O  O   . HOH E 3 .   ? -11.011 -9.610  -21.561 1.00 30.91 ? 2136 HOH A O   1 
HETATM 1434 O  O   . HOH E 3 .   ? -21.496 -11.640 -15.000 1.00 10.69 ? 2137 HOH A O   1 
HETATM 1435 O  O   . HOH E 3 .   ? -21.511 -13.208 -21.192 1.00 30.73 ? 2138 HOH A O   1 
HETATM 1436 O  O   . HOH E 3 .   ? -22.411 -11.252 -17.470 1.00 16.07 ? 2139 HOH A O   1 
HETATM 1437 O  O   . HOH E 3 .   ? -19.261 -16.424 -20.664 1.00 36.14 ? 2140 HOH A O   1 
HETATM 1438 O  O   . HOH E 3 .   ? -19.578 -10.380 -22.623 1.00 29.39 ? 2141 HOH A O   1 
HETATM 1439 O  O   . HOH E 3 .   ? -29.616 -5.332  -6.518  1.00 25.32 ? 2142 HOH A O   1 
HETATM 1440 O  O   . HOH E 3 .   ? -33.630 -5.166  -5.978  1.00 37.39 ? 2143 HOH A O   1 
HETATM 1441 O  O   . HOH E 3 .   ? -30.799 -8.554  -7.220  1.00 18.04 ? 2144 HOH A O   1 
HETATM 1442 O  O   . HOH E 3 .   ? -33.944 -3.014  -12.581 1.00 30.43 ? 2145 HOH A O   1 
# 
loop_
_pdbx_poly_seq_scheme.asym_id 
_pdbx_poly_seq_scheme.entity_id 
_pdbx_poly_seq_scheme.seq_id 
_pdbx_poly_seq_scheme.mon_id 
_pdbx_poly_seq_scheme.ndb_seq_num 
_pdbx_poly_seq_scheme.pdb_seq_num 
_pdbx_poly_seq_scheme.auth_seq_num 
_pdbx_poly_seq_scheme.pdb_mon_id 
_pdbx_poly_seq_scheme.auth_mon_id 
_pdbx_poly_seq_scheme.pdb_strand_id 
_pdbx_poly_seq_scheme.pdb_ins_code 
_pdbx_poly_seq_scheme.hetero 
A 1 1   ALA 1   0   0   ALA ALA A . n 
A 1 2   MET 2   1   1   MET MET A . n 
A 1 3   LYS 3   2   2   LYS LYS A . n 
A 1 4   GLY 4   3   3   GLY GLY A . n 
A 1 5   ASP 5   4   4   ASP ASP A . n 
A 1 6   THR 6   5   5   THR THR A . n 
A 1 7   LYS 7   6   6   LYS LYS A . n 
A 1 8   VAL 8   7   7   VAL VAL A . n 
A 1 9   ILE 9   8   8   ILE ILE A . n 
A 1 10  ASN 10  9   9   ASN ASN A . n 
A 1 11  TYR 11  10  10  TYR TYR A . n 
A 1 12  LEU 12  11  11  LEU LEU A . n 
A 1 13  ASN 13  12  12  ASN ASN A . n 
A 1 14  LYS 14  13  13  LYS LYS A . n 
A 1 15  LEU 15  14  14  LEU LEU A . n 
A 1 16  LEU 16  15  15  LEU LEU A . n 
A 1 17  GLY 17  16  16  GLY GLY A . n 
A 1 18  ASN 18  17  17  ASN ASN A . n 
A 1 19  GLU 19  18  18  GLU GLU A . n 
A 1 20  LEU 20  19  19  LEU LEU A . n 
A 1 21  VAL 21  20  20  VAL VAL A . n 
A 1 22  ALA 22  21  21  ALA ALA A . n 
A 1 23  ILE 23  22  22  ILE ILE A . n 
A 1 24  ASN 24  23  23  ASN ASN A . n 
A 1 25  GLN 25  24  24  GLN GLN A . n 
A 1 26  TYR 26  25  25  TYR TYR A . n 
A 1 27  PHE 27  26  26  PHE PHE A . n 
A 1 28  LEU 28  27  27  LEU LEU A . n 
A 1 29  HIS 29  28  28  HIS HIS A . n 
A 1 30  ALA 30  29  29  ALA ALA A . n 
A 1 31  ARG 31  30  30  ARG ARG A . n 
A 1 32  MET 32  31  31  MET MET A . n 
A 1 33  PHE 33  32  32  PHE PHE A . n 
A 1 34  LYS 34  33  33  LYS LYS A . n 
A 1 35  ASN 35  34  34  ASN ASN A . n 
A 1 36  TRP 36  35  35  TRP TRP A . n 
A 1 37  GLY 37  36  36  GLY GLY A . n 
A 1 38  LEU 38  37  37  LEU LEU A . n 
A 1 39  LYS 39  38  38  LYS LYS A . n 
A 1 40  ARG 40  39  39  ARG ARG A . n 
A 1 41  LEU 41  40  40  LEU LEU A . n 
A 1 42  ASN 42  41  41  ASN ASN A . n 
A 1 43  ASP 43  42  42  ASP ASP A . n 
A 1 44  VAL 44  43  43  VAL VAL A . n 
A 1 45  GLU 45  44  44  GLU GLU A . n 
A 1 46  PHE 46  45  45  PHE PHE A . n 
A 1 47  ARG 47  46  46  ARG ARG A . n 
A 1 48  GLU 48  47  47  GLU GLU A . n 
A 1 49  SER 49  48  48  SER SER A . n 
A 1 50  ILE 50  49  49  ILE ILE A . n 
A 1 51  ASP 51  50  50  ASP ASP A . n 
A 1 52  GLU 52  51  51  GLU GLU A . n 
A 1 53  MET 53  52  52  MET MET A . n 
A 1 54  LYS 54  53  53  LYS LYS A . n 
A 1 55  HIS 55  54  54  HIS HIS A . n 
A 1 56  ALA 56  55  55  ALA ALA A . n 
A 1 57  ASP 57  56  56  ASP ASP A . n 
A 1 58  ARG 58  57  57  ARG ARG A . n 
A 1 59  TYR 59  58  58  TYR TYR A . n 
A 1 60  ILE 60  59  59  ILE ILE A . n 
A 1 61  GLU 61  60  60  GLU GLU A . n 
A 1 62  ARG 62  61  61  ARG ARG A . n 
A 1 63  ILE 63  62  62  ILE ILE A . n 
A 1 64  LEU 64  63  63  LEU LEU A . n 
A 1 65  PHE 65  64  64  PHE PHE A . n 
A 1 66  LEU 66  65  65  LEU LEU A . n 
A 1 67  GLU 67  66  66  GLU GLU A . n 
A 1 68  GLY 68  67  67  GLY GLY A . n 
A 1 69  LEU 69  68  68  LEU LEU A . n 
A 1 70  PRO 70  69  69  PRO PRO A . n 
A 1 71  ASN 71  70  70  ASN ASN A . n 
A 1 72  LEU 72  71  71  LEU LEU A . n 
A 1 73  GLN 73  72  72  GLN GLN A . n 
A 1 74  ASP 74  73  73  ASP ASP A . n 
A 1 75  LEU 75  74  74  LEU LEU A . n 
A 1 76  GLY 76  75  75  GLY GLY A . n 
A 1 77  LYS 77  76  76  LYS LYS A . n 
A 1 78  LEU 78  77  77  LEU LEU A . n 
A 1 79  ASN 79  78  78  ASN ASN A . n 
A 1 80  ILE 80  79  79  ILE ILE A . n 
A 1 81  GLY 81  80  80  GLY GLY A . n 
A 1 82  GLU 82  81  81  GLU GLU A . n 
A 1 83  ASP 83  82  82  ASP ASP A . n 
A 1 84  VAL 84  83  83  VAL VAL A . n 
A 1 85  GLU 85  84  84  GLU GLU A . n 
A 1 86  GLU 86  85  85  GLU GLU A . n 
A 1 87  MET 87  86  86  MET MET A . n 
A 1 88  LEU 88  87  87  LEU LEU A . n 
A 1 89  ARG 89  88  88  ARG ARG A . n 
A 1 90  SER 90  89  89  SER SER A . n 
A 1 91  ASP 91  90  90  ASP ASP A . n 
A 1 92  LEU 92  91  91  LEU LEU A . n 
A 1 93  ALA 93  92  92  ALA ALA A . n 
A 1 94  LEU 94  93  93  LEU LEU A . n 
A 1 95  GLU 95  94  94  GLU GLU A . n 
A 1 96  LEU 96  95  95  LEU LEU A . n 
A 1 97  ASP 97  96  96  ASP ASP A . n 
A 1 98  GLY 98  97  97  GLY GLY A . n 
A 1 99  ALA 99  98  98  ALA ALA A . n 
A 1 100 LYS 100 99  99  LYS LYS A . n 
A 1 101 ASN 101 100 100 ASN ASN A . n 
A 1 102 LEU 102 101 101 LEU LEU A . n 
A 1 103 ARG 103 102 102 ARG ARG A . n 
A 1 104 GLU 104 103 103 GLU GLU A . n 
A 1 105 ALA 105 104 104 ALA ALA A . n 
A 1 106 ILE 106 105 105 ILE ILE A . n 
A 1 107 GLY 107 106 106 GLY GLY A . n 
A 1 108 TYR 108 107 107 TYR TYR A . n 
A 1 109 ALA 109 108 108 ALA ALA A . n 
A 1 110 ASP 110 109 109 ASP ASP A . n 
A 1 111 SER 111 110 110 SER SER A . n 
A 1 112 VAL 112 111 111 VAL VAL A . n 
A 1 113 ARG 113 112 112 ARG ARG A . n 
A 1 114 ASP 114 113 113 ASP ASP A . n 
A 1 115 TYR 115 114 114 TYR TYR A . n 
A 1 116 VAL 116 115 115 VAL VAL A . n 
A 1 117 SER 117 116 116 SER SER A . n 
A 1 118 ARG 118 117 117 ARG ARG A . n 
A 1 119 ASP 119 118 118 ASP ASP A . n 
A 1 120 MET 120 119 119 MET MET A . n 
A 1 121 MET 121 120 120 MET MET A . n 
A 1 122 ILE 122 121 121 ILE ILE A . n 
A 1 123 GLU 123 122 122 GLU GLU A . n 
A 1 124 ILE 124 123 123 ILE ILE A . n 
A 1 125 LEU 125 124 124 LEU LEU A . n 
A 1 126 ARG 126 125 125 ARG ARG A . n 
A 1 127 ASP 127 126 126 ASP ASP A . n 
A 1 128 GLU 128 127 127 GLU GLU A . n 
A 1 129 GLU 129 128 128 GLU GLU A . n 
A 1 130 GLY 130 129 129 GLY GLY A . n 
A 1 131 HIS 131 130 130 HIS HIS A . n 
A 1 132 ILE 132 131 131 ILE ILE A . n 
A 1 133 ASP 133 132 132 ASP ASP A . n 
A 1 134 TRP 134 133 133 TRP TRP A . n 
A 1 135 LEU 135 134 134 LEU LEU A . n 
A 1 136 GLU 136 135 135 GLU GLU A . n 
A 1 137 THR 137 136 136 THR THR A . n 
A 1 138 GLU 138 137 137 GLU GLU A . n 
A 1 139 LEU 139 138 138 LEU LEU A . n 
A 1 140 ASP 140 139 139 ASP ASP A . n 
A 1 141 LEU 141 140 140 LEU LEU A . n 
A 1 142 ILE 142 141 141 ILE ILE A . n 
A 1 143 GLN 143 142 142 GLN GLN A . n 
A 1 144 LYS 144 143 143 LYS LYS A . n 
A 1 145 MET 145 144 144 MET MET A . n 
A 1 146 GLY 146 145 145 GLY GLY A . n 
A 1 147 LEU 147 146 146 LEU LEU A . n 
A 1 148 GLN 148 147 147 GLN GLN A . n 
A 1 149 ASN 149 148 148 ASN ASN A . n 
A 1 150 TYR 150 149 149 TYR TYR A . n 
A 1 151 LEU 151 150 150 LEU LEU A . n 
A 1 152 GLN 152 151 151 GLN GLN A . n 
A 1 153 ALA 153 152 152 ALA ALA A . n 
A 1 154 GLN 154 153 153 GLN GLN A . n 
A 1 155 ILE 155 154 154 ILE ILE A . n 
A 1 156 ARG 156 155 155 ARG ARG A . n 
A 1 157 GLU 157 156 156 GLU GLU A . n 
A 1 158 GLU 158 157 ?   ?   ?   A . n 
A 1 159 GLY 159 158 ?   ?   ?   A . n 
# 
loop_
_pdbx_nonpoly_scheme.asym_id 
_pdbx_nonpoly_scheme.entity_id 
_pdbx_nonpoly_scheme.mon_id 
_pdbx_nonpoly_scheme.ndb_seq_num 
_pdbx_nonpoly_scheme.pdb_seq_num 
_pdbx_nonpoly_scheme.auth_seq_num 
_pdbx_nonpoly_scheme.pdb_mon_id 
_pdbx_nonpoly_scheme.auth_mon_id 
_pdbx_nonpoly_scheme.pdb_strand_id 
_pdbx_nonpoly_scheme.pdb_ins_code 
B 2 CD  1   1157 1157 CD  CD  A . 
C 2 CD  1   1158 1158 CD  CD  A . 
D 2 CD  1   1159 1159 CD  CD  A . 
E 3 HOH 1   2001 2001 HOH HOH A . 
E 3 HOH 2   2002 2002 HOH HOH A . 
E 3 HOH 3   2003 2003 HOH HOH A . 
E 3 HOH 4   2004 2004 HOH HOH A . 
E 3 HOH 5   2005 2005 HOH HOH A . 
E 3 HOH 6   2006 2006 HOH HOH A . 
E 3 HOH 7   2007 2007 HOH HOH A . 
E 3 HOH 8   2008 2008 HOH HOH A . 
E 3 HOH 9   2009 2009 HOH HOH A . 
E 3 HOH 10  2010 2010 HOH HOH A . 
E 3 HOH 11  2011 2011 HOH HOH A . 
E 3 HOH 12  2012 2012 HOH HOH A . 
E 3 HOH 13  2013 2013 HOH HOH A . 
E 3 HOH 14  2014 2014 HOH HOH A . 
E 3 HOH 15  2015 2015 HOH HOH A . 
E 3 HOH 16  2016 2016 HOH HOH A . 
E 3 HOH 17  2017 2017 HOH HOH A . 
E 3 HOH 18  2018 2018 HOH HOH A . 
E 3 HOH 19  2019 2019 HOH HOH A . 
E 3 HOH 20  2020 2020 HOH HOH A . 
E 3 HOH 21  2021 2021 HOH HOH A . 
E 3 HOH 22  2022 2022 HOH HOH A . 
E 3 HOH 23  2023 2023 HOH HOH A . 
E 3 HOH 24  2024 2024 HOH HOH A . 
E 3 HOH 25  2025 2025 HOH HOH A . 
E 3 HOH 26  2026 2026 HOH HOH A . 
E 3 HOH 27  2027 2027 HOH HOH A . 
E 3 HOH 28  2028 2028 HOH HOH A . 
E 3 HOH 29  2029 2029 HOH HOH A . 
E 3 HOH 30  2030 2030 HOH HOH A . 
E 3 HOH 31  2031 2031 HOH HOH A . 
E 3 HOH 32  2032 2032 HOH HOH A . 
E 3 HOH 33  2033 2033 HOH HOH A . 
E 3 HOH 34  2034 2034 HOH HOH A . 
E 3 HOH 35  2035 2035 HOH HOH A . 
E 3 HOH 36  2036 2036 HOH HOH A . 
E 3 HOH 37  2037 2037 HOH HOH A . 
E 3 HOH 38  2038 2038 HOH HOH A . 
E 3 HOH 39  2039 2039 HOH HOH A . 
E 3 HOH 40  2040 2040 HOH HOH A . 
E 3 HOH 41  2041 2041 HOH HOH A . 
E 3 HOH 42  2042 2042 HOH HOH A . 
E 3 HOH 43  2043 2043 HOH HOH A . 
E 3 HOH 44  2044 2044 HOH HOH A . 
E 3 HOH 45  2045 2045 HOH HOH A . 
E 3 HOH 46  2046 2046 HOH HOH A . 
E 3 HOH 47  2047 2047 HOH HOH A . 
E 3 HOH 48  2048 2048 HOH HOH A . 
E 3 HOH 49  2049 2049 HOH HOH A . 
E 3 HOH 50  2050 2050 HOH HOH A . 
E 3 HOH 51  2051 2051 HOH HOH A . 
E 3 HOH 52  2052 2052 HOH HOH A . 
E 3 HOH 53  2053 2053 HOH HOH A . 
E 3 HOH 54  2054 2054 HOH HOH A . 
E 3 HOH 55  2055 2055 HOH HOH A . 
E 3 HOH 56  2056 2056 HOH HOH A . 
E 3 HOH 57  2057 2057 HOH HOH A . 
E 3 HOH 58  2058 2058 HOH HOH A . 
E 3 HOH 59  2059 2059 HOH HOH A . 
E 3 HOH 60  2060 2060 HOH HOH A . 
E 3 HOH 61  2061 2061 HOH HOH A . 
E 3 HOH 62  2062 2062 HOH HOH A . 
E 3 HOH 63  2063 2063 HOH HOH A . 
E 3 HOH 64  2064 2064 HOH HOH A . 
E 3 HOH 65  2065 2065 HOH HOH A . 
E 3 HOH 66  2066 2066 HOH HOH A . 
E 3 HOH 67  2067 2067 HOH HOH A . 
E 3 HOH 68  2068 2068 HOH HOH A . 
E 3 HOH 69  2069 2069 HOH HOH A . 
E 3 HOH 70  2070 2070 HOH HOH A . 
E 3 HOH 71  2071 2071 HOH HOH A . 
E 3 HOH 72  2072 2072 HOH HOH A . 
E 3 HOH 73  2073 2073 HOH HOH A . 
E 3 HOH 74  2074 2074 HOH HOH A . 
E 3 HOH 75  2075 2075 HOH HOH A . 
E 3 HOH 76  2076 2076 HOH HOH A . 
E 3 HOH 77  2077 2077 HOH HOH A . 
E 3 HOH 78  2078 2078 HOH HOH A . 
E 3 HOH 79  2079 2079 HOH HOH A . 
E 3 HOH 80  2080 2080 HOH HOH A . 
E 3 HOH 81  2081 2081 HOH HOH A . 
E 3 HOH 82  2082 2082 HOH HOH A . 
E 3 HOH 83  2083 2083 HOH HOH A . 
E 3 HOH 84  2084 2084 HOH HOH A . 
E 3 HOH 85  2085 2085 HOH HOH A . 
E 3 HOH 86  2086 2086 HOH HOH A . 
E 3 HOH 87  2087 2087 HOH HOH A . 
E 3 HOH 88  2088 2088 HOH HOH A . 
E 3 HOH 89  2089 2089 HOH HOH A . 
E 3 HOH 90  2090 2090 HOH HOH A . 
E 3 HOH 91  2091 2091 HOH HOH A . 
E 3 HOH 92  2092 2092 HOH HOH A . 
E 3 HOH 93  2093 2093 HOH HOH A . 
E 3 HOH 94  2094 2094 HOH HOH A . 
E 3 HOH 95  2095 2095 HOH HOH A . 
E 3 HOH 96  2096 2096 HOH HOH A . 
E 3 HOH 97  2097 2097 HOH HOH A . 
E 3 HOH 98  2098 2098 HOH HOH A . 
E 3 HOH 99  2099 2099 HOH HOH A . 
E 3 HOH 100 2100 2100 HOH HOH A . 
E 3 HOH 101 2101 2101 HOH HOH A . 
E 3 HOH 102 2102 2102 HOH HOH A . 
E 3 HOH 103 2103 2103 HOH HOH A . 
E 3 HOH 104 2104 2104 HOH HOH A . 
E 3 HOH 105 2105 2105 HOH HOH A . 
E 3 HOH 106 2106 2106 HOH HOH A . 
E 3 HOH 107 2107 2107 HOH HOH A . 
E 3 HOH 108 2108 2108 HOH HOH A . 
E 3 HOH 109 2109 2109 HOH HOH A . 
E 3 HOH 110 2110 2110 HOH HOH A . 
E 3 HOH 111 2111 2111 HOH HOH A . 
E 3 HOH 112 2112 2112 HOH HOH A . 
E 3 HOH 113 2113 2113 HOH HOH A . 
E 3 HOH 114 2114 2114 HOH HOH A . 
E 3 HOH 115 2115 2115 HOH HOH A . 
E 3 HOH 116 2116 2116 HOH HOH A . 
E 3 HOH 117 2117 2117 HOH HOH A . 
E 3 HOH 118 2118 2118 HOH HOH A . 
E 3 HOH 119 2119 2119 HOH HOH A . 
E 3 HOH 120 2120 2120 HOH HOH A . 
E 3 HOH 121 2121 2121 HOH HOH A . 
E 3 HOH 122 2122 2122 HOH HOH A . 
E 3 HOH 123 2123 2123 HOH HOH A . 
E 3 HOH 124 2124 2124 HOH HOH A . 
E 3 HOH 125 2125 2125 HOH HOH A . 
E 3 HOH 126 2126 2126 HOH HOH A . 
E 3 HOH 127 2127 2127 HOH HOH A . 
E 3 HOH 128 2128 2128 HOH HOH A . 
E 3 HOH 129 2129 2129 HOH HOH A . 
E 3 HOH 130 2130 2130 HOH HOH A . 
E 3 HOH 131 2131 2131 HOH HOH A . 
E 3 HOH 132 2132 2132 HOH HOH A . 
E 3 HOH 133 2133 2133 HOH HOH A . 
E 3 HOH 134 2134 2134 HOH HOH A . 
E 3 HOH 135 2135 2135 HOH HOH A . 
E 3 HOH 136 2136 2136 HOH HOH A . 
E 3 HOH 137 2137 2137 HOH HOH A . 
E 3 HOH 138 2138 2138 HOH HOH A . 
E 3 HOH 139 2139 2139 HOH HOH A . 
E 3 HOH 140 2140 2140 HOH HOH A . 
E 3 HOH 141 2141 2141 HOH HOH A . 
E 3 HOH 142 2142 2142 HOH HOH A . 
E 3 HOH 143 2143 2143 HOH HOH A . 
E 3 HOH 144 2144 2144 HOH HOH A . 
E 3 HOH 145 2145 2145 HOH HOH A . 
# 
_pdbx_struct_assembly.id                   1 
_pdbx_struct_assembly.details              author_and_software_defined_assembly 
_pdbx_struct_assembly.method_details       PISA 
_pdbx_struct_assembly.oligomeric_details   dimeric 
_pdbx_struct_assembly.oligomeric_count     2 
# 
_pdbx_struct_assembly_gen.assembly_id       1 
_pdbx_struct_assembly_gen.oper_expression   1,2 
_pdbx_struct_assembly_gen.asym_id_list      A,B,C,D,E 
# 
loop_
_pdbx_struct_assembly_prop.biol_id 
_pdbx_struct_assembly_prop.type 
_pdbx_struct_assembly_prop.value 
_pdbx_struct_assembly_prop.details 
1 'ABSA (A^2)' 2990  ? 
1 MORE         -60.7 ? 
1 'SSA (A^2)'  15720 ? 
# 
loop_
_pdbx_struct_oper_list.id 
_pdbx_struct_oper_list.type 
_pdbx_struct_oper_list.name 
_pdbx_struct_oper_list.symmetry_operation 
_pdbx_struct_oper_list.matrix[1][1] 
_pdbx_struct_oper_list.matrix[1][2] 
_pdbx_struct_oper_list.matrix[1][3] 
_pdbx_struct_oper_list.vector[1] 
_pdbx_struct_oper_list.matrix[2][1] 
_pdbx_struct_oper_list.matrix[2][2] 
_pdbx_struct_oper_list.matrix[2][3] 
_pdbx_struct_oper_list.vector[2] 
_pdbx_struct_oper_list.matrix[3][1] 
_pdbx_struct_oper_list.matrix[3][2] 
_pdbx_struct_oper_list.matrix[3][3] 
_pdbx_struct_oper_list.vector[3] 
1 'identity operation'         1_555 x,y,z     1.0000000000 0.0000000000  0.0000000000  0.0000000000 0.0000000000  1.0000000000  0.0000000000 0.0000000000  0.0000000000  0.0000000000 1.0000000000  0.0000000000  
2 'crystal symmetry operation' 2_556 -x,y,-z+1 0.3392803933 -0.4449856727 -0.8287801674 2.4010384583 -0.4449856727 -0.8521502667 0.2753682516 22.3631713530 -0.8287801674 0.2753682516 -0.4871301266 -8.1271576986 
# 
_pdbx_struct_special_symmetry.id              1 
_pdbx_struct_special_symmetry.PDB_model_num   1 
_pdbx_struct_special_symmetry.auth_asym_id    A 
_pdbx_struct_special_symmetry.auth_comp_id    HOH 
_pdbx_struct_special_symmetry.auth_seq_id     2067 
_pdbx_struct_special_symmetry.PDB_ins_code    ? 
_pdbx_struct_special_symmetry.label_asym_id   E 
_pdbx_struct_special_symmetry.label_comp_id   HOH 
_pdbx_struct_special_symmetry.label_seq_id    . 
# 
loop_
_pdbx_struct_conn_angle.id 
_pdbx_struct_conn_angle.ptnr1_label_atom_id 
_pdbx_struct_conn_angle.ptnr1_label_alt_id 
_pdbx_struct_conn_angle.ptnr1_label_asym_id 
_pdbx_struct_conn_angle.ptnr1_label_comp_id 
_pdbx_struct_conn_angle.ptnr1_label_seq_id 
_pdbx_struct_conn_angle.ptnr1_auth_atom_id 
_pdbx_struct_conn_angle.ptnr1_auth_asym_id 
_pdbx_struct_conn_angle.ptnr1_auth_comp_id 
_pdbx_struct_conn_angle.ptnr1_auth_seq_id 
_pdbx_struct_conn_angle.ptnr1_PDB_ins_code 
_pdbx_struct_conn_angle.ptnr1_symmetry 
_pdbx_struct_conn_angle.ptnr2_label_atom_id 
_pdbx_struct_conn_angle.ptnr2_label_alt_id 
_pdbx_struct_conn_angle.ptnr2_label_asym_id 
_pdbx_struct_conn_angle.ptnr2_label_comp_id 
_pdbx_struct_conn_angle.ptnr2_label_seq_id 
_pdbx_struct_conn_angle.ptnr2_auth_atom_id 
_pdbx_struct_conn_angle.ptnr2_auth_asym_id 
_pdbx_struct_conn_angle.ptnr2_auth_comp_id 
_pdbx_struct_conn_angle.ptnr2_auth_seq_id 
_pdbx_struct_conn_angle.ptnr2_PDB_ins_code 
_pdbx_struct_conn_angle.ptnr2_symmetry 
_pdbx_struct_conn_angle.ptnr3_label_atom_id 
_pdbx_struct_conn_angle.ptnr3_label_alt_id 
_pdbx_struct_conn_angle.ptnr3_label_asym_id 
_pdbx_struct_conn_angle.ptnr3_label_comp_id 
_pdbx_struct_conn_angle.ptnr3_label_seq_id 
_pdbx_struct_conn_angle.ptnr3_auth_atom_id 
_pdbx_struct_conn_angle.ptnr3_auth_asym_id 
_pdbx_struct_conn_angle.ptnr3_auth_comp_id 
_pdbx_struct_conn_angle.ptnr3_auth_seq_id 
_pdbx_struct_conn_angle.ptnr3_PDB_ins_code 
_pdbx_struct_conn_angle.ptnr3_symmetry 
_pdbx_struct_conn_angle.value 
_pdbx_struct_conn_angle.value_esd 
1  OE2 ? A GLU 19  ? A GLU 18   ? 1_555 CD ? D CD . ? A CD 1159 ? 1_555 OE1 ? A GLU 19  ? A GLU 18   ? 1_555 56.5  ? 
2  OE2 ? A GLU 19  ? A GLU 18   ? 1_555 CD ? D CD . ? A CD 1159 ? 1_555 OE1 ? A GLU 52  ? A GLU 51   ? 1_555 146.5 ? 
3  OE1 ? A GLU 19  ? A GLU 18   ? 1_555 CD ? D CD . ? A CD 1159 ? 1_555 OE1 ? A GLU 52  ? A GLU 51   ? 1_555 90.2  ? 
4  OE2 ? A GLU 19  ? A GLU 18   ? 1_555 CD ? D CD . ? A CD 1159 ? 1_555 ND1 ? A HIS 55  ? A HIS 54   ? 1_555 97.0  ? 
5  OE1 ? A GLU 19  ? A GLU 18   ? 1_555 CD ? D CD . ? A CD 1159 ? 1_555 ND1 ? A HIS 55  ? A HIS 54   ? 1_555 103.3 ? 
6  OE1 ? A GLU 52  ? A GLU 51   ? 1_555 CD ? D CD . ? A CD 1159 ? 1_555 ND1 ? A HIS 55  ? A HIS 54   ? 1_555 86.2  ? 
7  OE2 ? A GLU 19  ? A GLU 18   ? 1_555 CD ? D CD . ? A CD 1159 ? 1_555 OE1 ? A GLU 128 ? A GLU 127  ? 1_555 132.5 ? 
8  OE1 ? A GLU 19  ? A GLU 18   ? 1_555 CD ? D CD . ? A CD 1159 ? 1_555 OE1 ? A GLU 128 ? A GLU 127  ? 1_555 160.4 ? 
9  OE1 ? A GLU 52  ? A GLU 51   ? 1_555 CD ? D CD . ? A CD 1159 ? 1_555 OE1 ? A GLU 128 ? A GLU 127  ? 1_555 80.2  ? 
10 ND1 ? A HIS 55  ? A HIS 54   ? 1_555 CD ? D CD . ? A CD 1159 ? 1_555 OE1 ? A GLU 128 ? A GLU 127  ? 1_555 93.2  ? 
11 OE2 ? A GLU 19  ? A GLU 18   ? 1_555 CD ? D CD . ? A CD 1159 ? 1_555 OE2 ? A GLU 128 ? A GLU 127  ? 1_555 84.3  ? 
12 OE1 ? A GLU 19  ? A GLU 18   ? 1_555 CD ? D CD . ? A CD 1159 ? 1_555 OE2 ? A GLU 128 ? A GLU 127  ? 1_555 136.5 ? 
13 OE1 ? A GLU 52  ? A GLU 51   ? 1_555 CD ? D CD . ? A CD 1159 ? 1_555 OE2 ? A GLU 128 ? A GLU 127  ? 1_555 128.3 ? 
14 ND1 ? A HIS 55  ? A HIS 54   ? 1_555 CD ? D CD . ? A CD 1159 ? 1_555 OE2 ? A GLU 128 ? A GLU 127  ? 1_555 99.2  ? 
15 OE1 ? A GLU 128 ? A GLU 127  ? 1_555 CD ? D CD . ? A CD 1159 ? 1_555 OE2 ? A GLU 128 ? A GLU 127  ? 1_555 48.3  ? 
16 OE2 ? A GLU 19  ? A GLU 18   ? 1_555 CD ? D CD . ? A CD 1159 ? 1_555 O   ? E HOH .   ? A HOH 2016 ? 1_555 98.5  ? 
17 OE1 ? A GLU 19  ? A GLU 18   ? 1_555 CD ? D CD . ? A CD 1159 ? 1_555 O   ? E HOH .   ? A HOH 2016 ? 1_555 90.0  ? 
18 OE1 ? A GLU 52  ? A GLU 51   ? 1_555 CD ? D CD . ? A CD 1159 ? 1_555 O   ? E HOH .   ? A HOH 2016 ? 1_555 84.0  ? 
19 ND1 ? A HIS 55  ? A HIS 54   ? 1_555 CD ? D CD . ? A CD 1159 ? 1_555 O   ? E HOH .   ? A HOH 2016 ? 1_555 163.5 ? 
20 OE1 ? A GLU 128 ? A GLU 127  ? 1_555 CD ? D CD . ? A CD 1159 ? 1_555 O   ? E HOH .   ? A HOH 2016 ? 1_555 72.0  ? 
21 OE2 ? A GLU 128 ? A GLU 127  ? 1_555 CD ? D CD . ? A CD 1159 ? 1_555 O   ? E HOH .   ? A HOH 2016 ? 1_555 76.9  ? 
22 OE1 ? A GLU 52  ? A GLU 51   ? 1_555 CD ? C CD . ? A CD 1158 ? 1_555 OE2 ? A GLU 52  ? A GLU 51   ? 1_555 48.3  ? 
23 OE1 ? A GLU 52  ? A GLU 51   ? 1_555 CD ? C CD . ? A CD 1158 ? 1_555 OE2 ? A GLU 95  ? A GLU 94   ? 1_555 132.0 ? 
24 OE2 ? A GLU 52  ? A GLU 51   ? 1_555 CD ? C CD . ? A CD 1158 ? 1_555 OE2 ? A GLU 95  ? A GLU 94   ? 1_555 85.2  ? 
25 OE1 ? A GLU 52  ? A GLU 51   ? 1_555 CD ? C CD . ? A CD 1158 ? 1_555 OE1 ? A GLU 95  ? A GLU 94   ? 1_555 164.8 ? 
26 OE2 ? A GLU 52  ? A GLU 51   ? 1_555 CD ? C CD . ? A CD 1158 ? 1_555 OE1 ? A GLU 95  ? A GLU 94   ? 1_555 130.2 ? 
27 OE2 ? A GLU 95  ? A GLU 94   ? 1_555 CD ? C CD . ? A CD 1158 ? 1_555 OE1 ? A GLU 95  ? A GLU 94   ? 1_555 54.4  ? 
28 OE1 ? A GLU 52  ? A GLU 51   ? 1_555 CD ? C CD . ? A CD 1158 ? 1_555 OE1 ? A GLU 128 ? A GLU 127  ? 1_555 80.1  ? 
29 OE2 ? A GLU 52  ? A GLU 51   ? 1_555 CD ? C CD . ? A CD 1158 ? 1_555 OE1 ? A GLU 128 ? A GLU 127  ? 1_555 126.5 ? 
30 OE2 ? A GLU 95  ? A GLU 94   ? 1_555 CD ? C CD . ? A CD 1158 ? 1_555 OE1 ? A GLU 128 ? A GLU 127  ? 1_555 147.9 ? 
31 OE1 ? A GLU 95  ? A GLU 94   ? 1_555 CD ? C CD . ? A CD 1158 ? 1_555 OE1 ? A GLU 128 ? A GLU 127  ? 1_555 95.3  ? 
32 OE1 ? A GLU 52  ? A GLU 51   ? 1_555 CD ? C CD . ? A CD 1158 ? 1_555 ND1 ? A HIS 131 ? A HIS 130  ? 1_555 84.8  ? 
33 OE2 ? A GLU 52  ? A GLU 51   ? 1_555 CD ? C CD . ? A CD 1158 ? 1_555 ND1 ? A HIS 131 ? A HIS 130  ? 1_555 100.0 ? 
34 OE2 ? A GLU 95  ? A GLU 94   ? 1_555 CD ? C CD . ? A CD 1158 ? 1_555 ND1 ? A HIS 131 ? A HIS 130  ? 1_555 93.8  ? 
35 OE1 ? A GLU 95  ? A GLU 94   ? 1_555 CD ? C CD . ? A CD 1158 ? 1_555 ND1 ? A HIS 131 ? A HIS 130  ? 1_555 109.5 ? 
36 OE1 ? A GLU 128 ? A GLU 127  ? 1_555 CD ? C CD . ? A CD 1158 ? 1_555 ND1 ? A HIS 131 ? A HIS 130  ? 1_555 86.2  ? 
37 OE1 ? A GLU 52  ? A GLU 51   ? 1_555 CD ? C CD . ? A CD 1158 ? 1_555 O   ? E HOH .   ? A HOH 2016 ? 1_555 71.4  ? 
38 OE2 ? A GLU 52  ? A GLU 51   ? 1_555 CD ? C CD . ? A CD 1158 ? 1_555 O   ? E HOH .   ? A HOH 2016 ? 1_555 72.6  ? 
39 OE2 ? A GLU 95  ? A GLU 94   ? 1_555 CD ? C CD . ? A CD 1158 ? 1_555 O   ? E HOH .   ? A HOH 2016 ? 1_555 110.1 ? 
40 OE1 ? A GLU 95  ? A GLU 94   ? 1_555 CD ? C CD . ? A CD 1158 ? 1_555 O   ? E HOH .   ? A HOH 2016 ? 1_555 93.5  ? 
41 OE1 ? A GLU 128 ? A GLU 127  ? 1_555 CD ? C CD . ? A CD 1158 ? 1_555 O   ? E HOH .   ? A HOH 2016 ? 1_555 79.1  ? 
42 ND1 ? A HIS 131 ? A HIS 130  ? 1_555 CD ? C CD . ? A CD 1158 ? 1_555 O   ? E HOH .   ? A HOH 2016 ? 1_555 153.8 ? 
43 OE2 ? A GLU 85  ? A GLU 84   ? 1_555 CD ? B CD . ? A CD 1157 ? 1_555 OD1 ? A ASP 133 ? A ASP 132  ? 4_546 145.6 ? 
44 OE2 ? A GLU 85  ? A GLU 84   ? 1_555 CD ? B CD . ? A CD 1157 ? 1_555 OD2 ? A ASP 133 ? A ASP 132  ? 4_546 168.7 ? 
45 OD1 ? A ASP 133 ? A ASP 132  ? 4_546 CD ? B CD . ? A CD 1157 ? 1_555 OD2 ? A ASP 133 ? A ASP 132  ? 4_546 44.7  ? 
46 OE2 ? A GLU 85  ? A GLU 84   ? 1_555 CD ? B CD . ? A CD 1157 ? 1_555 O   ? E HOH .   ? A HOH 2077 ? 1_555 86.4  ? 
47 OD1 ? A ASP 133 ? A ASP 132  ? 4_546 CD ? B CD . ? A CD 1157 ? 1_555 O   ? E HOH .   ? A HOH 2077 ? 1_555 121.7 ? 
48 OD2 ? A ASP 133 ? A ASP 132  ? 4_546 CD ? B CD . ? A CD 1157 ? 1_555 O   ? E HOH .   ? A HOH 2077 ? 1_555 88.1  ? 
49 OE2 ? A GLU 85  ? A GLU 84   ? 1_555 CD ? B CD . ? A CD 1157 ? 1_555 O   ? E HOH .   ? A HOH 2078 ? 1_555 88.1  ? 
50 OD1 ? A ASP 133 ? A ASP 132  ? 4_546 CD ? B CD . ? A CD 1157 ? 1_555 O   ? E HOH .   ? A HOH 2078 ? 1_555 70.8  ? 
51 OD2 ? A ASP 133 ? A ASP 132  ? 4_546 CD ? B CD . ? A CD 1157 ? 1_555 O   ? E HOH .   ? A HOH 2078 ? 1_555 94.1  ? 
52 O   ? E HOH .   ? A HOH 2077 ? 1_555 CD ? B CD . ? A CD 1157 ? 1_555 O   ? E HOH .   ? A HOH 2078 ? 1_555 161.4 ? 
53 OE2 ? A GLU 85  ? A GLU 84   ? 1_555 CD ? B CD . ? A CD 1157 ? 1_555 O   ? E HOH .   ? A HOH 2079 ? 1_555 92.2  ? 
54 OD1 ? A ASP 133 ? A ASP 132  ? 4_546 CD ? B CD . ? A CD 1157 ? 1_555 O   ? E HOH .   ? A HOH 2079 ? 1_555 67.3  ? 
55 OD2 ? A ASP 133 ? A ASP 132  ? 4_546 CD ? B CD . ? A CD 1157 ? 1_555 O   ? E HOH .   ? A HOH 2079 ? 1_555 98.1  ? 
56 O   ? E HOH .   ? A HOH 2077 ? 1_555 CD ? B CD . ? A CD 1157 ? 1_555 O   ? E HOH .   ? A HOH 2079 ? 1_555 95.8  ? 
57 O   ? E HOH .   ? A HOH 2078 ? 1_555 CD ? B CD . ? A CD 1157 ? 1_555 O   ? E HOH .   ? A HOH 2079 ? 1_555 102.2 ? 
58 OE2 ? A GLU 85  ? A GLU 84   ? 1_555 CD ? B CD . ? A CD 1157 ? 1_555 O   ? E HOH .   ? A HOH 2081 ? 1_555 84.5  ? 
59 OD1 ? A ASP 133 ? A ASP 132  ? 4_546 CD ? B CD . ? A CD 1157 ? 1_555 O   ? E HOH .   ? A HOH 2081 ? 1_555 117.8 ? 
60 OD2 ? A ASP 133 ? A ASP 132  ? 4_546 CD ? B CD . ? A CD 1157 ? 1_555 O   ? E HOH .   ? A HOH 2081 ? 1_555 84.8  ? 
61 O   ? E HOH .   ? A HOH 2077 ? 1_555 CD ? B CD . ? A CD 1157 ? 1_555 O   ? E HOH .   ? A HOH 2081 ? 1_555 79.3  ? 
62 O   ? E HOH .   ? A HOH 2078 ? 1_555 CD ? B CD . ? A CD 1157 ? 1_555 O   ? E HOH .   ? A HOH 2081 ? 1_555 82.5  ? 
63 O   ? E HOH .   ? A HOH 2079 ? 1_555 CD ? B CD . ? A CD 1157 ? 1_555 O   ? E HOH .   ? A HOH 2081 ? 1_555 174.2 ? 
# 
loop_
_pdbx_audit_revision_history.ordinal 
_pdbx_audit_revision_history.data_content_type 
_pdbx_audit_revision_history.major_revision 
_pdbx_audit_revision_history.minor_revision 
_pdbx_audit_revision_history.revision_date 
1 'Structure model' 1 0 2014-08-20 
2 'Structure model' 1 1 2014-09-10 
3 'Structure model' 1 2 2023-12-20 
# 
_pdbx_audit_revision_details.ordinal             1 
_pdbx_audit_revision_details.revision_ordinal    1 
_pdbx_audit_revision_details.data_content_type   'Structure model' 
_pdbx_audit_revision_details.provider            repository 
_pdbx_audit_revision_details.type                'Initial release' 
_pdbx_audit_revision_details.description         ? 
_pdbx_audit_revision_details.details             ? 
# 
loop_
_pdbx_audit_revision_group.ordinal 
_pdbx_audit_revision_group.revision_ordinal 
_pdbx_audit_revision_group.data_content_type 
_pdbx_audit_revision_group.group 
1 2 'Structure model' 'Database references'    
2 3 'Structure model' 'Data collection'        
3 3 'Structure model' 'Database references'    
4 3 'Structure model' 'Derived calculations'   
5 3 'Structure model' Other                    
6 3 'Structure model' 'Refinement description' 
# 
loop_
_pdbx_audit_revision_category.ordinal 
_pdbx_audit_revision_category.revision_ordinal 
_pdbx_audit_revision_category.data_content_type 
_pdbx_audit_revision_category.category 
1 3 'Structure model' chem_comp_atom                
2 3 'Structure model' chem_comp_bond                
3 3 'Structure model' database_2                    
4 3 'Structure model' pdbx_database_status          
5 3 'Structure model' pdbx_initial_refinement_model 
6 3 'Structure model' pdbx_struct_conn_angle        
7 3 'Structure model' struct_conn                   
8 3 'Structure model' struct_site                   
# 
loop_
_pdbx_audit_revision_item.ordinal 
_pdbx_audit_revision_item.revision_ordinal 
_pdbx_audit_revision_item.data_content_type 
_pdbx_audit_revision_item.item 
1  3 'Structure model' '_database_2.pdbx_DOI'                        
2  3 'Structure model' '_database_2.pdbx_database_accession'         
3  3 'Structure model' '_pdbx_database_status.status_code_sf'        
4  3 'Structure model' '_pdbx_struct_conn_angle.ptnr1_auth_comp_id'  
5  3 'Structure model' '_pdbx_struct_conn_angle.ptnr1_auth_seq_id'   
6  3 'Structure model' '_pdbx_struct_conn_angle.ptnr1_label_asym_id' 
7  3 'Structure model' '_pdbx_struct_conn_angle.ptnr1_label_atom_id' 
8  3 'Structure model' '_pdbx_struct_conn_angle.ptnr1_label_comp_id' 
9  3 'Structure model' '_pdbx_struct_conn_angle.ptnr1_label_seq_id'  
10 3 'Structure model' '_pdbx_struct_conn_angle.ptnr1_symmetry'      
11 3 'Structure model' '_pdbx_struct_conn_angle.ptnr2_auth_seq_id'   
12 3 'Structure model' '_pdbx_struct_conn_angle.ptnr2_label_asym_id' 
13 3 'Structure model' '_pdbx_struct_conn_angle.ptnr3_auth_comp_id'  
14 3 'Structure model' '_pdbx_struct_conn_angle.ptnr3_auth_seq_id'   
15 3 'Structure model' '_pdbx_struct_conn_angle.ptnr3_label_asym_id' 
16 3 'Structure model' '_pdbx_struct_conn_angle.ptnr3_label_atom_id' 
17 3 'Structure model' '_pdbx_struct_conn_angle.ptnr3_label_comp_id' 
18 3 'Structure model' '_pdbx_struct_conn_angle.ptnr3_label_seq_id'  
19 3 'Structure model' '_pdbx_struct_conn_angle.ptnr3_symmetry'      
20 3 'Structure model' '_pdbx_struct_conn_angle.value'               
21 3 'Structure model' '_struct_conn.pdbx_dist_value'                
22 3 'Structure model' '_struct_conn.ptnr1_auth_comp_id'             
23 3 'Structure model' '_struct_conn.ptnr1_auth_seq_id'              
24 3 'Structure model' '_struct_conn.ptnr1_label_asym_id'            
25 3 'Structure model' '_struct_conn.ptnr1_label_atom_id'            
26 3 'Structure model' '_struct_conn.ptnr1_label_comp_id'            
27 3 'Structure model' '_struct_conn.ptnr1_label_seq_id'             
28 3 'Structure model' '_struct_conn.ptnr1_symmetry'                 
29 3 'Structure model' '_struct_conn.ptnr2_auth_comp_id'             
30 3 'Structure model' '_struct_conn.ptnr2_auth_seq_id'              
31 3 'Structure model' '_struct_conn.ptnr2_label_asym_id'            
32 3 'Structure model' '_struct_conn.ptnr2_label_atom_id'            
33 3 'Structure model' '_struct_conn.ptnr2_label_comp_id'            
34 3 'Structure model' '_struct_conn.ptnr2_label_seq_id'             
35 3 'Structure model' '_struct_conn.ptnr2_symmetry'                 
36 3 'Structure model' '_struct_site.pdbx_auth_asym_id'              
37 3 'Structure model' '_struct_site.pdbx_auth_comp_id'              
38 3 'Structure model' '_struct_site.pdbx_auth_seq_id'               
# 
loop_
_software.name 
_software.classification 
_software.version 
_software.citation_id 
_software.pdbx_ordinal 
REFMAC   refinement       5.8.0049 ? 1 
XDS      'data reduction' .        ? 2 
TRUNCATE 'data scaling'   .        ? 3 
PHASER   phasing          .        ? 4 
# 
loop_
_pdbx_validate_rmsd_angle.id 
_pdbx_validate_rmsd_angle.PDB_model_num 
_pdbx_validate_rmsd_angle.auth_atom_id_1 
_pdbx_validate_rmsd_angle.auth_asym_id_1 
_pdbx_validate_rmsd_angle.auth_comp_id_1 
_pdbx_validate_rmsd_angle.auth_seq_id_1 
_pdbx_validate_rmsd_angle.PDB_ins_code_1 
_pdbx_validate_rmsd_angle.label_alt_id_1 
_pdbx_validate_rmsd_angle.auth_atom_id_2 
_pdbx_validate_rmsd_angle.auth_asym_id_2 
_pdbx_validate_rmsd_angle.auth_comp_id_2 
_pdbx_validate_rmsd_angle.auth_seq_id_2 
_pdbx_validate_rmsd_angle.PDB_ins_code_2 
_pdbx_validate_rmsd_angle.label_alt_id_2 
_pdbx_validate_rmsd_angle.auth_atom_id_3 
_pdbx_validate_rmsd_angle.auth_asym_id_3 
_pdbx_validate_rmsd_angle.auth_comp_id_3 
_pdbx_validate_rmsd_angle.auth_seq_id_3 
_pdbx_validate_rmsd_angle.PDB_ins_code_3 
_pdbx_validate_rmsd_angle.label_alt_id_3 
_pdbx_validate_rmsd_angle.angle_value 
_pdbx_validate_rmsd_angle.angle_target_value 
_pdbx_validate_rmsd_angle.angle_deviation 
_pdbx_validate_rmsd_angle.angle_standard_deviation 
_pdbx_validate_rmsd_angle.linker_flag 
1 1 NE A ARG 30  ? ? CZ A ARG 30  ? ? NH1 A ARG 30  ? ? 123.32 120.30 3.02  0.50 N 
2 1 NE A ARG 88  ? ? CZ A ARG 88  ? ? NH2 A ARG 88  ? ? 117.09 120.30 -3.21 0.50 N 
3 1 NE A ARG 102 ? ? CZ A ARG 102 ? ? NH1 A ARG 102 ? ? 123.81 120.30 3.51  0.50 N 
# 
loop_
_pdbx_unobs_or_zero_occ_residues.id 
_pdbx_unobs_or_zero_occ_residues.PDB_model_num 
_pdbx_unobs_or_zero_occ_residues.polymer_flag 
_pdbx_unobs_or_zero_occ_residues.occupancy_flag 
_pdbx_unobs_or_zero_occ_residues.auth_asym_id 
_pdbx_unobs_or_zero_occ_residues.auth_comp_id 
_pdbx_unobs_or_zero_occ_residues.auth_seq_id 
_pdbx_unobs_or_zero_occ_residues.PDB_ins_code 
_pdbx_unobs_or_zero_occ_residues.label_asym_id 
_pdbx_unobs_or_zero_occ_residues.label_comp_id 
_pdbx_unobs_or_zero_occ_residues.label_seq_id 
1 1 Y 1 A GLU 157 ? A GLU 158 
2 1 Y 1 A GLY 158 ? A GLY 159 
# 
loop_
_chem_comp_atom.comp_id 
_chem_comp_atom.atom_id 
_chem_comp_atom.type_symbol 
_chem_comp_atom.pdbx_aromatic_flag 
_chem_comp_atom.pdbx_stereo_config 
_chem_comp_atom.pdbx_ordinal 
ALA N    N  N N 1   
ALA CA   C  N S 2   
ALA C    C  N N 3   
ALA O    O  N N 4   
ALA CB   C  N N 5   
ALA OXT  O  N N 6   
ALA H    H  N N 7   
ALA H2   H  N N 8   
ALA HA   H  N N 9   
ALA HB1  H  N N 10  
ALA HB2  H  N N 11  
ALA HB3  H  N N 12  
ALA HXT  H  N N 13  
ARG N    N  N N 14  
ARG CA   C  N S 15  
ARG C    C  N N 16  
ARG O    O  N N 17  
ARG CB   C  N N 18  
ARG CG   C  N N 19  
ARG CD   C  N N 20  
ARG NE   N  N N 21  
ARG CZ   C  N N 22  
ARG NH1  N  N N 23  
ARG NH2  N  N N 24  
ARG OXT  O  N N 25  
ARG H    H  N N 26  
ARG H2   H  N N 27  
ARG HA   H  N N 28  
ARG HB2  H  N N 29  
ARG HB3  H  N N 30  
ARG HG2  H  N N 31  
ARG HG3  H  N N 32  
ARG HD2  H  N N 33  
ARG HD3  H  N N 34  
ARG HE   H  N N 35  
ARG HH11 H  N N 36  
ARG HH12 H  N N 37  
ARG HH21 H  N N 38  
ARG HH22 H  N N 39  
ARG HXT  H  N N 40  
ASN N    N  N N 41  
ASN CA   C  N S 42  
ASN C    C  N N 43  
ASN O    O  N N 44  
ASN CB   C  N N 45  
ASN CG   C  N N 46  
ASN OD1  O  N N 47  
ASN ND2  N  N N 48  
ASN OXT  O  N N 49  
ASN H    H  N N 50  
ASN H2   H  N N 51  
ASN HA   H  N N 52  
ASN HB2  H  N N 53  
ASN HB3  H  N N 54  
ASN HD21 H  N N 55  
ASN HD22 H  N N 56  
ASN HXT  H  N N 57  
ASP N    N  N N 58  
ASP CA   C  N S 59  
ASP C    C  N N 60  
ASP O    O  N N 61  
ASP CB   C  N N 62  
ASP CG   C  N N 63  
ASP OD1  O  N N 64  
ASP OD2  O  N N 65  
ASP OXT  O  N N 66  
ASP H    H  N N 67  
ASP H2   H  N N 68  
ASP HA   H  N N 69  
ASP HB2  H  N N 70  
ASP HB3  H  N N 71  
ASP HD2  H  N N 72  
ASP HXT  H  N N 73  
CD  CD   CD N N 74  
GLN N    N  N N 75  
GLN CA   C  N S 76  
GLN C    C  N N 77  
GLN O    O  N N 78  
GLN CB   C  N N 79  
GLN CG   C  N N 80  
GLN CD   C  N N 81  
GLN OE1  O  N N 82  
GLN NE2  N  N N 83  
GLN OXT  O  N N 84  
GLN H    H  N N 85  
GLN H2   H  N N 86  
GLN HA   H  N N 87  
GLN HB2  H  N N 88  
GLN HB3  H  N N 89  
GLN HG2  H  N N 90  
GLN HG3  H  N N 91  
GLN HE21 H  N N 92  
GLN HE22 H  N N 93  
GLN HXT  H  N N 94  
GLU N    N  N N 95  
GLU CA   C  N S 96  
GLU C    C  N N 97  
GLU O    O  N N 98  
GLU CB   C  N N 99  
GLU CG   C  N N 100 
GLU CD   C  N N 101 
GLU OE1  O  N N 102 
GLU OE2  O  N N 103 
GLU OXT  O  N N 104 
GLU H    H  N N 105 
GLU H2   H  N N 106 
GLU HA   H  N N 107 
GLU HB2  H  N N 108 
GLU HB3  H  N N 109 
GLU HG2  H  N N 110 
GLU HG3  H  N N 111 
GLU HE2  H  N N 112 
GLU HXT  H  N N 113 
GLY N    N  N N 114 
GLY CA   C  N N 115 
GLY C    C  N N 116 
GLY O    O  N N 117 
GLY OXT  O  N N 118 
GLY H    H  N N 119 
GLY H2   H  N N 120 
GLY HA2  H  N N 121 
GLY HA3  H  N N 122 
GLY HXT  H  N N 123 
HIS N    N  N N 124 
HIS CA   C  N S 125 
HIS C    C  N N 126 
HIS O    O  N N 127 
HIS CB   C  N N 128 
HIS CG   C  Y N 129 
HIS ND1  N  Y N 130 
HIS CD2  C  Y N 131 
HIS CE1  C  Y N 132 
HIS NE2  N  Y N 133 
HIS OXT  O  N N 134 
HIS H    H  N N 135 
HIS H2   H  N N 136 
HIS HA   H  N N 137 
HIS HB2  H  N N 138 
HIS HB3  H  N N 139 
HIS HD1  H  N N 140 
HIS HD2  H  N N 141 
HIS HE1  H  N N 142 
HIS HE2  H  N N 143 
HIS HXT  H  N N 144 
HOH O    O  N N 145 
HOH H1   H  N N 146 
HOH H2   H  N N 147 
ILE N    N  N N 148 
ILE CA   C  N S 149 
ILE C    C  N N 150 
ILE O    O  N N 151 
ILE CB   C  N S 152 
ILE CG1  C  N N 153 
ILE CG2  C  N N 154 
ILE CD1  C  N N 155 
ILE OXT  O  N N 156 
ILE H    H  N N 157 
ILE H2   H  N N 158 
ILE HA   H  N N 159 
ILE HB   H  N N 160 
ILE HG12 H  N N 161 
ILE HG13 H  N N 162 
ILE HG21 H  N N 163 
ILE HG22 H  N N 164 
ILE HG23 H  N N 165 
ILE HD11 H  N N 166 
ILE HD12 H  N N 167 
ILE HD13 H  N N 168 
ILE HXT  H  N N 169 
LEU N    N  N N 170 
LEU CA   C  N S 171 
LEU C    C  N N 172 
LEU O    O  N N 173 
LEU CB   C  N N 174 
LEU CG   C  N N 175 
LEU CD1  C  N N 176 
LEU CD2  C  N N 177 
LEU OXT  O  N N 178 
LEU H    H  N N 179 
LEU H2   H  N N 180 
LEU HA   H  N N 181 
LEU HB2  H  N N 182 
LEU HB3  H  N N 183 
LEU HG   H  N N 184 
LEU HD11 H  N N 185 
LEU HD12 H  N N 186 
LEU HD13 H  N N 187 
LEU HD21 H  N N 188 
LEU HD22 H  N N 189 
LEU HD23 H  N N 190 
LEU HXT  H  N N 191 
LYS N    N  N N 192 
LYS CA   C  N S 193 
LYS C    C  N N 194 
LYS O    O  N N 195 
LYS CB   C  N N 196 
LYS CG   C  N N 197 
LYS CD   C  N N 198 
LYS CE   C  N N 199 
LYS NZ   N  N N 200 
LYS OXT  O  N N 201 
LYS H    H  N N 202 
LYS H2   H  N N 203 
LYS HA   H  N N 204 
LYS HB2  H  N N 205 
LYS HB3  H  N N 206 
LYS HG2  H  N N 207 
LYS HG3  H  N N 208 
LYS HD2  H  N N 209 
LYS HD3  H  N N 210 
LYS HE2  H  N N 211 
LYS HE3  H  N N 212 
LYS HZ1  H  N N 213 
LYS HZ2  H  N N 214 
LYS HZ3  H  N N 215 
LYS HXT  H  N N 216 
MET N    N  N N 217 
MET CA   C  N S 218 
MET C    C  N N 219 
MET O    O  N N 220 
MET CB   C  N N 221 
MET CG   C  N N 222 
MET SD   S  N N 223 
MET CE   C  N N 224 
MET OXT  O  N N 225 
MET H    H  N N 226 
MET H2   H  N N 227 
MET HA   H  N N 228 
MET HB2  H  N N 229 
MET HB3  H  N N 230 
MET HG2  H  N N 231 
MET HG3  H  N N 232 
MET HE1  H  N N 233 
MET HE2  H  N N 234 
MET HE3  H  N N 235 
MET HXT  H  N N 236 
PHE N    N  N N 237 
PHE CA   C  N S 238 
PHE C    C  N N 239 
PHE O    O  N N 240 
PHE CB   C  N N 241 
PHE CG   C  Y N 242 
PHE CD1  C  Y N 243 
PHE CD2  C  Y N 244 
PHE CE1  C  Y N 245 
PHE CE2  C  Y N 246 
PHE CZ   C  Y N 247 
PHE OXT  O  N N 248 
PHE H    H  N N 249 
PHE H2   H  N N 250 
PHE HA   H  N N 251 
PHE HB2  H  N N 252 
PHE HB3  H  N N 253 
PHE HD1  H  N N 254 
PHE HD2  H  N N 255 
PHE HE1  H  N N 256 
PHE HE2  H  N N 257 
PHE HZ   H  N N 258 
PHE HXT  H  N N 259 
PRO N    N  N N 260 
PRO CA   C  N S 261 
PRO C    C  N N 262 
PRO O    O  N N 263 
PRO CB   C  N N 264 
PRO CG   C  N N 265 
PRO CD   C  N N 266 
PRO OXT  O  N N 267 
PRO H    H  N N 268 
PRO HA   H  N N 269 
PRO HB2  H  N N 270 
PRO HB3  H  N N 271 
PRO HG2  H  N N 272 
PRO HG3  H  N N 273 
PRO HD2  H  N N 274 
PRO HD3  H  N N 275 
PRO HXT  H  N N 276 
SER N    N  N N 277 
SER CA   C  N S 278 
SER C    C  N N 279 
SER O    O  N N 280 
SER CB   C  N N 281 
SER OG   O  N N 282 
SER OXT  O  N N 283 
SER H    H  N N 284 
SER H2   H  N N 285 
SER HA   H  N N 286 
SER HB2  H  N N 287 
SER HB3  H  N N 288 
SER HG   H  N N 289 
SER HXT  H  N N 290 
THR N    N  N N 291 
THR CA   C  N S 292 
THR C    C  N N 293 
THR O    O  N N 294 
THR CB   C  N R 295 
THR OG1  O  N N 296 
THR CG2  C  N N 297 
THR OXT  O  N N 298 
THR H    H  N N 299 
THR H2   H  N N 300 
THR HA   H  N N 301 
THR HB   H  N N 302 
THR HG1  H  N N 303 
THR HG21 H  N N 304 
THR HG22 H  N N 305 
THR HG23 H  N N 306 
THR HXT  H  N N 307 
TRP N    N  N N 308 
TRP CA   C  N S 309 
TRP C    C  N N 310 
TRP O    O  N N 311 
TRP CB   C  N N 312 
TRP CG   C  Y N 313 
TRP CD1  C  Y N 314 
TRP CD2  C  Y N 315 
TRP NE1  N  Y N 316 
TRP CE2  C  Y N 317 
TRP CE3  C  Y N 318 
TRP CZ2  C  Y N 319 
TRP CZ3  C  Y N 320 
TRP CH2  C  Y N 321 
TRP OXT  O  N N 322 
TRP H    H  N N 323 
TRP H2   H  N N 324 
TRP HA   H  N N 325 
TRP HB2  H  N N 326 
TRP HB3  H  N N 327 
TRP HD1  H  N N 328 
TRP HE1  H  N N 329 
TRP HE3  H  N N 330 
TRP HZ2  H  N N 331 
TRP HZ3  H  N N 332 
TRP HH2  H  N N 333 
TRP HXT  H  N N 334 
TYR N    N  N N 335 
TYR CA   C  N S 336 
TYR C    C  N N 337 
TYR O    O  N N 338 
TYR CB   C  N N 339 
TYR CG   C  Y N 340 
TYR CD1  C  Y N 341 
TYR CD2  C  Y N 342 
TYR CE1  C  Y N 343 
TYR CE2  C  Y N 344 
TYR CZ   C  Y N 345 
TYR OH   O  N N 346 
TYR OXT  O  N N 347 
TYR H    H  N N 348 
TYR H2   H  N N 349 
TYR HA   H  N N 350 
TYR HB2  H  N N 351 
TYR HB3  H  N N 352 
TYR HD1  H  N N 353 
TYR HD2  H  N N 354 
TYR HE1  H  N N 355 
TYR HE2  H  N N 356 
TYR HH   H  N N 357 
TYR HXT  H  N N 358 
VAL N    N  N N 359 
VAL CA   C  N S 360 
VAL C    C  N N 361 
VAL O    O  N N 362 
VAL CB   C  N N 363 
VAL CG1  C  N N 364 
VAL CG2  C  N N 365 
VAL OXT  O  N N 366 
VAL H    H  N N 367 
VAL H2   H  N N 368 
VAL HA   H  N N 369 
VAL HB   H  N N 370 
VAL HG11 H  N N 371 
VAL HG12 H  N N 372 
VAL HG13 H  N N 373 
VAL HG21 H  N N 374 
VAL HG22 H  N N 375 
VAL HG23 H  N N 376 
VAL HXT  H  N N 377 
# 
loop_
_chem_comp_bond.comp_id 
_chem_comp_bond.atom_id_1 
_chem_comp_bond.atom_id_2 
_chem_comp_bond.value_order 
_chem_comp_bond.pdbx_aromatic_flag 
_chem_comp_bond.pdbx_stereo_config 
_chem_comp_bond.pdbx_ordinal 
ALA N   CA   sing N N 1   
ALA N   H    sing N N 2   
ALA N   H2   sing N N 3   
ALA CA  C    sing N N 4   
ALA CA  CB   sing N N 5   
ALA CA  HA   sing N N 6   
ALA C   O    doub N N 7   
ALA C   OXT  sing N N 8   
ALA CB  HB1  sing N N 9   
ALA CB  HB2  sing N N 10  
ALA CB  HB3  sing N N 11  
ALA OXT HXT  sing N N 12  
ARG N   CA   sing N N 13  
ARG N   H    sing N N 14  
ARG N   H2   sing N N 15  
ARG CA  C    sing N N 16  
ARG CA  CB   sing N N 17  
ARG CA  HA   sing N N 18  
ARG C   O    doub N N 19  
ARG C   OXT  sing N N 20  
ARG CB  CG   sing N N 21  
ARG CB  HB2  sing N N 22  
ARG CB  HB3  sing N N 23  
ARG CG  CD   sing N N 24  
ARG CG  HG2  sing N N 25  
ARG CG  HG3  sing N N 26  
ARG CD  NE   sing N N 27  
ARG CD  HD2  sing N N 28  
ARG CD  HD3  sing N N 29  
ARG NE  CZ   sing N N 30  
ARG NE  HE   sing N N 31  
ARG CZ  NH1  sing N N 32  
ARG CZ  NH2  doub N N 33  
ARG NH1 HH11 sing N N 34  
ARG NH1 HH12 sing N N 35  
ARG NH2 HH21 sing N N 36  
ARG NH2 HH22 sing N N 37  
ARG OXT HXT  sing N N 38  
ASN N   CA   sing N N 39  
ASN N   H    sing N N 40  
ASN N   H2   sing N N 41  
ASN CA  C    sing N N 42  
ASN CA  CB   sing N N 43  
ASN CA  HA   sing N N 44  
ASN C   O    doub N N 45  
ASN C   OXT  sing N N 46  
ASN CB  CG   sing N N 47  
ASN CB  HB2  sing N N 48  
ASN CB  HB3  sing N N 49  
ASN CG  OD1  doub N N 50  
ASN CG  ND2  sing N N 51  
ASN ND2 HD21 sing N N 52  
ASN ND2 HD22 sing N N 53  
ASN OXT HXT  sing N N 54  
ASP N   CA   sing N N 55  
ASP N   H    sing N N 56  
ASP N   H2   sing N N 57  
ASP CA  C    sing N N 58  
ASP CA  CB   sing N N 59  
ASP CA  HA   sing N N 60  
ASP C   O    doub N N 61  
ASP C   OXT  sing N N 62  
ASP CB  CG   sing N N 63  
ASP CB  HB2  sing N N 64  
ASP CB  HB3  sing N N 65  
ASP CG  OD1  doub N N 66  
ASP CG  OD2  sing N N 67  
ASP OD2 HD2  sing N N 68  
ASP OXT HXT  sing N N 69  
GLN N   CA   sing N N 70  
GLN N   H    sing N N 71  
GLN N   H2   sing N N 72  
GLN CA  C    sing N N 73  
GLN CA  CB   sing N N 74  
GLN CA  HA   sing N N 75  
GLN C   O    doub N N 76  
GLN C   OXT  sing N N 77  
GLN CB  CG   sing N N 78  
GLN CB  HB2  sing N N 79  
GLN CB  HB3  sing N N 80  
GLN CG  CD   sing N N 81  
GLN CG  HG2  sing N N 82  
GLN CG  HG3  sing N N 83  
GLN CD  OE1  doub N N 84  
GLN CD  NE2  sing N N 85  
GLN NE2 HE21 sing N N 86  
GLN NE2 HE22 sing N N 87  
GLN OXT HXT  sing N N 88  
GLU N   CA   sing N N 89  
GLU N   H    sing N N 90  
GLU N   H2   sing N N 91  
GLU CA  C    sing N N 92  
GLU CA  CB   sing N N 93  
GLU CA  HA   sing N N 94  
GLU C   O    doub N N 95  
GLU C   OXT  sing N N 96  
GLU CB  CG   sing N N 97  
GLU CB  HB2  sing N N 98  
GLU CB  HB3  sing N N 99  
GLU CG  CD   sing N N 100 
GLU CG  HG2  sing N N 101 
GLU CG  HG3  sing N N 102 
GLU CD  OE1  doub N N 103 
GLU CD  OE2  sing N N 104 
GLU OE2 HE2  sing N N 105 
GLU OXT HXT  sing N N 106 
GLY N   CA   sing N N 107 
GLY N   H    sing N N 108 
GLY N   H2   sing N N 109 
GLY CA  C    sing N N 110 
GLY CA  HA2  sing N N 111 
GLY CA  HA3  sing N N 112 
GLY C   O    doub N N 113 
GLY C   OXT  sing N N 114 
GLY OXT HXT  sing N N 115 
HIS N   CA   sing N N 116 
HIS N   H    sing N N 117 
HIS N   H2   sing N N 118 
HIS CA  C    sing N N 119 
HIS CA  CB   sing N N 120 
HIS CA  HA   sing N N 121 
HIS C   O    doub N N 122 
HIS C   OXT  sing N N 123 
HIS CB  CG   sing N N 124 
HIS CB  HB2  sing N N 125 
HIS CB  HB3  sing N N 126 
HIS CG  ND1  sing Y N 127 
HIS CG  CD2  doub Y N 128 
HIS ND1 CE1  doub Y N 129 
HIS ND1 HD1  sing N N 130 
HIS CD2 NE2  sing Y N 131 
HIS CD2 HD2  sing N N 132 
HIS CE1 NE2  sing Y N 133 
HIS CE1 HE1  sing N N 134 
HIS NE2 HE2  sing N N 135 
HIS OXT HXT  sing N N 136 
HOH O   H1   sing N N 137 
HOH O   H2   sing N N 138 
ILE N   CA   sing N N 139 
ILE N   H    sing N N 140 
ILE N   H2   sing N N 141 
ILE CA  C    sing N N 142 
ILE CA  CB   sing N N 143 
ILE CA  HA   sing N N 144 
ILE C   O    doub N N 145 
ILE C   OXT  sing N N 146 
ILE CB  CG1  sing N N 147 
ILE CB  CG2  sing N N 148 
ILE CB  HB   sing N N 149 
ILE CG1 CD1  sing N N 150 
ILE CG1 HG12 sing N N 151 
ILE CG1 HG13 sing N N 152 
ILE CG2 HG21 sing N N 153 
ILE CG2 HG22 sing N N 154 
ILE CG2 HG23 sing N N 155 
ILE CD1 HD11 sing N N 156 
ILE CD1 HD12 sing N N 157 
ILE CD1 HD13 sing N N 158 
ILE OXT HXT  sing N N 159 
LEU N   CA   sing N N 160 
LEU N   H    sing N N 161 
LEU N   H2   sing N N 162 
LEU CA  C    sing N N 163 
LEU CA  CB   sing N N 164 
LEU CA  HA   sing N N 165 
LEU C   O    doub N N 166 
LEU C   OXT  sing N N 167 
LEU CB  CG   sing N N 168 
LEU CB  HB2  sing N N 169 
LEU CB  HB3  sing N N 170 
LEU CG  CD1  sing N N 171 
LEU CG  CD2  sing N N 172 
LEU CG  HG   sing N N 173 
LEU CD1 HD11 sing N N 174 
LEU CD1 HD12 sing N N 175 
LEU CD1 HD13 sing N N 176 
LEU CD2 HD21 sing N N 177 
LEU CD2 HD22 sing N N 178 
LEU CD2 HD23 sing N N 179 
LEU OXT HXT  sing N N 180 
LYS N   CA   sing N N 181 
LYS N   H    sing N N 182 
LYS N   H2   sing N N 183 
LYS CA  C    sing N N 184 
LYS CA  CB   sing N N 185 
LYS CA  HA   sing N N 186 
LYS C   O    doub N N 187 
LYS C   OXT  sing N N 188 
LYS CB  CG   sing N N 189 
LYS CB  HB2  sing N N 190 
LYS CB  HB3  sing N N 191 
LYS CG  CD   sing N N 192 
LYS CG  HG2  sing N N 193 
LYS CG  HG3  sing N N 194 
LYS CD  CE   sing N N 195 
LYS CD  HD2  sing N N 196 
LYS CD  HD3  sing N N 197 
LYS CE  NZ   sing N N 198 
LYS CE  HE2  sing N N 199 
LYS CE  HE3  sing N N 200 
LYS NZ  HZ1  sing N N 201 
LYS NZ  HZ2  sing N N 202 
LYS NZ  HZ3  sing N N 203 
LYS OXT HXT  sing N N 204 
MET N   CA   sing N N 205 
MET N   H    sing N N 206 
MET N   H2   sing N N 207 
MET CA  C    sing N N 208 
MET CA  CB   sing N N 209 
MET CA  HA   sing N N 210 
MET C   O    doub N N 211 
MET C   OXT  sing N N 212 
MET CB  CG   sing N N 213 
MET CB  HB2  sing N N 214 
MET CB  HB3  sing N N 215 
MET CG  SD   sing N N 216 
MET CG  HG2  sing N N 217 
MET CG  HG3  sing N N 218 
MET SD  CE   sing N N 219 
MET CE  HE1  sing N N 220 
MET CE  HE2  sing N N 221 
MET CE  HE3  sing N N 222 
MET OXT HXT  sing N N 223 
PHE N   CA   sing N N 224 
PHE N   H    sing N N 225 
PHE N   H2   sing N N 226 
PHE CA  C    sing N N 227 
PHE CA  CB   sing N N 228 
PHE CA  HA   sing N N 229 
PHE C   O    doub N N 230 
PHE C   OXT  sing N N 231 
PHE CB  CG   sing N N 232 
PHE CB  HB2  sing N N 233 
PHE CB  HB3  sing N N 234 
PHE CG  CD1  doub Y N 235 
PHE CG  CD2  sing Y N 236 
PHE CD1 CE1  sing Y N 237 
PHE CD1 HD1  sing N N 238 
PHE CD2 CE2  doub Y N 239 
PHE CD2 HD2  sing N N 240 
PHE CE1 CZ   doub Y N 241 
PHE CE1 HE1  sing N N 242 
PHE CE2 CZ   sing Y N 243 
PHE CE2 HE2  sing N N 244 
PHE CZ  HZ   sing N N 245 
PHE OXT HXT  sing N N 246 
PRO N   CA   sing N N 247 
PRO N   CD   sing N N 248 
PRO N   H    sing N N 249 
PRO CA  C    sing N N 250 
PRO CA  CB   sing N N 251 
PRO CA  HA   sing N N 252 
PRO C   O    doub N N 253 
PRO C   OXT  sing N N 254 
PRO CB  CG   sing N N 255 
PRO CB  HB2  sing N N 256 
PRO CB  HB3  sing N N 257 
PRO CG  CD   sing N N 258 
PRO CG  HG2  sing N N 259 
PRO CG  HG3  sing N N 260 
PRO CD  HD2  sing N N 261 
PRO CD  HD3  sing N N 262 
PRO OXT HXT  sing N N 263 
SER N   CA   sing N N 264 
SER N   H    sing N N 265 
SER N   H2   sing N N 266 
SER CA  C    sing N N 267 
SER CA  CB   sing N N 268 
SER CA  HA   sing N N 269 
SER C   O    doub N N 270 
SER C   OXT  sing N N 271 
SER CB  OG   sing N N 272 
SER CB  HB2  sing N N 273 
SER CB  HB3  sing N N 274 
SER OG  HG   sing N N 275 
SER OXT HXT  sing N N 276 
THR N   CA   sing N N 277 
THR N   H    sing N N 278 
THR N   H2   sing N N 279 
THR CA  C    sing N N 280 
THR CA  CB   sing N N 281 
THR CA  HA   sing N N 282 
THR C   O    doub N N 283 
THR C   OXT  sing N N 284 
THR CB  OG1  sing N N 285 
THR CB  CG2  sing N N 286 
THR CB  HB   sing N N 287 
THR OG1 HG1  sing N N 288 
THR CG2 HG21 sing N N 289 
THR CG2 HG22 sing N N 290 
THR CG2 HG23 sing N N 291 
THR OXT HXT  sing N N 292 
TRP N   CA   sing N N 293 
TRP N   H    sing N N 294 
TRP N   H2   sing N N 295 
TRP CA  C    sing N N 296 
TRP CA  CB   sing N N 297 
TRP CA  HA   sing N N 298 
TRP C   O    doub N N 299 
TRP C   OXT  sing N N 300 
TRP CB  CG   sing N N 301 
TRP CB  HB2  sing N N 302 
TRP CB  HB3  sing N N 303 
TRP CG  CD1  doub Y N 304 
TRP CG  CD2  sing Y N 305 
TRP CD1 NE1  sing Y N 306 
TRP CD1 HD1  sing N N 307 
TRP CD2 CE2  doub Y N 308 
TRP CD2 CE3  sing Y N 309 
TRP NE1 CE2  sing Y N 310 
TRP NE1 HE1  sing N N 311 
TRP CE2 CZ2  sing Y N 312 
TRP CE3 CZ3  doub Y N 313 
TRP CE3 HE3  sing N N 314 
TRP CZ2 CH2  doub Y N 315 
TRP CZ2 HZ2  sing N N 316 
TRP CZ3 CH2  sing Y N 317 
TRP CZ3 HZ3  sing N N 318 
TRP CH2 HH2  sing N N 319 
TRP OXT HXT  sing N N 320 
TYR N   CA   sing N N 321 
TYR N   H    sing N N 322 
TYR N   H2   sing N N 323 
TYR CA  C    sing N N 324 
TYR CA  CB   sing N N 325 
TYR CA  HA   sing N N 326 
TYR C   O    doub N N 327 
TYR C   OXT  sing N N 328 
TYR CB  CG   sing N N 329 
TYR CB  HB2  sing N N 330 
TYR CB  HB3  sing N N 331 
TYR CG  CD1  doub Y N 332 
TYR CG  CD2  sing Y N 333 
TYR CD1 CE1  sing Y N 334 
TYR CD1 HD1  sing N N 335 
TYR CD2 CE2  doub Y N 336 
TYR CD2 HD2  sing N N 337 
TYR CE1 CZ   doub Y N 338 
TYR CE1 HE1  sing N N 339 
TYR CE2 CZ   sing Y N 340 
TYR CE2 HE2  sing N N 341 
TYR CZ  OH   sing N N 342 
TYR OH  HH   sing N N 343 
TYR OXT HXT  sing N N 344 
VAL N   CA   sing N N 345 
VAL N   H    sing N N 346 
VAL N   H2   sing N N 347 
VAL CA  C    sing N N 348 
VAL CA  CB   sing N N 349 
VAL CA  HA   sing N N 350 
VAL C   O    doub N N 351 
VAL C   OXT  sing N N 352 
VAL CB  CG1  sing N N 353 
VAL CB  CG2  sing N N 354 
VAL CB  HB   sing N N 355 
VAL CG1 HG11 sing N N 356 
VAL CG1 HG12 sing N N 357 
VAL CG1 HG13 sing N N 358 
VAL CG2 HG21 sing N N 359 
VAL CG2 HG22 sing N N 360 
VAL CG2 HG23 sing N N 361 
VAL OXT HXT  sing N N 362 
# 
loop_
_pdbx_entity_nonpoly.entity_id 
_pdbx_entity_nonpoly.name 
_pdbx_entity_nonpoly.comp_id 
2 'CADMIUM ION' CD  
3 water         HOH 
# 
_pdbx_initial_refinement_model.id               1 
_pdbx_initial_refinement_model.entity_id_list   ? 
_pdbx_initial_refinement_model.type             'experimental model' 
_pdbx_initial_refinement_model.source_name      PDB 
_pdbx_initial_refinement_model.accession_code   2VXI 
_pdbx_initial_refinement_model.details          'PDB ENTRY 2VXI' 
# 
